data_1TF3
#
_entry.id   1TF3
#
_cell.length_a   1.000
_cell.length_b   1.000
_cell.length_c   1.000
_cell.angle_alpha   90.00
_cell.angle_beta   90.00
_cell.angle_gamma   90.00
#
_symmetry.space_group_name_H-M   'P 1'
#
loop_
_entity.id
_entity.type
_entity.pdbx_description
1 polymer '5S RNA GENE'
2 polymer '5S RNA GENE'
3 polymer 'TRANSCRIPTION FACTOR IIIA'
4 non-polymer 'ZINC ION'
#
loop_
_entity_poly.entity_id
_entity_poly.type
_entity_poly.pdbx_seq_one_letter_code
_entity_poly.pdbx_strand_id
1 'polydeoxyribonucleotide' (DT)(DT)(DG)(DG)(DA)(DT)(DG)(DG)(DG)(DA)(DG)(DA)(DC)(DC)(DG) E
2 'polydeoxyribonucleotide' (DC)(DG)(DG)(DT)(DC)(DT)(DC)(DC)(DC)(DA)(DT)(DC)(DC)(DA)(DA) F
3 'polypeptide(L)'
;MKRYICSFADCGAAYNKNWKLQAHLSKHTGEKPFPCKEEGCEKGFTSLHHLTRHSLTHTGEKNFTCDSDGCDLRFTTKAN
MKKHFNRFHNIK
;
A
#
loop_
_chem_comp.id
_chem_comp.type
_chem_comp.name
_chem_comp.formula
DA DNA linking 2'-DEOXYADENOSINE-5'-MONOPHOSPHATE 'C10 H14 N5 O6 P'
DC DNA linking 2'-DEOXYCYTIDINE-5'-MONOPHOSPHATE 'C9 H14 N3 O7 P'
DG DNA linking 2'-DEOXYGUANOSINE-5'-MONOPHOSPHATE 'C10 H14 N5 O7 P'
DT DNA linking THYMIDINE-5'-MONOPHOSPHATE 'C10 H15 N2 O8 P'
ZN non-polymer 'ZINC ION' 'Zn 2'
#
# COMPACT_ATOMS: atom_id res chain seq x y z
N MET C 1 -2.85 22.81 -0.35
CA MET C 1 -3.77 23.30 -1.37
C MET C 1 -3.14 23.22 -2.77
N LYS C 2 -1.83 23.48 -2.84
CA LYS C 2 -1.07 23.45 -4.09
C LYS C 2 -0.90 21.99 -4.57
N ARG C 3 -1.87 21.48 -5.33
CA ARG C 3 -1.72 20.15 -5.91
C ARG C 3 -0.51 20.16 -6.87
N TYR C 4 0.42 19.21 -6.73
CA TYR C 4 1.55 19.11 -7.64
C TYR C 4 1.02 18.46 -8.91
N ILE C 5 1.24 19.08 -10.08
CA ILE C 5 0.71 18.63 -11.34
C ILE C 5 1.67 17.67 -12.05
N CYS C 6 1.10 16.67 -12.73
CA CYS C 6 1.80 15.67 -13.52
C CYS C 6 2.56 16.34 -14.66
N SER C 7 3.88 16.09 -14.73
CA SER C 7 4.82 16.61 -15.70
C SER C 7 4.27 16.60 -17.13
N PHE C 8 3.61 15.50 -17.50
CA PHE C 8 3.00 15.31 -18.81
C PHE C 8 1.71 16.13 -18.90
N ALA C 9 1.83 17.46 -18.80
CA ALA C 9 0.79 18.48 -18.79
C ALA C 9 -0.60 18.02 -19.23
N ASP C 10 -0.73 17.64 -20.51
CA ASP C 10 -1.98 17.18 -21.14
C ASP C 10 -2.78 16.23 -20.26
N CYS C 11 -2.09 15.36 -19.52
CA CYS C 11 -2.66 14.38 -18.60
C CYS C 11 -3.61 15.04 -17.58
N GLY C 12 -3.29 16.27 -17.14
CA GLY C 12 -4.10 17.04 -16.21
C GLY C 12 -4.26 16.40 -14.83
N ALA C 13 -3.43 15.43 -14.47
CA ALA C 13 -3.47 14.81 -13.15
C ALA C 13 -2.71 15.70 -12.17
N ALA C 14 -3.19 15.81 -10.92
CA ALA C 14 -2.56 16.65 -9.93
C ALA C 14 -2.87 16.14 -8.52
N TYR C 15 -1.89 16.15 -7.61
CA TYR C 15 -2.05 15.69 -6.24
C TYR C 15 -1.06 16.46 -5.35
N ASN C 16 -1.48 16.95 -4.18
CA ASN C 16 -0.60 17.70 -3.29
C ASN C 16 0.43 16.80 -2.63
N LYS C 17 0.06 15.54 -2.38
CA LYS C 17 0.93 14.58 -1.75
C LYS C 17 1.95 14.07 -2.77
N ASN C 18 3.24 14.30 -2.51
CA ASN C 18 4.31 13.87 -3.40
C ASN C 18 4.20 12.39 -3.73
N TRP C 19 4.03 11.54 -2.70
CA TRP C 19 3.91 10.09 -2.86
C TRP C 19 2.83 9.74 -3.88
N LYS C 20 1.68 10.40 -3.79
CA LYS C 20 0.58 10.19 -4.73
C LYS C 20 1.06 10.53 -6.14
N LEU C 21 1.68 11.70 -6.30
CA LEU C 21 2.18 12.06 -7.61
C LEU C 21 3.24 11.08 -8.09
N GLN C 22 4.09 10.54 -7.21
CA GLN C 22 5.09 9.55 -7.61
C GLN C 22 4.37 8.32 -8.15
N ALA C 23 3.40 7.81 -7.40
CA ALA C 23 2.60 6.66 -7.81
C ALA C 23 1.91 6.94 -9.15
N HIS C 24 1.43 8.16 -9.36
CA HIS C 24 0.87 8.51 -10.65
C HIS C 24 1.95 8.44 -11.73
N LEU C 25 3.01 9.24 -11.59
CA LEU C 25 4.12 9.32 -12.53
C LEU C 25 4.70 7.97 -12.85
N SER C 26 4.74 7.03 -11.89
CA SER C 26 5.28 5.69 -12.12
C SER C 26 4.63 5.03 -13.35
N LYS C 27 3.34 5.33 -13.61
CA LYS C 27 2.64 4.78 -14.77
C LYS C 27 3.29 5.21 -16.08
N HIS C 28 3.81 6.43 -16.13
CA HIS C 28 4.44 6.98 -17.33
C HIS C 28 5.94 6.67 -17.35
N THR C 29 6.61 6.97 -16.24
CA THR C 29 8.06 6.90 -16.09
C THR C 29 8.60 5.51 -15.79
N GLY C 30 7.82 4.67 -15.11
CA GLY C 30 8.28 3.38 -14.62
C GLY C 30 9.16 3.54 -13.37
N GLU C 31 9.25 4.75 -12.79
CA GLU C 31 10.08 4.98 -11.61
C GLU C 31 9.36 4.48 -10.35
N LYS C 32 10.12 3.95 -9.40
CA LYS C 32 9.64 3.43 -8.12
C LYS C 32 10.55 3.97 -6.99
N PRO C 33 10.39 5.25 -6.61
CA PRO C 33 11.22 5.95 -5.65
C PRO C 33 11.57 5.28 -4.32
N PHE C 34 10.74 4.37 -3.80
CA PHE C 34 10.95 3.75 -2.49
C PHE C 34 11.31 2.27 -2.60
N PRO C 35 12.56 1.92 -2.93
CA PRO C 35 12.98 0.53 -3.04
C PRO C 35 13.17 -0.12 -1.67
N CYS C 36 12.95 -1.45 -1.60
CA CYS C 36 13.12 -2.24 -0.38
C CYS C 36 14.60 -2.55 -0.11
N LYS C 37 15.45 -2.47 -1.15
CA LYS C 37 16.89 -2.69 -1.10
C LYS C 37 17.29 -4.15 -0.88
N GLU C 38 16.68 -4.83 0.10
CA GLU C 38 16.95 -6.19 0.49
C GLU C 38 17.22 -7.13 -0.70
N GLU C 39 18.28 -7.93 -0.59
CA GLU C 39 18.66 -8.89 -1.60
C GLU C 39 17.47 -9.82 -1.87
N GLY C 40 17.23 -10.14 -3.15
CA GLY C 40 16.11 -10.96 -3.55
C GLY C 40 14.83 -10.13 -3.51
N CYS C 41 14.42 -9.69 -2.32
CA CYS C 41 13.23 -8.85 -2.14
C CYS C 41 13.56 -7.39 -2.49
N GLU C 42 14.16 -7.15 -3.66
CA GLU C 42 14.50 -5.82 -4.13
C GLU C 42 13.25 -5.19 -4.76
N LYS C 43 12.20 -5.06 -3.95
CA LYS C 43 10.93 -4.49 -4.37
C LYS C 43 11.10 -3.00 -4.62
N GLY C 44 10.19 -2.41 -5.41
CA GLY C 44 10.18 -1.00 -5.76
C GLY C 44 8.82 -0.41 -5.43
N PHE C 45 8.68 0.25 -4.27
CA PHE C 45 7.42 0.88 -3.90
C PHE C 45 7.44 2.31 -4.47
N THR C 46 6.27 2.79 -4.92
CA THR C 46 6.13 4.12 -5.47
C THR C 46 5.77 5.14 -4.40
N SER C 47 5.59 4.71 -3.15
CA SER C 47 5.18 5.59 -2.07
C SER C 47 5.63 5.02 -0.74
N LEU C 48 5.89 5.91 0.23
CA LEU C 48 6.31 5.55 1.57
C LEU C 48 5.09 5.00 2.30
N HIS C 49 5.34 4.32 3.41
CA HIS C 49 4.35 3.70 4.27
C HIS C 49 3.76 2.43 3.67
N HIS C 50 3.50 2.41 2.36
CA HIS C 50 3.16 1.15 1.69
C HIS C 50 4.34 0.19 1.88
N LEU C 51 5.55 0.76 1.85
CA LEU C 51 6.80 0.06 2.14
C LEU C 51 6.77 -0.42 3.61
N THR C 52 6.32 0.43 4.54
CA THR C 52 6.24 0.11 5.94
C THR C 52 5.26 -1.05 6.19
N ARG C 53 4.04 -1.01 5.63
CA ARG C 53 3.12 -2.13 5.79
C ARG C 53 3.74 -3.38 5.18
N HIS C 54 4.41 -3.27 4.02
CA HIS C 54 5.14 -4.41 3.47
C HIS C 54 6.14 -4.91 4.52
N SER C 55 6.86 -4.03 5.20
CA SER C 55 7.82 -4.40 6.23
C SER C 55 7.21 -5.29 7.33
N LEU C 56 5.88 -5.28 7.51
CA LEU C 56 5.22 -6.17 8.45
C LEU C 56 5.57 -7.62 8.10
N THR C 57 5.70 -7.93 6.80
CA THR C 57 6.01 -9.26 6.32
C THR C 57 7.44 -9.69 6.69
N HIS C 58 8.38 -8.74 6.72
CA HIS C 58 9.76 -9.03 7.08
C HIS C 58 9.84 -9.20 8.60
N THR C 59 9.25 -8.26 9.34
CA THR C 59 9.24 -8.31 10.79
C THR C 59 8.37 -9.46 11.31
N GLY C 60 7.38 -9.89 10.52
CA GLY C 60 6.43 -10.94 10.88
C GLY C 60 5.37 -10.36 11.81
N GLU C 61 5.10 -9.06 11.71
CA GLU C 61 4.14 -8.37 12.57
C GLU C 61 2.70 -8.59 12.11
N LYS C 62 2.27 -9.85 12.13
CA LYS C 62 0.91 -10.25 11.83
C LYS C 62 0.10 -9.87 13.07
N ASN C 63 -0.88 -8.95 12.94
CA ASN C 63 -1.59 -8.40 14.11
C ASN C 63 -3.06 -8.06 13.91
N PHE C 64 -3.54 -7.91 12.68
CA PHE C 64 -4.92 -7.46 12.50
C PHE C 64 -5.86 -8.61 12.78
N THR C 65 -6.23 -8.70 14.06
CA THR C 65 -7.03 -9.75 14.65
C THR C 65 -8.51 -9.57 14.32
N CYS C 66 -9.10 -10.54 13.62
CA CYS C 66 -10.52 -10.57 13.32
C CYS C 66 -11.28 -10.57 14.65
N ASP C 67 -12.06 -9.52 14.91
CA ASP C 67 -12.83 -9.41 16.15
C ASP C 67 -14.02 -10.36 16.08
N SER C 68 -13.75 -11.66 16.26
CA SER C 68 -14.73 -12.73 16.24
C SER C 68 -14.22 -13.82 17.17
N ASP C 69 -14.91 -14.05 18.28
CA ASP C 69 -14.52 -15.04 19.29
C ASP C 69 -14.22 -16.40 18.64
N GLY C 70 -13.09 -17.01 18.98
CA GLY C 70 -12.66 -18.27 18.40
C GLY C 70 -12.01 -18.01 17.06
N CYS C 71 -12.72 -17.34 16.15
CA CYS C 71 -12.25 -16.94 14.84
C CYS C 71 -11.34 -15.69 14.96
N ASP C 72 -10.43 -15.69 15.94
CA ASP C 72 -9.53 -14.59 16.20
C ASP C 72 -8.31 -14.72 15.28
N LEU C 73 -8.55 -14.85 13.97
CA LEU C 73 -7.50 -14.98 12.97
C LEU C 73 -6.76 -13.65 12.85
N ARG C 74 -5.43 -13.70 12.89
CA ARG C 74 -4.56 -12.54 12.80
C ARG C 74 -4.08 -12.36 11.37
N PHE C 75 -4.32 -11.20 10.78
CA PHE C 75 -3.97 -10.88 9.40
C PHE C 75 -2.82 -9.87 9.34
N THR C 76 -2.16 -9.81 8.18
CA THR C 76 -1.03 -8.96 7.89
C THR C 76 -1.42 -7.48 7.75
N THR C 77 -2.59 -7.18 7.19
CA THR C 77 -3.06 -5.81 7.01
C THR C 77 -4.53 -5.70 7.39
N LYS C 78 -4.96 -4.48 7.73
CA LYS C 78 -6.35 -4.20 8.05
C LYS C 78 -7.23 -4.64 6.88
N ALA C 79 -6.84 -4.31 5.66
CA ALA C 79 -7.63 -4.69 4.50
C ALA C 79 -7.75 -6.21 4.37
N ASN C 80 -6.68 -6.97 4.62
CA ASN C 80 -6.78 -8.43 4.59
C ASN C 80 -7.77 -8.89 5.65
N MET C 81 -7.69 -8.32 6.86
CA MET C 81 -8.64 -8.61 7.93
C MET C 81 -10.06 -8.33 7.43
N LYS C 82 -10.29 -7.17 6.81
CA LYS C 82 -11.58 -6.81 6.26
C LYS C 82 -12.03 -7.83 5.22
N LYS C 83 -11.20 -8.16 4.22
CA LYS C 83 -11.54 -9.15 3.21
C LYS C 83 -12.01 -10.44 3.89
N HIS C 84 -11.24 -10.97 4.83
CA HIS C 84 -11.64 -12.16 5.56
C HIS C 84 -13.00 -11.93 6.23
N PHE C 85 -13.11 -10.87 7.03
CA PHE C 85 -14.32 -10.55 7.77
C PHE C 85 -15.53 -10.54 6.83
N ASN C 86 -15.38 -9.94 5.66
CA ASN C 86 -16.41 -9.87 4.64
C ASN C 86 -16.71 -11.28 4.14
N ARG C 87 -15.71 -11.90 3.52
CA ARG C 87 -15.72 -13.23 2.94
C ARG C 87 -16.33 -14.29 3.87
N PHE C 88 -16.07 -14.21 5.18
CA PHE C 88 -16.53 -15.17 6.17
C PHE C 88 -17.73 -14.70 7.00
N HIS C 89 -18.02 -13.40 7.09
CA HIS C 89 -19.10 -12.89 7.94
C HIS C 89 -19.94 -11.88 7.16
N ASN C 90 -19.36 -10.75 6.75
CA ASN C 90 -20.11 -9.74 6.00
C ASN C 90 -20.21 -10.14 4.52
N ILE C 91 -20.85 -11.28 4.26
CA ILE C 91 -21.05 -11.80 2.93
C ILE C 91 -22.18 -10.99 2.28
N LYS C 92 -23.18 -10.60 3.07
CA LYS C 92 -24.29 -9.79 2.59
C LYS C 92 -23.78 -8.41 2.18
ZN ZN D . -0.05 11.70 -15.79
ZN ZN E . 10.94 -6.50 1.16
ZN ZN F . -13.44 -14.04 11.21
N MET C 1 -1.86 24.67 -0.99
CA MET C 1 -2.97 24.62 -1.92
C MET C 1 -2.55 24.05 -3.27
N LYS C 2 -1.27 24.24 -3.62
CA LYS C 2 -0.72 23.77 -4.88
C LYS C 2 -0.58 22.25 -4.89
N ARG C 3 -1.53 21.56 -5.53
CA ARG C 3 -1.42 20.12 -5.72
C ARG C 3 -0.29 19.87 -6.72
N TYR C 4 0.42 18.75 -6.59
CA TYR C 4 1.40 18.36 -7.59
C TYR C 4 0.59 17.75 -8.73
N ILE C 5 0.91 18.14 -9.97
CA ILE C 5 0.18 17.71 -11.16
C ILE C 5 1.06 16.77 -11.98
N CYS C 6 0.42 15.75 -12.57
CA CYS C 6 1.06 14.76 -13.42
C CYS C 6 1.64 15.45 -14.66
N SER C 7 2.95 15.28 -14.87
CA SER C 7 3.71 15.88 -15.96
C SER C 7 3.07 15.63 -17.33
N PHE C 8 2.50 14.44 -17.52
CA PHE C 8 1.86 14.03 -18.75
C PHE C 8 0.50 14.72 -18.87
N ALA C 9 0.53 16.05 -19.01
CA ALA C 9 -0.60 17.00 -19.10
C ALA C 9 -1.95 16.37 -19.39
N ASP C 10 -2.12 15.76 -20.57
CA ASP C 10 -3.36 15.13 -21.05
C ASP C 10 -4.03 14.27 -19.98
N CYS C 11 -3.23 13.57 -19.17
CA CYS C 11 -3.69 12.70 -18.09
C CYS C 11 -4.55 13.46 -17.08
N GLY C 12 -4.24 14.74 -16.83
CA GLY C 12 -4.98 15.60 -15.93
C GLY C 12 -5.09 15.08 -14.49
N ALA C 13 -4.10 14.31 -14.03
CA ALA C 13 -4.08 13.78 -12.66
C ALA C 13 -3.33 14.76 -11.77
N ALA C 14 -3.76 14.91 -10.51
CA ALA C 14 -3.14 15.81 -9.57
C ALA C 14 -3.44 15.32 -8.15
N TYR C 15 -2.50 15.49 -7.22
CA TYR C 15 -2.65 15.08 -5.82
C TYR C 15 -1.79 16.01 -4.96
N ASN C 16 -2.15 16.22 -3.71
CA ASN C 16 -1.43 17.10 -2.81
C ASN C 16 -0.22 16.40 -2.18
N LYS C 17 -0.36 15.13 -1.79
CA LYS C 17 0.74 14.43 -1.16
C LYS C 17 1.79 14.07 -2.22
N ASN C 18 3.00 14.60 -2.07
CA ASN C 18 4.13 14.36 -2.97
C ASN C 18 4.26 12.87 -3.28
N TRP C 19 4.35 12.03 -2.24
CA TRP C 19 4.46 10.58 -2.37
C TRP C 19 3.34 10.03 -3.28
N LYS C 20 2.12 10.55 -3.14
CA LYS C 20 0.99 10.08 -3.90
C LYS C 20 1.16 10.46 -5.38
N LEU C 21 1.49 11.72 -5.65
CA LEU C 21 1.72 12.11 -7.03
C LEU C 21 2.89 11.29 -7.60
N GLN C 22 3.95 11.00 -6.81
CA GLN C 22 5.01 10.12 -7.29
C GLN C 22 4.42 8.75 -7.65
N ALA C 23 3.61 8.21 -6.73
CA ALA C 23 2.94 6.93 -6.93
C ALA C 23 2.14 6.95 -8.22
N HIS C 24 1.52 8.08 -8.56
CA HIS C 24 0.83 8.19 -9.82
C HIS C 24 1.86 8.17 -10.96
N LEU C 25 2.84 9.09 -10.93
CA LEU C 25 3.88 9.19 -11.96
C LEU C 25 4.49 7.84 -12.28
N SER C 26 4.68 6.98 -11.28
CA SER C 26 5.26 5.65 -11.47
C SER C 26 4.57 4.88 -12.60
N LYS C 27 3.26 5.07 -12.78
CA LYS C 27 2.48 4.44 -13.83
C LYS C 27 3.14 4.66 -15.20
N HIS C 28 3.59 5.89 -15.43
CA HIS C 28 4.19 6.30 -16.70
C HIS C 28 5.71 6.15 -16.68
N THR C 29 6.35 6.64 -15.63
CA THR C 29 7.80 6.74 -15.51
C THR C 29 8.48 5.45 -15.04
N GLY C 30 7.77 4.61 -14.28
CA GLY C 30 8.37 3.43 -13.66
C GLY C 30 9.19 3.81 -12.43
N GLU C 31 9.11 5.06 -11.94
CA GLU C 31 9.86 5.49 -10.78
C GLU C 31 9.19 4.97 -9.51
N LYS C 32 9.96 4.35 -8.62
CA LYS C 32 9.47 3.82 -7.34
C LYS C 32 10.39 4.35 -6.23
N PRO C 33 10.16 5.60 -5.77
CA PRO C 33 10.97 6.32 -4.79
C PRO C 33 11.38 5.57 -3.51
N PHE C 34 10.62 4.58 -3.07
CA PHE C 34 10.88 3.87 -1.82
C PHE C 34 11.31 2.42 -2.09
N PRO C 35 12.59 2.19 -2.42
CA PRO C 35 13.12 0.85 -2.64
C PRO C 35 13.31 0.12 -1.31
N CYS C 36 13.26 -1.21 -1.34
CA CYS C 36 13.44 -2.07 -0.17
C CYS C 36 14.93 -2.28 0.13
N LYS C 37 15.80 -2.15 -0.88
CA LYS C 37 17.25 -2.26 -0.80
C LYS C 37 17.79 -3.65 -0.48
N GLU C 38 17.11 -4.45 0.34
CA GLU C 38 17.54 -5.79 0.74
C GLU C 38 18.01 -6.60 -0.48
N GLU C 39 19.11 -7.34 -0.29
CA GLU C 39 19.67 -8.20 -1.32
C GLU C 39 18.61 -9.21 -1.75
N GLY C 40 18.42 -9.39 -3.06
CA GLY C 40 17.39 -10.27 -3.60
C GLY C 40 16.03 -9.59 -3.51
N CYS C 41 15.57 -9.29 -2.30
CA CYS C 41 14.31 -8.61 -2.04
C CYS C 41 14.46 -7.10 -2.30
N GLU C 42 15.04 -6.71 -3.43
CA GLU C 42 15.24 -5.32 -3.78
C GLU C 42 13.96 -4.80 -4.44
N LYS C 43 12.86 -4.84 -3.68
CA LYS C 43 11.57 -4.39 -4.17
C LYS C 43 11.60 -2.88 -4.38
N GLY C 44 10.64 -2.37 -5.15
CA GLY C 44 10.47 -0.96 -5.47
C GLY C 44 9.05 -0.56 -5.09
N PHE C 45 8.89 0.25 -4.05
CA PHE C 45 7.59 0.75 -3.61
C PHE C 45 7.52 2.25 -3.85
N THR C 46 6.30 2.76 -4.04
CA THR C 46 6.03 4.15 -4.37
C THR C 46 5.88 5.06 -3.15
N SER C 47 5.66 4.51 -1.96
CA SER C 47 5.55 5.29 -0.74
C SER C 47 6.20 4.51 0.39
N LEU C 48 6.59 5.23 1.44
CA LEU C 48 7.15 4.64 2.63
C LEU C 48 6.11 3.72 3.27
N HIS C 49 4.85 4.12 3.16
CA HIS C 49 3.73 3.42 3.75
C HIS C 49 3.52 2.10 3.00
N HIS C 50 3.54 2.18 1.66
CA HIS C 50 3.44 1.01 0.80
C HIS C 50 4.60 0.06 1.16
N LEU C 51 5.81 0.63 1.27
CA LEU C 51 6.98 -0.13 1.69
C LEU C 51 6.76 -0.75 3.08
N THR C 52 6.16 -0.01 4.01
CA THR C 52 5.90 -0.50 5.37
C THR C 52 4.99 -1.74 5.32
N ARG C 53 3.84 -1.68 4.62
CA ARG C 53 2.96 -2.86 4.56
C ARG C 53 3.71 -4.07 4.02
N HIS C 54 4.60 -3.85 3.04
CA HIS C 54 5.45 -4.94 2.53
C HIS C 54 6.40 -5.42 3.63
N SER C 55 7.09 -4.49 4.32
CA SER C 55 8.03 -4.80 5.38
C SER C 55 7.43 -5.71 6.45
N LEU C 56 6.11 -5.65 6.68
CA LEU C 56 5.43 -6.53 7.62
C LEU C 56 5.80 -8.00 7.40
N THR C 57 6.04 -8.38 6.13
CA THR C 57 6.40 -9.76 5.78
C THR C 57 7.74 -10.15 6.40
N HIS C 58 8.65 -9.20 6.58
CA HIS C 58 9.99 -9.42 7.11
C HIS C 58 9.91 -9.55 8.63
N THR C 59 9.23 -8.60 9.26
CA THR C 59 9.05 -8.58 10.70
C THR C 59 8.10 -9.69 11.15
N GLY C 60 7.21 -10.14 10.26
CA GLY C 60 6.21 -11.16 10.56
C GLY C 60 5.09 -10.54 11.37
N GLU C 61 4.74 -9.28 11.08
CA GLU C 61 3.69 -8.55 11.78
C GLU C 61 2.29 -8.95 11.28
N LYS C 62 2.03 -10.27 11.26
CA LYS C 62 0.78 -10.88 10.87
C LYS C 62 -0.17 -10.81 12.07
N ASN C 63 -0.49 -9.57 12.50
CA ASN C 63 -1.25 -9.32 13.72
C ASN C 63 -2.60 -8.63 13.53
N PHE C 64 -3.04 -8.37 12.29
CA PHE C 64 -4.32 -7.69 12.11
C PHE C 64 -5.43 -8.69 12.36
N THR C 65 -5.79 -8.80 13.64
CA THR C 65 -6.72 -9.76 14.19
C THR C 65 -8.16 -9.37 13.88
N CYS C 66 -8.88 -10.23 13.15
CA CYS C 66 -10.29 -10.06 12.86
C CYS C 66 -11.04 -10.07 14.20
N ASP C 67 -11.69 -8.95 14.53
CA ASP C 67 -12.44 -8.83 15.78
C ASP C 67 -13.75 -9.63 15.66
N SER C 68 -13.63 -10.95 15.73
CA SER C 68 -14.74 -11.89 15.63
C SER C 68 -14.36 -13.11 16.49
N ASP C 69 -15.08 -13.32 17.59
CA ASP C 69 -14.81 -14.41 18.54
C ASP C 69 -14.68 -15.74 17.80
N GLY C 70 -13.62 -16.50 18.09
CA GLY C 70 -13.35 -17.77 17.44
C GLY C 70 -12.67 -17.51 16.10
N CYS C 71 -13.30 -16.70 15.24
CA CYS C 71 -12.79 -16.29 13.95
C CYS C 71 -11.74 -15.18 14.13
N ASP C 72 -10.83 -15.36 15.10
CA ASP C 72 -9.78 -14.40 15.38
C ASP C 72 -8.59 -14.61 14.45
N LEU C 73 -8.87 -14.64 13.14
CA LEU C 73 -7.85 -14.82 12.12
C LEU C 73 -6.96 -13.58 12.10
N ARG C 74 -5.64 -13.78 12.06
CA ARG C 74 -4.65 -12.71 12.09
C ARG C 74 -4.10 -12.50 10.68
N PHE C 75 -4.40 -11.35 10.08
CA PHE C 75 -4.02 -11.03 8.70
C PHE C 75 -2.73 -10.21 8.65
N THR C 76 -2.13 -10.20 7.45
CA THR C 76 -0.90 -9.50 7.12
C THR C 76 -1.12 -8.00 7.05
N THR C 77 -2.13 -7.52 6.31
CA THR C 77 -2.41 -6.10 6.19
C THR C 77 -3.80 -5.80 6.75
N LYS C 78 -4.01 -4.56 7.17
CA LYS C 78 -5.31 -4.10 7.62
C LYS C 78 -6.32 -4.32 6.49
N ALA C 79 -5.92 -4.03 5.26
CA ALA C 79 -6.81 -4.22 4.12
C ALA C 79 -7.15 -5.70 3.92
N ASN C 80 -6.20 -6.62 4.11
CA ASN C 80 -6.49 -8.05 4.03
C ASN C 80 -7.53 -8.40 5.11
N MET C 81 -7.33 -7.89 6.33
CA MET C 81 -8.28 -8.07 7.42
C MET C 81 -9.67 -7.54 6.99
N LYS C 82 -9.73 -6.32 6.46
CA LYS C 82 -10.97 -5.72 6.01
C LYS C 82 -11.63 -6.57 4.92
N LYS C 83 -10.89 -7.00 3.90
CA LYS C 83 -11.41 -7.85 2.83
C LYS C 83 -12.05 -9.10 3.45
N HIS C 84 -11.32 -9.81 4.30
CA HIS C 84 -11.87 -10.98 4.98
C HIS C 84 -13.15 -10.62 5.72
N PHE C 85 -13.07 -9.60 6.59
CA PHE C 85 -14.18 -9.17 7.41
C PHE C 85 -15.39 -8.88 6.54
N ASN C 86 -15.16 -8.21 5.42
CA ASN C 86 -16.19 -7.89 4.46
C ASN C 86 -16.81 -9.19 3.93
N ARG C 87 -16.00 -10.01 3.29
CA ARG C 87 -16.40 -11.29 2.71
C ARG C 87 -17.21 -12.14 3.68
N PHE C 88 -16.70 -12.34 4.90
CA PHE C 88 -17.30 -13.25 5.88
C PHE C 88 -18.35 -12.63 6.79
N HIS C 89 -18.34 -11.31 7.02
CA HIS C 89 -19.24 -10.68 8.00
C HIS C 89 -20.10 -9.58 7.40
N ASN C 90 -19.60 -8.81 6.42
CA ASN C 90 -20.42 -7.77 5.78
C ASN C 90 -21.33 -8.44 4.77
N ILE C 91 -20.75 -9.00 3.71
CA ILE C 91 -21.49 -9.70 2.67
C ILE C 91 -21.62 -11.20 2.96
N LYS C 92 -21.38 -11.61 4.22
CA LYS C 92 -21.52 -12.99 4.67
C LYS C 92 -20.79 -13.96 3.75
ZN ZN D . -0.77 10.51 -15.22
ZN ZN E . 11.44 -6.50 1.22
ZN ZN F . -13.66 -13.02 10.60
N MET C 1 -4.15 21.15 0.93
CA MET C 1 -2.82 21.07 0.34
C MET C 1 -2.88 21.54 -1.12
N LYS C 2 -1.75 22.03 -1.63
CA LYS C 2 -1.60 22.46 -3.00
C LYS C 2 -1.27 21.22 -3.84
N ARG C 3 -2.29 20.60 -4.42
CA ARG C 3 -2.13 19.41 -5.24
C ARG C 3 -1.04 19.62 -6.30
N TYR C 4 0.00 18.80 -6.26
CA TYR C 4 1.08 18.80 -7.21
C TYR C 4 0.55 18.14 -8.48
N ILE C 5 0.72 18.77 -9.64
CA ILE C 5 0.18 18.29 -10.91
C ILE C 5 1.19 17.40 -11.64
N CYS C 6 0.65 16.38 -12.33
CA CYS C 6 1.38 15.42 -13.12
C CYS C 6 2.07 16.09 -14.31
N SER C 7 3.39 15.93 -14.37
CA SER C 7 4.29 16.49 -15.37
C SER C 7 3.82 16.27 -16.82
N PHE C 8 3.16 15.13 -17.07
CA PHE C 8 2.66 14.76 -18.37
C PHE C 8 1.48 15.64 -18.76
N ALA C 9 1.77 16.90 -19.14
CA ALA C 9 0.79 17.89 -19.57
C ALA C 9 -0.23 17.22 -20.51
N ASP C 10 -1.52 17.42 -20.21
CA ASP C 10 -2.70 16.85 -20.86
C ASP C 10 -3.31 15.78 -19.95
N CYS C 11 -2.47 15.04 -19.21
CA CYS C 11 -2.95 14.02 -18.28
C CYS C 11 -3.87 14.67 -17.23
N GLY C 12 -3.46 15.82 -16.71
CA GLY C 12 -4.24 16.62 -15.77
C GLY C 12 -4.50 15.93 -14.42
N ALA C 13 -3.66 14.97 -14.05
CA ALA C 13 -3.77 14.31 -12.75
C ALA C 13 -3.05 15.20 -11.73
N ALA C 14 -3.49 15.20 -10.46
CA ALA C 14 -2.87 16.03 -9.44
C ALA C 14 -3.10 15.38 -8.07
N TYR C 15 -2.12 15.47 -7.16
CA TYR C 15 -2.21 14.85 -5.84
C TYR C 15 -1.51 15.70 -4.78
N ASN C 16 -2.00 15.63 -3.54
CA ASN C 16 -1.48 16.39 -2.41
C ASN C 16 -0.11 15.90 -1.94
N LYS C 17 0.05 14.58 -1.76
CA LYS C 17 1.30 14.02 -1.27
C LYS C 17 2.25 13.72 -2.41
N ASN C 18 3.53 14.07 -2.25
CA ASN C 18 4.54 13.79 -3.27
C ASN C 18 4.55 12.31 -3.62
N TRP C 19 4.56 11.42 -2.62
CA TRP C 19 4.55 9.98 -2.82
C TRP C 19 3.36 9.54 -3.68
N LYS C 20 2.20 10.16 -3.46
CA LYS C 20 0.98 9.85 -4.20
C LYS C 20 1.20 10.25 -5.66
N LEU C 21 1.73 11.45 -5.89
CA LEU C 21 2.06 11.85 -7.24
C LEU C 21 3.09 10.89 -7.83
N GLN C 22 4.11 10.47 -7.07
CA GLN C 22 5.11 9.53 -7.57
C GLN C 22 4.44 8.24 -8.03
N ALA C 23 3.54 7.71 -7.19
CA ALA C 23 2.77 6.52 -7.52
C ALA C 23 2.03 6.73 -8.84
N HIS C 24 1.42 7.90 -9.03
CA HIS C 24 0.79 8.17 -10.32
C HIS C 24 1.85 8.15 -11.44
N LEU C 25 2.91 8.97 -11.31
CA LEU C 25 4.00 9.03 -12.27
C LEU C 25 4.53 7.65 -12.66
N SER C 26 4.60 6.71 -11.72
CA SER C 26 5.09 5.36 -12.00
C SER C 26 4.37 4.75 -13.22
N LYS C 27 3.10 5.08 -13.43
CA LYS C 27 2.33 4.62 -14.58
C LYS C 27 3.03 4.96 -15.89
N HIS C 28 3.57 6.18 -15.99
CA HIS C 28 4.22 6.68 -17.19
C HIS C 28 5.71 6.38 -17.18
N THR C 29 6.37 6.74 -16.08
CA THR C 29 7.81 6.67 -15.90
C THR C 29 8.34 5.27 -15.65
N GLY C 30 7.56 4.41 -15.00
CA GLY C 30 8.01 3.11 -14.54
C GLY C 30 8.95 3.25 -13.33
N GLU C 31 9.07 4.45 -12.75
CA GLU C 31 9.94 4.66 -11.60
C GLU C 31 9.28 4.16 -10.31
N LYS C 32 10.11 3.66 -9.38
CA LYS C 32 9.69 3.18 -8.07
C LYS C 32 10.67 3.75 -7.03
N PRO C 33 10.52 5.05 -6.68
CA PRO C 33 11.43 5.80 -5.81
C PRO C 33 11.87 5.17 -4.48
N PHE C 34 11.12 4.23 -3.90
CA PHE C 34 11.41 3.66 -2.59
C PHE C 34 11.80 2.18 -2.69
N PRO C 35 13.06 1.85 -2.97
CA PRO C 35 13.51 0.47 -3.04
C PRO C 35 13.69 -0.14 -1.64
N CYS C 36 13.52 -1.46 -1.54
CA CYS C 36 13.67 -2.19 -0.28
C CYS C 36 15.14 -2.48 0.06
N LYS C 37 16.05 -2.35 -0.91
CA LYS C 37 17.49 -2.52 -0.78
C LYS C 37 17.93 -3.97 -0.55
N GLU C 38 17.32 -4.66 0.42
CA GLU C 38 17.63 -6.02 0.82
C GLU C 38 17.95 -6.95 -0.35
N GLU C 39 19.05 -7.70 -0.24
CA GLU C 39 19.46 -8.65 -1.25
C GLU C 39 18.33 -9.66 -1.49
N GLY C 40 18.10 -10.02 -2.76
CA GLY C 40 17.02 -10.92 -3.13
C GLY C 40 15.70 -10.15 -3.11
N CYS C 41 15.28 -9.69 -1.92
CA CYS C 41 14.08 -8.89 -1.74
C CYS C 41 14.34 -7.43 -2.14
N GLU C 42 14.93 -7.22 -3.32
CA GLU C 42 15.24 -5.89 -3.83
C GLU C 42 13.99 -5.32 -4.49
N LYS C 43 12.92 -5.19 -3.70
CA LYS C 43 11.65 -4.66 -4.16
C LYS C 43 11.80 -3.19 -4.52
N GLY C 44 10.86 -2.68 -5.33
CA GLY C 44 10.78 -1.29 -5.74
C GLY C 44 9.38 -0.81 -5.40
N PHE C 45 9.24 0.06 -4.39
CA PHE C 45 7.97 0.62 -3.99
C PHE C 45 7.88 2.07 -4.46
N THR C 46 6.66 2.54 -4.74
CA THR C 46 6.40 3.87 -5.23
C THR C 46 6.19 4.89 -4.09
N SER C 47 6.08 4.43 -2.84
CA SER C 47 5.88 5.31 -1.71
C SER C 47 6.50 4.72 -0.46
N LEU C 48 6.98 5.60 0.43
CA LEU C 48 7.51 5.20 1.73
C LEU C 48 6.40 4.45 2.48
N HIS C 49 5.16 4.89 2.32
CA HIS C 49 4.02 4.24 2.96
C HIS C 49 3.88 2.80 2.47
N HIS C 50 3.90 2.55 1.15
CA HIS C 50 3.83 1.16 0.68
C HIS C 50 5.05 0.40 1.18
N LEU C 51 6.23 1.03 1.20
CA LEU C 51 7.41 0.37 1.76
C LEU C 51 7.15 -0.02 3.23
N THR C 52 6.49 0.87 3.98
CA THR C 52 6.13 0.61 5.37
C THR C 52 5.18 -0.59 5.44
N ARG C 53 4.12 -0.63 4.63
CA ARG C 53 3.22 -1.79 4.67
C ARG C 53 4.00 -3.06 4.33
N HIS C 54 4.85 -3.00 3.30
CA HIS C 54 5.68 -4.13 2.92
C HIS C 54 6.52 -4.58 4.12
N SER C 55 7.09 -3.62 4.86
CA SER C 55 7.89 -3.91 6.05
C SER C 55 7.13 -4.76 7.08
N LEU C 56 5.78 -4.79 7.04
CA LEU C 56 5.01 -5.66 7.92
C LEU C 56 5.47 -7.11 7.74
N THR C 57 5.82 -7.49 6.51
CA THR C 57 6.28 -8.85 6.19
C THR C 57 7.63 -9.15 6.84
N HIS C 58 8.53 -8.17 6.92
CA HIS C 58 9.85 -8.34 7.51
C HIS C 58 9.73 -8.36 9.03
N THR C 59 9.00 -7.40 9.58
CA THR C 59 8.77 -7.30 11.01
C THR C 59 7.90 -8.47 11.50
N GLY C 60 7.03 -8.99 10.64
CA GLY C 60 6.10 -10.06 10.95
C GLY C 60 4.90 -9.51 11.73
N GLU C 61 4.53 -8.25 11.47
CA GLU C 61 3.43 -7.58 12.17
C GLU C 61 2.06 -7.99 11.59
N LYS C 62 1.87 -9.28 11.39
CA LYS C 62 0.65 -9.88 10.87
C LYS C 62 -0.35 -10.02 12.03
N ASN C 63 -0.79 -8.87 12.59
CA ASN C 63 -1.61 -8.85 13.80
C ASN C 63 -3.02 -8.27 13.60
N PHE C 64 -3.45 -7.99 12.36
CA PHE C 64 -4.79 -7.43 12.16
C PHE C 64 -5.79 -8.56 12.31
N THR C 65 -6.15 -8.78 13.57
CA THR C 65 -6.99 -9.85 14.05
C THR C 65 -8.47 -9.57 13.80
N CYS C 66 -9.13 -10.48 13.07
CA CYS C 66 -10.57 -10.42 12.86
C CYS C 66 -11.24 -10.50 14.23
N ASP C 67 -12.01 -9.47 14.58
CA ASP C 67 -12.70 -9.40 15.86
C ASP C 67 -13.89 -10.35 15.88
N SER C 68 -13.61 -11.65 15.96
CA SER C 68 -14.60 -12.71 16.02
C SER C 68 -13.97 -13.88 16.76
N ASP C 69 -14.54 -14.24 17.91
CA ASP C 69 -14.04 -15.35 18.73
C ASP C 69 -13.93 -16.61 17.88
N GLY C 70 -12.85 -17.38 18.06
CA GLY C 70 -12.58 -18.58 17.29
C GLY C 70 -11.99 -18.17 15.94
N CYS C 71 -12.72 -17.38 15.16
CA CYS C 71 -12.29 -16.85 13.87
C CYS C 71 -11.35 -15.67 14.08
N ASP C 72 -10.36 -15.81 14.98
CA ASP C 72 -9.39 -14.77 15.28
C ASP C 72 -8.26 -14.82 14.26
N LEU C 73 -8.62 -14.80 12.97
CA LEU C 73 -7.63 -14.82 11.89
C LEU C 73 -6.89 -13.50 11.87
N ARG C 74 -5.55 -13.55 11.86
CA ARG C 74 -4.70 -12.37 11.84
C ARG C 74 -4.20 -12.13 10.42
N PHE C 75 -4.54 -10.98 9.84
CA PHE C 75 -4.21 -10.63 8.46
C PHE C 75 -3.00 -9.68 8.42
N THR C 76 -2.38 -9.60 7.24
CA THR C 76 -1.23 -8.75 6.95
C THR C 76 -1.61 -7.28 7.00
N THR C 77 -2.68 -6.88 6.29
CA THR C 77 -3.12 -5.50 6.26
C THR C 77 -4.53 -5.38 6.83
N LYS C 78 -4.84 -4.18 7.31
CA LYS C 78 -6.18 -3.87 7.81
C LYS C 78 -7.19 -4.10 6.69
N ALA C 79 -6.88 -3.68 5.46
CA ALA C 79 -7.81 -3.89 4.37
C ALA C 79 -8.03 -5.38 4.11
N ASN C 80 -7.01 -6.23 4.21
CA ASN C 80 -7.21 -7.67 4.07
C ASN C 80 -8.20 -8.14 5.15
N MET C 81 -7.98 -7.70 6.40
CA MET C 81 -8.89 -8.00 7.51
C MET C 81 -10.31 -7.53 7.17
N LYS C 82 -10.47 -6.30 6.69
CA LYS C 82 -11.77 -5.75 6.31
C LYS C 82 -12.42 -6.62 5.24
N LYS C 83 -11.72 -6.92 4.15
CA LYS C 83 -12.25 -7.77 3.08
C LYS C 83 -12.71 -9.10 3.66
N HIS C 84 -11.90 -9.73 4.52
CA HIS C 84 -12.31 -10.98 5.16
C HIS C 84 -13.59 -10.77 5.96
N PHE C 85 -13.60 -9.78 6.85
CA PHE C 85 -14.75 -9.51 7.70
C PHE C 85 -16.00 -9.30 6.84
N ASN C 86 -15.84 -8.56 5.74
CA ASN C 86 -16.91 -8.32 4.79
C ASN C 86 -17.40 -9.67 4.25
N ARG C 87 -16.53 -10.38 3.53
CA ARG C 87 -16.82 -11.67 2.93
C ARG C 87 -17.49 -12.66 3.90
N PHE C 88 -16.90 -12.87 5.07
CA PHE C 88 -17.32 -13.89 6.02
C PHE C 88 -18.39 -13.47 7.01
N HIS C 89 -18.52 -12.17 7.33
CA HIS C 89 -19.45 -11.71 8.36
C HIS C 89 -20.44 -10.66 7.86
N ASN C 90 -20.01 -9.68 7.04
CA ASN C 90 -20.95 -8.67 6.58
C ASN C 90 -21.88 -9.26 5.52
N ILE C 91 -21.34 -10.08 4.61
CA ILE C 91 -22.11 -10.77 3.57
C ILE C 91 -21.97 -12.28 3.75
N LYS C 92 -21.83 -12.74 5.00
CA LYS C 92 -21.69 -14.14 5.37
C LYS C 92 -20.71 -14.87 4.46
ZN ZN D . -0.32 11.28 -15.38
ZN ZN E . 11.49 -6.44 1.46
ZN ZN F . -13.65 -13.63 10.66
N MET C 1 -1.11 19.41 1.63
CA MET C 1 -2.36 18.70 1.38
C MET C 1 -2.93 19.11 0.02
N LYS C 2 -2.37 20.14 -0.60
CA LYS C 2 -2.74 20.59 -1.93
C LYS C 2 -2.46 19.42 -2.89
N ARG C 3 -3.44 19.05 -3.71
CA ARG C 3 -3.24 17.98 -4.67
C ARG C 3 -2.11 18.40 -5.63
N TYR C 4 -1.18 17.49 -5.87
CA TYR C 4 -0.04 17.64 -6.76
C TYR C 4 -0.51 17.15 -8.13
N ILE C 5 -0.34 17.95 -9.19
CA ILE C 5 -0.79 17.64 -10.54
C ILE C 5 0.29 16.83 -11.27
N CYS C 6 -0.14 15.85 -12.08
CA CYS C 6 0.73 14.98 -12.88
C CYS C 6 1.53 15.79 -13.90
N SER C 7 2.85 15.63 -13.87
CA SER C 7 3.82 16.29 -14.75
C SER C 7 3.37 16.27 -16.21
N PHE C 8 2.87 15.13 -16.67
CA PHE C 8 2.36 14.95 -18.03
C PHE C 8 1.02 15.65 -18.15
N ALA C 9 1.00 16.98 -18.06
CA ALA C 9 -0.15 17.88 -18.08
C ALA C 9 -1.44 17.28 -18.66
N ASP C 10 -1.40 16.89 -19.94
CA ASP C 10 -2.51 16.30 -20.70
C ASP C 10 -3.30 15.25 -19.90
N CYS C 11 -2.58 14.45 -19.10
CA CYS C 11 -3.13 13.41 -18.24
C CYS C 11 -4.23 13.95 -17.32
N GLY C 12 -4.08 15.20 -16.86
CA GLY C 12 -5.04 15.88 -16.00
C GLY C 12 -5.30 15.15 -14.69
N ALA C 13 -4.34 14.34 -14.22
CA ALA C 13 -4.44 13.61 -12.96
C ALA C 13 -3.80 14.47 -11.87
N ALA C 14 -4.27 14.33 -10.63
CA ALA C 14 -3.70 15.03 -9.50
C ALA C 14 -3.98 14.19 -8.26
N TYR C 15 -3.08 14.21 -7.27
CA TYR C 15 -3.24 13.39 -6.08
C TYR C 15 -2.75 14.11 -4.83
N ASN C 16 -3.34 13.73 -3.69
CA ASN C 16 -3.11 14.27 -2.36
C ASN C 16 -1.66 14.61 -2.02
N LYS C 17 -0.73 13.66 -2.13
CA LYS C 17 0.66 13.85 -1.73
C LYS C 17 1.66 13.54 -2.83
N ASN C 18 2.87 14.09 -2.64
CA ASN C 18 4.03 13.89 -3.49
C ASN C 18 4.25 12.40 -3.76
N TRP C 19 4.34 11.58 -2.70
CA TRP C 19 4.53 10.13 -2.81
C TRP C 19 3.45 9.51 -3.69
N LYS C 20 2.19 9.93 -3.51
CA LYS C 20 1.11 9.38 -4.28
C LYS C 20 1.27 9.79 -5.74
N LEU C 21 1.61 11.05 -5.98
CA LEU C 21 1.85 11.49 -7.34
C LEU C 21 2.99 10.65 -7.93
N GLN C 22 4.05 10.37 -7.17
CA GLN C 22 5.12 9.51 -7.66
C GLN C 22 4.56 8.12 -8.00
N ALA C 23 3.75 7.57 -7.11
CA ALA C 23 3.11 6.27 -7.34
C ALA C 23 2.33 6.30 -8.66
N HIS C 24 1.58 7.36 -8.93
CA HIS C 24 0.91 7.49 -10.22
C HIS C 24 1.95 7.56 -11.34
N LEU C 25 2.87 8.52 -11.25
CA LEU C 25 3.92 8.75 -12.24
C LEU C 25 4.70 7.49 -12.55
N SER C 26 4.85 6.56 -11.60
CA SER C 26 5.56 5.31 -11.84
C SER C 26 4.96 4.58 -13.05
N LYS C 27 3.66 4.72 -13.29
CA LYS C 27 2.98 4.12 -14.43
C LYS C 27 3.53 4.67 -15.76
N HIS C 28 3.94 5.93 -15.78
CA HIS C 28 4.47 6.59 -16.97
C HIS C 28 6.00 6.42 -17.05
N THR C 29 6.67 6.72 -15.94
CA THR C 29 8.12 6.82 -15.82
C THR C 29 8.83 5.51 -15.47
N GLY C 30 8.17 4.62 -14.71
CA GLY C 30 8.79 3.43 -14.18
C GLY C 30 9.60 3.74 -12.91
N GLU C 31 9.51 4.97 -12.38
CA GLU C 31 10.25 5.35 -11.17
C GLU C 31 9.56 4.81 -9.92
N LYS C 32 10.34 4.19 -9.02
CA LYS C 32 9.84 3.65 -7.76
C LYS C 32 10.75 4.17 -6.63
N PRO C 33 10.51 5.40 -6.15
CA PRO C 33 11.35 6.12 -5.19
C PRO C 33 11.73 5.41 -3.88
N PHE C 34 10.98 4.39 -3.44
CA PHE C 34 11.22 3.72 -2.17
C PHE C 34 11.70 2.27 -2.38
N PRO C 35 12.97 2.06 -2.75
CA PRO C 35 13.54 0.74 -2.91
C PRO C 35 13.74 0.08 -1.54
N CYS C 36 13.50 -1.24 -1.47
CA CYS C 36 13.63 -2.05 -0.25
C CYS C 36 15.09 -2.32 0.11
N LYS C 37 16.02 -2.13 -0.83
CA LYS C 37 17.46 -2.30 -0.68
C LYS C 37 17.93 -3.75 -0.52
N GLU C 38 17.23 -4.55 0.30
CA GLU C 38 17.57 -5.94 0.59
C GLU C 38 17.96 -6.72 -0.67
N GLU C 39 19.06 -7.48 -0.58
CA GLU C 39 19.53 -8.31 -1.66
C GLU C 39 18.42 -9.30 -2.04
N GLY C 40 18.16 -9.47 -3.34
CA GLY C 40 17.10 -10.33 -3.81
C GLY C 40 15.75 -9.63 -3.64
N CYS C 41 15.36 -9.34 -2.40
CA CYS C 41 14.13 -8.64 -2.06
C CYS C 41 14.30 -7.13 -2.30
N GLU C 42 14.86 -6.74 -3.44
CA GLU C 42 15.05 -5.33 -3.78
C GLU C 42 13.75 -4.81 -4.39
N LYS C 43 12.66 -4.88 -3.62
CA LYS C 43 11.35 -4.44 -4.09
C LYS C 43 11.36 -2.94 -4.32
N GLY C 44 10.77 -2.47 -5.42
CA GLY C 44 10.69 -1.07 -5.77
C GLY C 44 9.34 -0.53 -5.36
N PHE C 45 9.22 0.01 -4.15
CA PHE C 45 7.98 0.60 -3.69
C PHE C 45 7.94 2.08 -4.05
N THR C 46 6.72 2.64 -4.14
CA THR C 46 6.49 4.01 -4.56
C THR C 46 6.21 4.96 -3.40
N SER C 47 6.05 4.47 -2.16
CA SER C 47 5.84 5.33 -1.02
C SER C 47 6.44 4.68 0.21
N LEU C 48 6.77 5.51 1.21
CA LEU C 48 7.28 5.03 2.47
C LEU C 48 6.25 4.11 3.10
N HIS C 49 4.96 4.49 3.06
CA HIS C 49 3.93 3.66 3.62
C HIS C 49 3.86 2.32 2.89
N HIS C 50 3.84 2.33 1.55
CA HIS C 50 3.80 1.09 0.78
C HIS C 50 4.95 0.19 1.23
N LEU C 51 6.15 0.78 1.32
CA LEU C 51 7.33 0.05 1.80
C LEU C 51 7.12 -0.45 3.24
N THR C 52 6.52 0.36 4.10
CA THR C 52 6.25 -0.01 5.48
C THR C 52 5.33 -1.23 5.54
N ARG C 53 4.17 -1.19 4.87
CA ARG C 53 3.29 -2.35 4.88
C ARG C 53 4.02 -3.58 4.33
N HIS C 54 4.84 -3.41 3.29
CA HIS C 54 5.65 -4.50 2.78
C HIS C 54 6.59 -5.05 3.88
N SER C 55 7.33 -4.17 4.57
CA SER C 55 8.27 -4.60 5.60
C SER C 55 7.63 -5.46 6.69
N LEU C 56 6.31 -5.36 6.91
CA LEU C 56 5.60 -6.21 7.88
C LEU C 56 5.88 -7.69 7.60
N THR C 57 6.09 -8.05 6.33
CA THR C 57 6.39 -9.42 5.95
C THR C 57 7.74 -9.89 6.52
N HIS C 58 8.68 -8.97 6.69
CA HIS C 58 10.03 -9.26 7.19
C HIS C 58 9.97 -9.44 8.70
N THR C 59 9.31 -8.49 9.39
CA THR C 59 9.16 -8.54 10.82
C THR C 59 8.17 -9.64 11.22
N GLY C 60 7.26 -10.01 10.32
CA GLY C 60 6.23 -11.02 10.55
C GLY C 60 5.11 -10.40 11.38
N GLU C 61 4.85 -9.10 11.21
CA GLU C 61 3.82 -8.40 11.96
C GLU C 61 2.43 -8.65 11.36
N LYS C 62 2.06 -9.93 11.31
CA LYS C 62 0.74 -10.38 10.88
C LYS C 62 -0.16 -10.13 12.09
N ASN C 63 -0.55 -8.87 12.30
CA ASN C 63 -1.23 -8.45 13.53
C ASN C 63 -2.61 -7.84 13.31
N PHE C 64 -3.07 -7.64 12.07
CA PHE C 64 -4.37 -7.02 11.85
C PHE C 64 -5.44 -8.05 12.13
N THR C 65 -5.82 -8.10 13.41
CA THR C 65 -6.72 -9.06 14.01
C THR C 65 -8.17 -8.73 13.68
N CYS C 66 -8.87 -9.63 12.98
CA CYS C 66 -10.28 -9.51 12.69
C CYS C 66 -11.03 -9.47 14.03
N ASP C 67 -11.70 -8.35 14.31
CA ASP C 67 -12.45 -8.18 15.55
C ASP C 67 -13.74 -9.00 15.47
N SER C 68 -13.61 -10.32 15.60
CA SER C 68 -14.70 -11.28 15.56
C SER C 68 -14.30 -12.44 16.46
N ASP C 69 -15.02 -12.62 17.57
CA ASP C 69 -14.73 -13.66 18.56
C ASP C 69 -14.58 -15.03 17.88
N GLY C 70 -13.52 -15.76 18.23
CA GLY C 70 -13.23 -17.05 17.62
C GLY C 70 -12.53 -16.83 16.29
N CYS C 71 -13.17 -16.08 15.38
CA CYS C 71 -12.61 -15.72 14.08
C CYS C 71 -11.59 -14.58 14.25
N ASP C 72 -10.69 -14.69 15.22
CA ASP C 72 -9.67 -13.69 15.48
C ASP C 72 -8.47 -13.92 14.55
N LEU C 73 -8.75 -14.04 13.26
CA LEU C 73 -7.72 -14.25 12.24
C LEU C 73 -6.89 -12.98 12.12
N ARG C 74 -5.56 -13.13 12.08
CA ARG C 74 -4.64 -12.01 11.99
C ARG C 74 -4.13 -11.89 10.56
N PHE C 75 -4.27 -10.72 9.94
CA PHE C 75 -3.88 -10.47 8.57
C PHE C 75 -2.67 -9.53 8.50
N THR C 76 -2.05 -9.50 7.31
CA THR C 76 -0.85 -8.72 6.99
C THR C 76 -1.11 -7.22 6.99
N THR C 77 -2.25 -6.75 6.48
CA THR C 77 -2.58 -5.33 6.46
C THR C 77 -4.03 -5.12 6.88
N LYS C 78 -4.35 -3.87 7.23
CA LYS C 78 -5.72 -3.49 7.53
C LYS C 78 -6.60 -3.79 6.32
N ALA C 79 -6.10 -3.54 5.11
CA ALA C 79 -6.89 -3.80 3.91
C ALA C 79 -7.12 -5.31 3.72
N ASN C 80 -6.13 -6.16 3.98
CA ASN C 80 -6.35 -7.61 3.90
C ASN C 80 -7.45 -7.99 4.91
N MET C 81 -7.31 -7.48 6.15
CA MET C 81 -8.28 -7.69 7.21
C MET C 81 -9.67 -7.26 6.75
N LYS C 82 -9.80 -6.06 6.19
CA LYS C 82 -11.05 -5.54 5.69
C LYS C 82 -11.60 -6.44 4.59
N LYS C 83 -10.81 -6.83 3.60
CA LYS C 83 -11.28 -7.73 2.55
C LYS C 83 -11.87 -9.00 3.18
N HIS C 84 -11.15 -9.63 4.10
CA HIS C 84 -11.68 -10.79 4.81
C HIS C 84 -13.00 -10.43 5.49
N PHE C 85 -13.01 -9.39 6.31
CA PHE C 85 -14.18 -8.97 7.08
C PHE C 85 -15.38 -8.76 6.15
N ASN C 86 -15.13 -8.13 5.00
CA ASN C 86 -16.14 -7.89 4.00
C ASN C 86 -16.68 -9.24 3.51
N ARG C 87 -15.79 -10.05 2.94
CA ARG C 87 -16.08 -11.36 2.37
C ARG C 87 -16.81 -12.30 3.35
N PHE C 88 -16.38 -12.35 4.61
CA PHE C 88 -16.89 -13.27 5.62
C PHE C 88 -18.01 -12.71 6.50
N HIS C 89 -18.12 -11.39 6.67
CA HIS C 89 -19.09 -10.80 7.60
C HIS C 89 -19.96 -9.72 6.97
N ASN C 90 -19.38 -8.78 6.22
CA ASN C 90 -20.19 -7.67 5.71
C ASN C 90 -21.10 -8.09 4.57
N ILE C 91 -20.59 -8.80 3.56
CA ILE C 91 -21.43 -9.24 2.44
C ILE C 91 -22.23 -10.47 2.87
N LYS C 92 -21.62 -11.32 3.70
CA LYS C 92 -22.23 -12.54 4.22
C LYS C 92 -23.55 -12.20 4.93
ZN ZN D . -0.42 10.84 -15.36
ZN ZN E . 11.47 -6.41 1.31
ZN ZN F . -13.49 -12.68 10.53
N MET C 1 0.19 25.10 -2.22
CA MET C 1 -0.13 24.70 -3.58
C MET C 1 -0.73 23.29 -3.58
N LYS C 2 -1.81 23.13 -2.80
CA LYS C 2 -2.43 21.83 -2.63
C LYS C 2 -2.98 21.28 -3.96
N ARG C 3 -2.80 19.96 -4.12
CA ARG C 3 -3.11 19.14 -5.27
C ARG C 3 -2.07 19.42 -6.37
N TYR C 4 -0.90 18.80 -6.23
CA TYR C 4 0.19 18.88 -7.19
C TYR C 4 -0.23 18.03 -8.39
N ILE C 5 -0.08 18.56 -9.60
CA ILE C 5 -0.51 17.94 -10.85
C ILE C 5 0.57 17.03 -11.42
N CYS C 6 0.14 15.96 -12.11
CA CYS C 6 0.94 14.99 -12.81
C CYS C 6 1.62 15.65 -14.02
N SER C 7 2.95 15.51 -14.10
CA SER C 7 3.82 16.07 -15.12
C SER C 7 3.23 15.99 -16.53
N PHE C 8 2.63 14.85 -16.86
CA PHE C 8 1.99 14.60 -18.15
C PHE C 8 0.64 15.33 -18.19
N ALA C 9 0.68 16.67 -18.09
CA ALA C 9 -0.43 17.63 -18.05
C ALA C 9 -1.81 17.06 -18.42
N ASP C 10 -1.97 16.67 -19.69
CA ASP C 10 -3.20 16.12 -20.27
C ASP C 10 -3.90 15.11 -19.36
N CYS C 11 -3.11 14.30 -18.65
CA CYS C 11 -3.57 13.29 -17.71
C CYS C 11 -4.54 13.87 -16.66
N GLY C 12 -4.32 15.12 -16.24
CA GLY C 12 -5.18 15.82 -15.30
C GLY C 12 -5.25 15.20 -13.91
N ALA C 13 -4.29 14.35 -13.54
CA ALA C 13 -4.23 13.75 -12.21
C ALA C 13 -3.53 14.73 -11.29
N ALA C 14 -3.99 14.90 -10.05
CA ALA C 14 -3.35 15.78 -9.08
C ALA C 14 -3.64 15.25 -7.67
N TYR C 15 -2.73 15.43 -6.70
CA TYR C 15 -2.94 14.84 -5.36
C TYR C 15 -2.47 15.69 -4.17
N ASN C 16 -1.23 16.19 -4.17
CA ASN C 16 -0.55 16.98 -3.11
C ASN C 16 0.47 16.16 -2.34
N LYS C 17 0.13 14.91 -2.01
CA LYS C 17 1.06 14.08 -1.27
C LYS C 17 2.15 13.63 -2.25
N ASN C 18 3.40 14.04 -2.01
CA ASN C 18 4.51 13.72 -2.89
C ASN C 18 4.53 12.23 -3.24
N TRP C 19 4.48 11.36 -2.22
CA TRP C 19 4.47 9.90 -2.41
C TRP C 19 3.37 9.48 -3.38
N LYS C 20 2.16 10.03 -3.21
CA LYS C 20 1.01 9.69 -4.03
C LYS C 20 1.28 10.11 -5.46
N LEU C 21 1.73 11.35 -5.65
CA LEU C 21 2.02 11.82 -6.98
C LEU C 21 3.12 10.94 -7.61
N GLN C 22 4.16 10.58 -6.86
CA GLN C 22 5.20 9.71 -7.38
C GLN C 22 4.60 8.37 -7.79
N ALA C 23 3.78 7.79 -6.91
CA ALA C 23 3.10 6.54 -7.18
C ALA C 23 2.26 6.64 -8.44
N HIS C 24 1.63 7.80 -8.68
CA HIS C 24 0.91 7.99 -9.92
C HIS C 24 1.91 8.01 -11.09
N LEU C 25 2.91 8.90 -11.05
CA LEU C 25 3.96 9.01 -12.06
C LEU C 25 4.56 7.66 -12.41
N SER C 26 4.77 6.79 -11.43
CA SER C 26 5.36 5.46 -11.66
C SER C 26 4.64 4.71 -12.79
N LYS C 27 3.32 4.92 -12.94
CA LYS C 27 2.55 4.30 -14.01
C LYS C 27 3.09 4.67 -15.39
N HIS C 28 3.56 5.92 -15.53
CA HIS C 28 4.12 6.43 -16.78
C HIS C 28 5.63 6.21 -16.85
N THR C 29 6.34 6.62 -15.80
CA THR C 29 7.79 6.67 -15.69
C THR C 29 8.44 5.32 -15.37
N GLY C 30 7.75 4.46 -14.62
CA GLY C 30 8.32 3.22 -14.13
C GLY C 30 9.24 3.45 -12.92
N GLU C 31 9.31 4.68 -12.38
CA GLU C 31 10.17 4.98 -11.24
C GLU C 31 9.53 4.50 -9.93
N LYS C 32 10.34 3.91 -9.03
CA LYS C 32 9.90 3.39 -7.74
C LYS C 32 10.80 3.98 -6.62
N PRO C 33 10.50 5.20 -6.14
CA PRO C 33 11.28 5.94 -5.17
C PRO C 33 11.70 5.24 -3.87
N PHE C 34 10.94 4.25 -3.39
CA PHE C 34 11.19 3.60 -2.11
C PHE C 34 11.76 2.19 -2.30
N PRO C 35 13.08 2.03 -2.52
CA PRO C 35 13.69 0.72 -2.67
C PRO C 35 13.75 -0.01 -1.33
N CYS C 36 13.67 -1.34 -1.36
CA CYS C 36 13.73 -2.18 -0.17
C CYS C 36 15.18 -2.39 0.30
N LYS C 37 16.17 -2.14 -0.56
CA LYS C 37 17.60 -2.20 -0.30
C LYS C 37 18.16 -3.61 -0.03
N GLU C 38 17.48 -4.43 0.76
CA GLU C 38 17.91 -5.77 1.15
C GLU C 38 18.48 -6.56 -0.03
N GLU C 39 19.61 -7.24 0.19
CA GLU C 39 20.23 -8.07 -0.82
C GLU C 39 19.23 -9.14 -1.26
N GLY C 40 19.14 -9.41 -2.56
CA GLY C 40 18.19 -10.35 -3.11
C GLY C 40 16.80 -9.71 -3.16
N CYS C 41 16.24 -9.39 -1.98
CA CYS C 41 14.95 -8.72 -1.85
C CYS C 41 15.09 -7.22 -2.12
N GLU C 42 15.79 -6.86 -3.20
CA GLU C 42 16.02 -5.48 -3.58
C GLU C 42 14.82 -4.98 -4.39
N LYS C 43 13.65 -5.01 -3.74
CA LYS C 43 12.40 -4.58 -4.33
C LYS C 43 12.41 -3.06 -4.54
N GLY C 44 11.44 -2.57 -5.31
CA GLY C 44 11.21 -1.17 -5.60
C GLY C 44 9.76 -0.88 -5.27
N PHE C 45 9.50 -0.04 -4.27
CA PHE C 45 8.17 0.36 -3.86
C PHE C 45 7.94 1.84 -4.19
N THR C 46 6.68 2.21 -4.44
CA THR C 46 6.30 3.55 -4.88
C THR C 46 5.80 4.46 -3.76
N SER C 47 5.73 3.99 -2.51
CA SER C 47 5.35 4.85 -1.40
C SER C 47 5.92 4.31 -0.09
N LEU C 48 6.11 5.19 0.88
CA LEU C 48 6.59 4.80 2.19
C LEU C 48 5.63 3.78 2.79
N HIS C 49 4.31 4.04 2.72
CA HIS C 49 3.35 3.09 3.24
C HIS C 49 3.45 1.77 2.47
N HIS C 50 3.56 1.81 1.14
CA HIS C 50 3.68 0.58 0.36
C HIS C 50 4.87 -0.24 0.87
N LEU C 51 6.01 0.44 1.06
CA LEU C 51 7.20 -0.17 1.62
C LEU C 51 6.91 -0.72 3.02
N THR C 52 6.18 0.04 3.83
CA THR C 52 5.81 -0.36 5.18
C THR C 52 5.01 -1.67 5.13
N ARG C 53 3.92 -1.75 4.35
CA ARG C 53 3.16 -3.00 4.28
C ARG C 53 4.06 -4.14 3.83
N HIS C 54 4.94 -3.90 2.85
CA HIS C 54 5.89 -4.93 2.44
C HIS C 54 6.74 -5.40 3.62
N SER C 55 7.34 -4.46 4.38
CA SER C 55 8.18 -4.80 5.51
C SER C 55 7.46 -5.64 6.58
N LEU C 56 6.13 -5.64 6.60
CA LEU C 56 5.39 -6.49 7.53
C LEU C 56 5.76 -7.95 7.30
N THR C 57 6.08 -8.33 6.05
CA THR C 57 6.48 -9.70 5.74
C THR C 57 7.81 -10.05 6.43
N HIS C 58 8.70 -9.08 6.55
CA HIS C 58 10.03 -9.27 7.14
C HIS C 58 9.93 -9.27 8.66
N THR C 59 9.29 -8.23 9.18
CA THR C 59 9.13 -8.04 10.62
C THR C 59 8.18 -9.10 11.21
N GLY C 60 7.23 -9.58 10.41
CA GLY C 60 6.25 -10.57 10.83
C GLY C 60 5.10 -9.94 11.61
N GLU C 61 4.90 -8.61 11.47
CA GLU C 61 3.85 -7.87 12.16
C GLU C 61 2.49 -8.08 11.49
N LYS C 62 2.09 -9.33 11.34
CA LYS C 62 0.83 -9.79 10.79
C LYS C 62 -0.22 -9.63 11.90
N ASN C 63 -0.50 -8.38 12.26
CA ASN C 63 -1.31 -8.06 13.44
C ASN C 63 -2.75 -7.66 13.16
N PHE C 64 -3.16 -7.55 11.88
CA PHE C 64 -4.51 -7.10 11.57
C PHE C 64 -5.49 -8.23 11.85
N THR C 65 -5.89 -8.31 13.11
CA THR C 65 -6.76 -9.30 13.69
C THR C 65 -8.22 -9.01 13.39
N CYS C 66 -8.91 -9.97 12.76
CA CYS C 66 -10.34 -9.89 12.51
C CYS C 66 -11.05 -9.76 13.86
N ASP C 67 -11.78 -8.68 14.04
CA ASP C 67 -12.52 -8.39 15.26
C ASP C 67 -13.79 -9.24 15.34
N SER C 68 -13.61 -10.56 15.46
CA SER C 68 -14.69 -11.53 15.60
C SER C 68 -14.17 -12.63 16.53
N ASP C 69 -14.79 -12.79 17.70
CA ASP C 69 -14.41 -13.80 18.66
C ASP C 69 -14.36 -15.18 18.00
N GLY C 70 -13.36 -15.99 18.34
CA GLY C 70 -13.16 -17.30 17.73
C GLY C 70 -12.48 -17.11 16.37
N CYS C 71 -13.12 -16.39 15.46
CA CYS C 71 -12.57 -16.06 14.14
C CYS C 71 -11.57 -14.91 14.27
N ASP C 72 -10.62 -15.02 15.21
CA ASP C 72 -9.60 -14.01 15.41
C ASP C 72 -8.46 -14.24 14.42
N LEU C 73 -8.80 -14.35 13.13
CA LEU C 73 -7.83 -14.56 12.07
C LEU C 73 -6.96 -13.32 11.93
N ARG C 74 -5.65 -13.48 11.88
CA ARG C 74 -4.71 -12.39 11.71
C ARG C 74 -4.37 -12.26 10.24
N PHE C 75 -4.33 -11.01 9.73
CA PHE C 75 -4.06 -10.71 8.34
C PHE C 75 -2.84 -9.80 8.22
N THR C 76 -2.23 -9.79 7.03
CA THR C 76 -1.05 -9.01 6.74
C THR C 76 -1.33 -7.51 6.63
N THR C 77 -2.52 -7.12 6.16
CA THR C 77 -2.87 -5.71 6.00
C THR C 77 -4.30 -5.45 6.47
N LYS C 78 -4.58 -4.19 6.81
CA LYS C 78 -5.92 -3.77 7.19
C LYS C 78 -6.88 -4.12 6.05
N ALA C 79 -6.48 -3.84 4.81
CA ALA C 79 -7.34 -4.10 3.68
C ALA C 79 -7.59 -5.61 3.52
N ASN C 80 -6.59 -6.48 3.70
CA ASN C 80 -6.83 -7.92 3.64
C ASN C 80 -7.85 -8.30 4.74
N MET C 81 -7.66 -7.78 5.95
CA MET C 81 -8.60 -7.97 7.06
C MET C 81 -10.00 -7.53 6.63
N LYS C 82 -10.13 -6.34 6.04
CA LYS C 82 -11.40 -5.81 5.57
C LYS C 82 -12.00 -6.73 4.50
N LYS C 83 -11.24 -7.16 3.49
CA LYS C 83 -11.75 -8.08 2.47
C LYS C 83 -12.37 -9.30 3.14
N HIS C 84 -11.63 -9.93 4.06
CA HIS C 84 -12.18 -11.06 4.80
C HIS C 84 -13.47 -10.66 5.51
N PHE C 85 -13.41 -9.59 6.30
CA PHE C 85 -14.56 -9.13 7.08
C PHE C 85 -15.78 -8.94 6.18
N ASN C 86 -15.57 -8.34 5.02
CA ASN C 86 -16.59 -8.12 4.02
C ASN C 86 -17.13 -9.49 3.58
N ARG C 87 -16.27 -10.26 2.92
CA ARG C 87 -16.54 -11.60 2.39
C ARG C 87 -17.28 -12.51 3.38
N PHE C 88 -16.98 -12.41 4.68
CA PHE C 88 -17.56 -13.29 5.69
C PHE C 88 -18.63 -12.59 6.54
N HIS C 89 -18.22 -11.59 7.33
CA HIS C 89 -19.09 -10.96 8.31
C HIS C 89 -20.07 -9.97 7.71
N ASN C 90 -19.69 -9.23 6.67
CA ASN C 90 -20.65 -8.30 6.06
C ASN C 90 -21.60 -9.10 5.16
N ILE C 91 -21.08 -10.10 4.45
CA ILE C 91 -21.88 -10.92 3.54
C ILE C 91 -22.73 -11.94 4.31
N LYS C 92 -22.31 -12.36 5.51
CA LYS C 92 -23.00 -13.34 6.33
C LYS C 92 -22.86 -14.71 5.69
ZN ZN D . -0.62 10.77 -15.01
ZN ZN E . 11.73 -6.70 1.13
ZN ZN F . -13.62 -13.17 10.65
N MET C 1 -4.11 17.68 1.58
CA MET C 1 -3.05 18.67 1.46
C MET C 1 -3.03 19.15 0.01
N LYS C 2 -2.09 20.02 -0.35
CA LYS C 2 -1.99 20.55 -1.71
C LYS C 2 -1.82 19.40 -2.72
N ARG C 3 -2.62 19.41 -3.78
CA ARG C 3 -2.54 18.40 -4.81
C ARG C 3 -1.30 18.62 -5.67
N TYR C 4 -0.43 17.61 -5.72
CA TYR C 4 0.75 17.57 -6.55
C TYR C 4 0.25 17.22 -7.95
N ILE C 5 0.55 18.04 -8.95
CA ILE C 5 0.07 17.87 -10.31
C ILE C 5 1.09 17.08 -11.14
N CYS C 6 0.57 16.22 -12.03
CA CYS C 6 1.36 15.39 -12.93
C CYS C 6 2.21 16.26 -13.87
N SER C 7 3.49 15.93 -13.99
CA SER C 7 4.46 16.62 -14.81
C SER C 7 4.00 16.74 -16.26
N PHE C 8 3.44 15.64 -16.78
CA PHE C 8 2.96 15.54 -18.15
C PHE C 8 1.63 16.29 -18.28
N ALA C 9 1.68 17.63 -18.10
CA ALA C 9 0.58 18.59 -18.12
C ALA C 9 -0.73 18.09 -18.72
N ASP C 10 -0.72 17.75 -20.02
CA ASP C 10 -1.87 17.27 -20.79
C ASP C 10 -2.71 16.24 -20.03
N CYS C 11 -2.05 15.36 -19.27
CA CYS C 11 -2.65 14.32 -18.46
C CYS C 11 -3.69 14.89 -17.48
N GLY C 12 -3.45 16.10 -16.95
CA GLY C 12 -4.35 16.79 -16.04
C GLY C 12 -4.65 16.00 -14.76
N ALA C 13 -3.75 15.11 -14.34
CA ALA C 13 -3.89 14.32 -13.13
C ALA C 13 -3.24 15.07 -11.98
N ALA C 14 -3.79 14.98 -10.78
CA ALA C 14 -3.26 15.65 -9.60
C ALA C 14 -3.66 14.83 -8.36
N TYR C 15 -2.80 14.78 -7.33
CA TYR C 15 -3.04 13.95 -6.15
C TYR C 15 -2.54 14.60 -4.87
N ASN C 16 -3.29 14.46 -3.76
CA ASN C 16 -3.04 15.10 -2.47
C ASN C 16 -1.71 14.82 -1.76
N LYS C 17 -0.82 14.00 -2.33
CA LYS C 17 0.47 13.67 -1.72
C LYS C 17 1.51 13.31 -2.78
N ASN C 18 2.77 13.58 -2.44
CA ASN C 18 3.90 13.28 -3.30
C ASN C 18 3.90 11.79 -3.67
N TRP C 19 3.90 10.91 -2.66
CA TRP C 19 3.89 9.47 -2.85
C TRP C 19 2.73 9.04 -3.76
N LYS C 20 1.56 9.65 -3.55
CA LYS C 20 0.37 9.36 -4.32
C LYS C 20 0.64 9.70 -5.78
N LEU C 21 1.15 10.91 -6.03
CA LEU C 21 1.52 11.30 -7.38
C LEU C 21 2.62 10.36 -7.92
N GLN C 22 3.58 9.94 -7.09
CA GLN C 22 4.64 9.04 -7.55
C GLN C 22 4.04 7.76 -8.12
N ALA C 23 3.09 7.17 -7.39
CA ALA C 23 2.41 5.97 -7.86
C ALA C 23 1.78 6.24 -9.23
N HIS C 24 1.10 7.39 -9.40
CA HIS C 24 0.58 7.73 -10.71
C HIS C 24 1.72 7.81 -11.73
N LEU C 25 2.75 8.62 -11.46
CA LEU C 25 3.89 8.82 -12.35
C LEU C 25 4.55 7.50 -12.73
N SER C 26 4.54 6.49 -11.87
CA SER C 26 5.12 5.19 -12.22
C SER C 26 4.52 4.66 -13.53
N LYS C 27 3.25 4.97 -13.81
CA LYS C 27 2.59 4.57 -15.05
C LYS C 27 3.34 5.10 -16.29
N HIS C 28 3.79 6.35 -16.22
CA HIS C 28 4.48 7.02 -17.32
C HIS C 28 5.98 6.71 -17.31
N THR C 29 6.60 6.90 -16.14
CA THR C 29 8.04 6.82 -15.95
C THR C 29 8.58 5.43 -15.72
N GLY C 30 7.79 4.53 -15.14
CA GLY C 30 8.26 3.21 -14.73
C GLY C 30 9.11 3.31 -13.46
N GLU C 31 9.18 4.49 -12.80
CA GLU C 31 9.97 4.66 -11.60
C GLU C 31 9.27 4.08 -10.38
N LYS C 32 10.06 3.63 -9.41
CA LYS C 32 9.60 3.09 -8.14
C LYS C 32 10.47 3.72 -7.03
N PRO C 33 10.20 4.99 -6.67
CA PRO C 33 11.00 5.81 -5.76
C PRO C 33 11.43 5.21 -4.41
N PHE C 34 10.74 4.19 -3.89
CA PHE C 34 11.02 3.62 -2.59
C PHE C 34 11.61 2.20 -2.69
N PRO C 35 12.91 2.04 -2.98
CA PRO C 35 13.55 0.74 -3.06
C PRO C 35 13.72 0.15 -1.65
N CYS C 36 13.57 -1.17 -1.52
CA CYS C 36 13.65 -1.91 -0.27
C CYS C 36 15.08 -2.14 0.22
N LYS C 37 16.09 -1.83 -0.61
CA LYS C 37 17.51 -1.92 -0.31
C LYS C 37 18.04 -3.36 -0.19
N GLU C 38 17.40 -4.16 0.66
CA GLU C 38 17.77 -5.53 0.97
C GLU C 38 18.20 -6.34 -0.25
N GLU C 39 19.34 -7.02 -0.14
CA GLU C 39 19.85 -7.90 -1.18
C GLU C 39 18.82 -9.00 -1.45
N GLY C 40 18.59 -9.34 -2.72
CA GLY C 40 17.59 -10.34 -3.09
C GLY C 40 16.19 -9.70 -3.01
N CYS C 41 15.77 -9.30 -1.81
CA CYS C 41 14.51 -8.62 -1.57
C CYS C 41 14.63 -7.15 -1.96
N GLU C 42 15.22 -6.86 -3.12
CA GLU C 42 15.44 -5.52 -3.62
C GLU C 42 14.17 -5.05 -4.32
N LYS C 43 13.06 -5.03 -3.58
CA LYS C 43 11.79 -4.59 -4.12
C LYS C 43 11.86 -3.10 -4.47
N GLY C 44 10.98 -2.66 -5.36
CA GLY C 44 10.85 -1.27 -5.79
C GLY C 44 9.42 -0.85 -5.48
N PHE C 45 9.22 -0.05 -4.44
CA PHE C 45 7.89 0.42 -4.06
C PHE C 45 7.67 1.85 -4.57
N THR C 46 6.42 2.18 -4.89
CA THR C 46 6.03 3.48 -5.39
C THR C 46 5.60 4.43 -4.27
N SER C 47 5.43 3.92 -3.04
CA SER C 47 5.07 4.75 -1.90
C SER C 47 5.75 4.26 -0.63
N LEU C 48 6.01 5.22 0.27
CA LEU C 48 6.57 4.92 1.57
C LEU C 48 5.61 3.99 2.31
N HIS C 49 4.30 4.23 2.19
CA HIS C 49 3.29 3.38 2.81
C HIS C 49 3.46 1.95 2.32
N HIS C 50 3.53 1.72 1.00
CA HIS C 50 3.67 0.36 0.50
C HIS C 50 4.96 -0.26 1.02
N LEU C 51 6.04 0.51 1.08
CA LEU C 51 7.28 0.00 1.65
C LEU C 51 7.08 -0.38 3.12
N THR C 52 6.38 0.47 3.88
CA THR C 52 6.11 0.24 5.29
C THR C 52 5.28 -1.02 5.49
N ARG C 53 4.15 -1.16 4.80
CA ARG C 53 3.33 -2.36 4.93
C ARG C 53 4.14 -3.58 4.50
N HIS C 54 4.91 -3.48 3.41
CA HIS C 54 5.79 -4.56 2.97
C HIS C 54 6.71 -4.98 4.12
N SER C 55 7.33 -4.00 4.78
CA SER C 55 8.21 -4.27 5.91
C SER C 55 7.55 -5.11 7.00
N LEU C 56 6.21 -5.09 7.13
CA LEU C 56 5.52 -5.93 8.11
C LEU C 56 5.89 -7.40 7.91
N THR C 57 6.16 -7.82 6.66
CA THR C 57 6.55 -9.19 6.38
C THR C 57 7.92 -9.52 6.99
N HIS C 58 8.79 -8.51 7.09
CA HIS C 58 10.14 -8.66 7.62
C HIS C 58 10.08 -8.68 9.14
N THR C 59 9.38 -7.72 9.73
CA THR C 59 9.23 -7.64 11.18
C THR C 59 8.30 -8.73 11.71
N GLY C 60 7.41 -9.26 10.85
CA GLY C 60 6.43 -10.26 11.21
C GLY C 60 5.25 -9.61 11.94
N GLU C 61 5.00 -8.31 11.70
CA GLU C 61 3.94 -7.56 12.36
C GLU C 61 2.56 -7.83 11.73
N LYS C 62 2.24 -9.11 11.55
CA LYS C 62 1.00 -9.63 10.98
C LYS C 62 -0.08 -9.58 12.07
N ASN C 63 -0.40 -8.36 12.53
CA ASN C 63 -1.29 -8.13 13.67
C ASN C 63 -2.70 -7.67 13.33
N PHE C 64 -3.11 -7.60 12.06
CA PHE C 64 -4.44 -7.09 11.74
C PHE C 64 -5.46 -8.18 12.05
N THR C 65 -5.86 -8.20 13.31
CA THR C 65 -6.72 -9.20 13.92
C THR C 65 -8.19 -8.96 13.56
N CYS C 66 -8.84 -9.98 12.99
CA CYS C 66 -10.26 -9.96 12.71
C CYS C 66 -10.99 -9.88 14.04
N ASP C 67 -11.76 -8.81 14.26
CA ASP C 67 -12.51 -8.62 15.49
C ASP C 67 -13.73 -9.55 15.49
N SER C 68 -13.48 -10.85 15.69
CA SER C 68 -14.49 -11.90 15.72
C SER C 68 -13.98 -12.98 16.66
N ASP C 69 -14.61 -13.15 17.82
CA ASP C 69 -14.20 -14.11 18.83
C ASP C 69 -14.01 -15.50 18.22
N GLY C 70 -12.89 -16.17 18.53
CA GLY C 70 -12.57 -17.47 17.98
C GLY C 70 -11.95 -17.28 16.60
N CYS C 71 -12.68 -16.60 15.70
CA CYS C 71 -12.24 -16.26 14.35
C CYS C 71 -11.27 -15.07 14.41
N ASP C 72 -10.32 -15.08 15.35
CA ASP C 72 -9.35 -14.02 15.53
C ASP C 72 -8.17 -14.22 14.59
N LEU C 73 -8.46 -14.37 13.29
CA LEU C 73 -7.44 -14.53 12.28
C LEU C 73 -6.64 -13.23 12.19
N ARG C 74 -5.32 -13.31 12.14
CA ARG C 74 -4.43 -12.16 12.09
C ARG C 74 -3.87 -12.04 10.68
N PHE C 75 -4.12 -10.90 10.02
CA PHE C 75 -3.75 -10.66 8.63
C PHE C 75 -2.60 -9.66 8.52
N THR C 76 -2.01 -9.57 7.31
CA THR C 76 -0.89 -8.71 6.98
C THR C 76 -1.24 -7.23 6.99
N THR C 77 -2.36 -6.82 6.37
CA THR C 77 -2.78 -5.42 6.36
C THR C 77 -4.26 -5.32 6.72
N LYS C 78 -4.69 -4.11 7.09
CA LYS C 78 -6.08 -3.82 7.41
C LYS C 78 -6.99 -4.33 6.30
N ALA C 79 -6.69 -3.98 5.04
CA ALA C 79 -7.54 -4.34 3.94
C ALA C 79 -7.67 -5.86 3.75
N ASN C 80 -6.64 -6.64 4.09
CA ASN C 80 -6.77 -8.10 4.04
C ASN C 80 -7.85 -8.51 5.05
N MET C 81 -7.71 -7.98 6.27
CA MET C 81 -8.65 -8.21 7.36
C MET C 81 -10.05 -7.75 6.93
N LYS C 82 -10.19 -6.60 6.27
CA LYS C 82 -11.47 -6.11 5.78
C LYS C 82 -12.04 -7.10 4.76
N LYS C 83 -11.29 -7.48 3.72
CA LYS C 83 -11.76 -8.45 2.72
C LYS C 83 -12.30 -9.70 3.43
N HIS C 84 -11.51 -10.28 4.33
CA HIS C 84 -11.95 -11.45 5.08
C HIS C 84 -13.25 -11.14 5.82
N PHE C 85 -13.23 -10.08 6.64
CA PHE C 85 -14.37 -9.69 7.45
C PHE C 85 -15.63 -9.57 6.59
N ASN C 86 -15.48 -8.97 5.41
CA ASN C 86 -16.57 -8.81 4.46
C ASN C 86 -17.03 -10.18 3.99
N ARG C 87 -16.14 -10.94 3.36
CA ARG C 87 -16.40 -12.27 2.82
C ARG C 87 -17.07 -13.21 3.84
N PHE C 88 -16.63 -13.18 5.10
CA PHE C 88 -17.09 -14.10 6.14
C PHE C 88 -18.16 -13.54 7.07
N HIS C 89 -18.32 -12.21 7.17
CA HIS C 89 -19.24 -11.59 8.12
C HIS C 89 -20.06 -10.50 7.43
N ASN C 90 -19.42 -9.43 6.93
CA ASN C 90 -20.13 -8.35 6.25
C ASN C 90 -20.46 -8.74 4.81
N ILE C 91 -21.21 -9.81 4.65
CA ILE C 91 -21.66 -10.30 3.35
C ILE C 91 -22.78 -9.37 2.87
N LYS C 92 -23.61 -8.89 3.79
CA LYS C 92 -24.68 -7.95 3.47
C LYS C 92 -24.08 -6.65 2.93
ZN ZN D . -0.09 11.56 -15.67
ZN ZN E . 11.58 -6.26 1.51
ZN ZN F . -13.45 -13.35 10.79
N MET C 1 -4.06 21.63 0.58
CA MET C 1 -2.70 21.39 0.14
C MET C 1 -2.57 21.79 -1.34
N LYS C 2 -1.36 22.17 -1.77
CA LYS C 2 -1.09 22.56 -3.14
C LYS C 2 -0.87 21.28 -3.95
N ARG C 3 -1.90 20.85 -4.68
CA ARG C 3 -1.84 19.65 -5.49
C ARG C 3 -0.70 19.76 -6.51
N TYR C 4 0.23 18.81 -6.47
CA TYR C 4 1.32 18.70 -7.42
C TYR C 4 0.70 18.07 -8.68
N ILE C 5 0.94 18.69 -9.84
CA ILE C 5 0.36 18.27 -11.11
C ILE C 5 1.34 17.38 -11.89
N CYS C 6 0.79 16.38 -12.58
CA CYS C 6 1.51 15.45 -13.41
C CYS C 6 2.22 16.17 -14.55
N SER C 7 3.55 16.00 -14.62
CA SER C 7 4.45 16.60 -15.60
C SER C 7 3.91 16.52 -17.02
N PHE C 8 3.32 15.37 -17.38
CA PHE C 8 2.73 15.12 -18.69
C PHE C 8 1.40 15.87 -18.81
N ALA C 9 1.46 17.21 -18.75
CA ALA C 9 0.36 18.18 -18.78
C ALA C 9 -1.00 17.63 -19.22
N ASP C 10 -1.11 17.21 -20.48
CA ASP C 10 -2.32 16.67 -21.10
C ASP C 10 -3.08 15.69 -20.20
N CYS C 11 -2.34 14.87 -19.45
CA CYS C 11 -2.87 13.90 -18.52
C CYS C 11 -3.85 14.53 -17.50
N GLY C 12 -3.57 15.76 -17.08
CA GLY C 12 -4.41 16.52 -16.15
C GLY C 12 -4.59 15.85 -14.79
N ALA C 13 -3.65 15.01 -14.37
CA ALA C 13 -3.69 14.36 -13.06
C ALA C 13 -2.96 15.24 -12.05
N ALA C 14 -3.41 15.26 -10.80
CA ALA C 14 -2.80 16.06 -9.76
C ALA C 14 -3.08 15.42 -8.40
N TYR C 15 -2.16 15.53 -7.43
CA TYR C 15 -2.33 14.94 -6.11
C TYR C 15 -1.64 15.79 -5.04
N ASN C 16 -2.14 15.72 -3.80
CA ASN C 16 -1.64 16.48 -2.67
C ASN C 16 -0.30 15.93 -2.15
N LYS C 17 -0.21 14.61 -1.94
CA LYS C 17 1.01 14.01 -1.42
C LYS C 17 1.98 13.72 -2.56
N ASN C 18 3.25 14.13 -2.41
CA ASN C 18 4.27 13.87 -3.42
C ASN C 18 4.33 12.39 -3.78
N TRP C 19 4.31 11.50 -2.77
CA TRP C 19 4.35 10.05 -2.97
C TRP C 19 3.19 9.58 -3.86
N LYS C 20 2.01 10.18 -3.71
CA LYS C 20 0.85 9.83 -4.50
C LYS C 20 1.16 10.19 -5.95
N LEU C 21 1.66 11.40 -6.18
CA LEU C 21 2.05 11.79 -7.52
C LEU C 21 3.15 10.88 -8.04
N GLN C 22 4.11 10.46 -7.21
CA GLN C 22 5.17 9.55 -7.67
C GLN C 22 4.54 8.25 -8.16
N ALA C 23 3.63 7.68 -7.37
CA ALA C 23 2.92 6.47 -7.74
C ALA C 23 2.23 6.68 -9.08
N HIS C 24 1.53 7.80 -9.27
CA HIS C 24 0.94 8.08 -10.57
C HIS C 24 2.02 8.12 -11.67
N LEU C 25 3.03 8.97 -11.50
CA LEU C 25 4.12 9.15 -12.45
C LEU C 25 4.79 7.84 -12.82
N SER C 26 4.85 6.87 -11.90
CA SER C 26 5.47 5.58 -12.21
C SER C 26 4.86 4.96 -13.48
N LYS C 27 3.57 5.21 -13.76
CA LYS C 27 2.91 4.72 -14.96
C LYS C 27 3.63 5.19 -16.23
N HIS C 28 4.06 6.45 -16.23
CA HIS C 28 4.70 7.07 -17.39
C HIS C 28 6.21 6.85 -17.37
N THR C 29 6.83 7.12 -16.22
CA THR C 29 8.27 7.11 -16.03
C THR C 29 8.86 5.72 -15.78
N GLY C 30 8.10 4.82 -15.16
CA GLY C 30 8.61 3.52 -14.74
C GLY C 30 9.46 3.65 -13.47
N GLU C 31 9.53 4.83 -12.85
CA GLU C 31 10.34 5.04 -11.65
C GLU C 31 9.62 4.51 -10.42
N LYS C 32 10.38 3.96 -9.47
CA LYS C 32 9.88 3.44 -8.20
C LYS C 32 10.80 3.99 -7.09
N PRO C 33 10.62 5.26 -6.70
CA PRO C 33 11.47 5.99 -5.76
C PRO C 33 11.82 5.32 -4.42
N PHE C 34 11.03 4.37 -3.93
CA PHE C 34 11.24 3.74 -2.63
C PHE C 34 11.60 2.26 -2.79
N PRO C 35 12.86 1.93 -3.12
CA PRO C 35 13.30 0.55 -3.25
C PRO C 35 13.46 -0.09 -1.87
N CYS C 36 13.22 -1.40 -1.79
CA CYS C 36 13.41 -2.18 -0.58
C CYS C 36 14.90 -2.54 -0.52
N LYS C 37 15.53 -2.24 0.61
CA LYS C 37 16.98 -2.37 0.78
C LYS C 37 17.46 -3.81 0.99
N GLU C 38 16.55 -4.78 1.16
CA GLU C 38 16.95 -6.15 1.37
C GLU C 38 17.65 -6.70 0.12
N GLU C 39 18.90 -7.13 0.29
CA GLU C 39 19.75 -7.66 -0.77
C GLU C 39 19.27 -9.04 -1.23
N GLY C 40 18.11 -9.05 -1.90
CA GLY C 40 17.44 -10.24 -2.42
C GLY C 40 16.01 -9.82 -2.71
N CYS C 41 15.30 -9.41 -1.66
CA CYS C 41 13.97 -8.84 -1.73
C CYS C 41 14.10 -7.37 -2.16
N GLU C 42 14.75 -7.15 -3.31
CA GLU C 42 14.99 -5.82 -3.85
C GLU C 42 13.74 -5.33 -4.58
N LYS C 43 12.65 -5.17 -3.83
CA LYS C 43 11.39 -4.68 -4.35
C LYS C 43 11.55 -3.20 -4.74
N GLY C 44 10.64 -2.69 -5.57
CA GLY C 44 10.60 -1.30 -5.99
C GLY C 44 9.23 -0.76 -5.63
N PHE C 45 9.11 0.05 -4.57
CA PHE C 45 7.85 0.65 -4.18
C PHE C 45 7.85 2.13 -4.60
N THR C 46 6.67 2.65 -4.92
CA THR C 46 6.51 4.02 -5.37
C THR C 46 6.23 4.98 -4.22
N SER C 47 6.07 4.48 -2.98
CA SER C 47 5.80 5.33 -1.84
C SER C 47 6.34 4.70 -0.56
N LEU C 48 6.85 5.56 0.34
CA LEU C 48 7.34 5.15 1.64
C LEU C 48 6.25 4.39 2.37
N HIS C 49 5.01 4.88 2.28
CA HIS C 49 3.88 4.25 2.94
C HIS C 49 3.78 2.77 2.50
N HIS C 50 3.81 2.54 1.18
CA HIS C 50 3.68 1.18 0.68
C HIS C 50 4.85 0.34 1.17
N LEU C 51 6.06 0.90 1.12
CA LEU C 51 7.25 0.23 1.62
C LEU C 51 7.07 -0.14 3.10
N THR C 52 6.49 0.77 3.89
CA THR C 52 6.24 0.56 5.31
C THR C 52 5.32 -0.65 5.50
N ARG C 53 4.14 -0.67 4.86
CA ARG C 53 3.26 -1.83 5.02
C ARG C 53 3.94 -3.10 4.49
N HIS C 54 4.65 -3.02 3.36
CA HIS C 54 5.40 -4.16 2.84
C HIS C 54 6.33 -4.71 3.92
N SER C 55 7.05 -3.83 4.63
CA SER C 55 7.96 -4.22 5.70
C SER C 55 7.28 -5.09 6.78
N LEU C 56 5.96 -5.02 6.94
CA LEU C 56 5.23 -5.87 7.90
C LEU C 56 5.56 -7.34 7.65
N THR C 57 5.78 -7.72 6.38
CA THR C 57 6.11 -9.09 6.01
C THR C 57 7.46 -9.50 6.58
N HIS C 58 8.40 -8.55 6.73
CA HIS C 58 9.74 -8.79 7.22
C HIS C 58 9.72 -8.88 8.74
N THR C 59 9.07 -7.91 9.38
CA THR C 59 8.95 -7.89 10.82
C THR C 59 8.02 -9.01 11.30
N GLY C 60 7.11 -9.46 10.43
CA GLY C 60 6.15 -10.50 10.73
C GLY C 60 5.04 -9.95 11.62
N GLU C 61 4.71 -8.67 11.46
CA GLU C 61 3.68 -8.00 12.27
C GLU C 61 2.26 -8.33 11.79
N LYS C 62 2.02 -9.62 11.53
CA LYS C 62 0.76 -10.17 11.06
C LYS C 62 -0.20 -10.30 12.25
N ASN C 63 -0.62 -9.15 12.82
CA ASN C 63 -1.43 -9.07 14.03
C ASN C 63 -2.86 -8.59 13.80
N PHE C 64 -3.29 -8.34 12.55
CA PHE C 64 -4.61 -7.77 12.33
C PHE C 64 -5.68 -8.84 12.52
N THR C 65 -6.06 -8.99 13.78
CA THR C 65 -6.94 -10.01 14.30
C THR C 65 -8.40 -9.73 13.96
N CYS C 66 -9.02 -10.66 13.24
CA CYS C 66 -10.44 -10.65 12.92
C CYS C 66 -11.23 -10.64 14.22
N ASP C 67 -12.03 -9.61 14.44
CA ASP C 67 -12.84 -9.49 15.65
C ASP C 67 -14.04 -10.44 15.57
N SER C 68 -13.77 -11.74 15.70
CA SER C 68 -14.76 -12.80 15.69
C SER C 68 -14.19 -13.95 16.52
N ASP C 69 -14.86 -14.29 17.63
CA ASP C 69 -14.44 -15.37 18.51
C ASP C 69 -14.25 -16.66 17.70
N GLY C 70 -13.22 -17.43 18.00
CA GLY C 70 -12.89 -18.65 17.28
C GLY C 70 -12.17 -18.28 15.99
N CYS C 71 -12.84 -17.51 15.12
CA CYS C 71 -12.27 -17.03 13.86
C CYS C 71 -11.35 -15.83 14.14
N ASP C 72 -10.43 -15.96 15.10
CA ASP C 72 -9.49 -14.90 15.45
C ASP C 72 -8.30 -14.95 14.51
N LEU C 73 -8.58 -14.92 13.19
CA LEU C 73 -7.55 -14.97 12.16
C LEU C 73 -6.75 -13.67 12.18
N ARG C 74 -5.42 -13.75 12.29
CA ARG C 74 -4.54 -12.59 12.30
C ARG C 74 -3.97 -12.36 10.91
N PHE C 75 -4.23 -11.19 10.33
CA PHE C 75 -3.86 -10.84 8.96
C PHE C 75 -2.74 -9.80 8.90
N THR C 76 -2.26 -9.54 7.67
CA THR C 76 -1.18 -8.64 7.31
C THR C 76 -1.54 -7.16 7.44
N THR C 77 -2.68 -6.70 6.91
CA THR C 77 -3.10 -5.30 7.02
C THR C 77 -4.59 -5.25 7.37
N LYS C 78 -5.04 -4.11 7.91
CA LYS C 78 -6.45 -3.94 8.21
C LYS C 78 -7.29 -4.12 6.95
N ALA C 79 -6.80 -3.81 5.75
CA ALA C 79 -7.61 -4.03 4.56
C ALA C 79 -7.89 -5.51 4.35
N ASN C 80 -6.91 -6.39 4.62
CA ASN C 80 -7.14 -7.83 4.51
C ASN C 80 -8.25 -8.20 5.50
N MET C 81 -8.13 -7.69 6.73
CA MET C 81 -9.11 -7.90 7.79
C MET C 81 -10.50 -7.45 7.36
N LYS C 82 -10.63 -6.23 6.85
CA LYS C 82 -11.89 -5.68 6.39
C LYS C 82 -12.46 -6.56 5.29
N LYS C 83 -11.69 -6.83 4.24
CA LYS C 83 -12.12 -7.69 3.14
C LYS C 83 -12.64 -9.03 3.67
N HIS C 84 -11.85 -9.72 4.50
CA HIS C 84 -12.28 -10.98 5.08
C HIS C 84 -13.59 -10.79 5.84
N PHE C 85 -13.62 -9.84 6.77
CA PHE C 85 -14.79 -9.58 7.60
C PHE C 85 -16.02 -9.37 6.75
N ASN C 86 -15.88 -8.57 5.69
CA ASN C 86 -16.93 -8.30 4.73
C ASN C 86 -17.38 -9.63 4.12
N ARG C 87 -16.46 -10.25 3.37
CA ARG C 87 -16.61 -11.50 2.65
C ARG C 87 -17.25 -12.61 3.49
N PHE C 88 -16.91 -12.69 4.78
CA PHE C 88 -17.40 -13.72 5.69
C PHE C 88 -18.55 -13.24 6.57
N HIS C 89 -18.26 -12.34 7.53
CA HIS C 89 -19.20 -11.97 8.57
C HIS C 89 -20.27 -11.00 8.09
N ASN C 90 -19.92 -10.05 7.22
CA ASN C 90 -20.93 -9.10 6.74
C ASN C 90 -21.82 -9.79 5.72
N ILE C 91 -21.26 -10.69 4.90
CA ILE C 91 -22.06 -11.41 3.90
C ILE C 91 -22.88 -12.50 4.60
N LYS C 92 -22.26 -13.39 5.37
CA LYS C 92 -23.00 -14.44 6.05
C LYS C 92 -23.68 -13.84 7.28
ZN ZN D . -0.13 11.37 -15.69
ZN ZN E . 11.12 -6.32 1.16
ZN ZN F . -13.49 -13.89 10.61
N MET C 1 -4.98 23.51 -0.08
CA MET C 1 -4.57 22.17 -0.44
C MET C 1 -4.44 22.07 -1.97
N LYS C 2 -3.58 22.88 -2.57
CA LYS C 2 -3.36 22.84 -4.02
C LYS C 2 -2.62 21.54 -4.36
N ARG C 3 -3.23 20.65 -5.13
CA ARG C 3 -2.58 19.42 -5.53
C ARG C 3 -1.37 19.71 -6.42
N TYR C 4 -0.34 18.85 -6.34
CA TYR C 4 0.80 18.88 -7.25
C TYR C 4 0.29 18.23 -8.54
N ILE C 5 0.56 18.83 -9.70
CA ILE C 5 0.08 18.33 -10.98
C ILE C 5 1.12 17.46 -11.66
N CYS C 6 0.65 16.40 -12.34
CA CYS C 6 1.44 15.45 -13.10
C CYS C 6 2.24 16.16 -14.19
N SER C 7 3.55 15.91 -14.22
CA SER C 7 4.52 16.47 -15.14
C SER C 7 4.01 16.49 -16.59
N PHE C 8 3.42 15.39 -17.02
CA PHE C 8 2.86 15.23 -18.37
C PHE C 8 1.55 16.00 -18.47
N ALA C 9 1.60 17.33 -18.33
CA ALA C 9 0.51 18.30 -18.33
C ALA C 9 -0.83 17.78 -18.86
N ASP C 10 -0.89 17.41 -20.15
CA ASP C 10 -2.07 16.90 -20.85
C ASP C 10 -2.87 15.89 -20.03
N CYS C 11 -2.17 15.04 -19.28
CA CYS C 11 -2.74 14.02 -18.40
C CYS C 11 -3.76 14.61 -17.42
N GLY C 12 -3.52 15.83 -16.93
CA GLY C 12 -4.41 16.54 -16.03
C GLY C 12 -4.61 15.84 -14.68
N ALA C 13 -3.69 14.94 -14.29
CA ALA C 13 -3.76 14.26 -13.01
C ALA C 13 -3.07 15.14 -11.97
N ALA C 14 -3.55 15.13 -10.73
CA ALA C 14 -2.98 15.95 -9.68
C ALA C 14 -3.22 15.29 -8.32
N TYR C 15 -2.25 15.34 -7.40
CA TYR C 15 -2.35 14.75 -6.06
C TYR C 15 -1.59 15.63 -5.07
N ASN C 16 -2.06 15.74 -3.83
CA ASN C 16 -1.44 16.61 -2.83
C ASN C 16 -0.17 16.00 -2.21
N LYS C 17 -0.16 14.68 -1.99
CA LYS C 17 1.02 14.03 -1.42
C LYS C 17 2.01 13.66 -2.53
N ASN C 18 3.28 14.03 -2.35
CA ASN C 18 4.32 13.75 -3.34
C ASN C 18 4.37 12.26 -3.68
N TRP C 19 4.44 11.39 -2.68
CA TRP C 19 4.48 9.94 -2.87
C TRP C 19 3.31 9.47 -3.75
N LYS C 20 2.12 10.04 -3.52
CA LYS C 20 0.92 9.67 -4.25
C LYS C 20 1.08 10.11 -5.70
N LEU C 21 1.57 11.33 -5.92
CA LEU C 21 1.83 11.81 -7.26
C LEU C 21 2.89 10.92 -7.93
N GLN C 22 3.93 10.51 -7.19
CA GLN C 22 4.98 9.64 -7.72
C GLN C 22 4.36 8.30 -8.13
N ALA C 23 3.52 7.74 -7.26
CA ALA C 23 2.82 6.50 -7.54
C ALA C 23 2.09 6.66 -8.87
N HIS C 24 1.33 7.74 -9.03
CA HIS C 24 0.71 8.01 -10.33
C HIS C 24 1.77 8.02 -11.45
N LEU C 25 2.80 8.85 -11.29
CA LEU C 25 3.86 8.99 -12.29
C LEU C 25 4.46 7.65 -12.68
N SER C 26 4.55 6.67 -11.76
CA SER C 26 5.09 5.35 -12.09
C SER C 26 4.46 4.78 -13.36
N LYS C 27 3.18 5.09 -13.64
CA LYS C 27 2.51 4.65 -14.86
C LYS C 27 3.30 5.08 -16.11
N HIS C 28 3.82 6.31 -16.09
CA HIS C 28 4.54 6.91 -17.20
C HIS C 28 6.04 6.64 -17.11
N THR C 29 6.62 6.88 -15.92
CA THR C 29 8.07 6.87 -15.71
C THR C 29 8.63 5.53 -15.24
N GLY C 30 7.80 4.66 -14.65
CA GLY C 30 8.28 3.43 -14.06
C GLY C 30 9.07 3.67 -12.78
N GLU C 31 9.02 4.89 -12.21
CA GLU C 31 9.75 5.21 -10.99
C GLU C 31 9.03 4.61 -9.79
N LYS C 32 9.80 4.02 -8.86
CA LYS C 32 9.30 3.43 -7.62
C LYS C 32 10.19 3.96 -6.48
N PRO C 33 9.93 5.18 -6.00
CA PRO C 33 10.74 5.90 -5.02
C PRO C 33 11.19 5.16 -3.75
N PHE C 34 10.48 4.13 -3.30
CA PHE C 34 10.75 3.45 -2.05
C PHE C 34 11.27 2.02 -2.30
N PRO C 35 12.56 1.83 -2.61
CA PRO C 35 13.12 0.51 -2.82
C PRO C 35 13.33 -0.24 -1.49
N CYS C 36 13.16 -1.56 -1.49
CA CYS C 36 13.39 -2.40 -0.32
C CYS C 36 14.90 -2.66 -0.12
N LYS C 37 15.68 -2.64 -1.21
CA LYS C 37 17.13 -2.79 -1.24
C LYS C 37 17.67 -4.16 -0.81
N GLU C 38 17.02 -4.87 0.11
CA GLU C 38 17.43 -6.16 0.62
C GLU C 38 17.86 -7.10 -0.51
N GLU C 39 18.94 -7.86 -0.27
CA GLU C 39 19.49 -8.83 -1.21
C GLU C 39 18.38 -9.75 -1.69
N GLY C 40 18.25 -9.92 -3.01
CA GLY C 40 17.20 -10.72 -3.60
C GLY C 40 15.88 -9.95 -3.58
N CYS C 41 15.39 -9.60 -2.40
CA CYS C 41 14.14 -8.86 -2.22
C CYS C 41 14.35 -7.37 -2.51
N GLU C 42 14.95 -7.03 -3.65
CA GLU C 42 15.18 -5.66 -4.06
C GLU C 42 13.90 -5.15 -4.73
N LYS C 43 12.83 -5.09 -3.95
CA LYS C 43 11.52 -4.61 -4.40
C LYS C 43 11.59 -3.09 -4.64
N GLY C 44 10.62 -2.57 -5.38
CA GLY C 44 10.47 -1.16 -5.69
C GLY C 44 9.05 -0.74 -5.32
N PHE C 45 8.87 -0.06 -4.19
CA PHE C 45 7.56 0.40 -3.74
C PHE C 45 7.35 1.87 -4.14
N THR C 46 6.11 2.24 -4.43
CA THR C 46 5.75 3.59 -4.83
C THR C 46 5.39 4.49 -3.65
N SER C 47 5.28 3.94 -2.43
CA SER C 47 4.98 4.76 -1.26
C SER C 47 5.65 4.21 0.00
N LEU C 48 5.90 5.11 0.95
CA LEU C 48 6.45 4.77 2.25
C LEU C 48 5.51 3.78 2.93
N HIS C 49 4.20 3.99 2.81
CA HIS C 49 3.21 3.09 3.37
C HIS C 49 3.42 1.68 2.81
N HIS C 50 3.51 1.55 1.49
CA HIS C 50 3.68 0.24 0.88
C HIS C 50 4.96 -0.41 1.38
N LEU C 51 6.04 0.36 1.50
CA LEU C 51 7.28 -0.16 2.05
C LEU C 51 7.07 -0.64 3.50
N THR C 52 6.39 0.17 4.32
CA THR C 52 6.11 -0.13 5.71
C THR C 52 5.29 -1.41 5.84
N ARG C 53 4.14 -1.49 5.16
CA ARG C 53 3.31 -2.69 5.24
C ARG C 53 4.10 -3.89 4.70
N HIS C 54 4.86 -3.72 3.61
CA HIS C 54 5.70 -4.78 3.09
C HIS C 54 6.65 -5.27 4.19
N SER C 55 7.24 -4.36 4.95
CA SER C 55 8.15 -4.74 6.04
C SER C 55 7.46 -5.66 7.07
N LEU C 56 6.13 -5.66 7.15
CA LEU C 56 5.42 -6.58 8.04
C LEU C 56 5.71 -8.02 7.61
N THR C 57 5.94 -8.28 6.32
CA THR C 57 6.25 -9.61 5.82
C THR C 57 7.63 -10.08 6.30
N HIS C 58 8.59 -9.16 6.42
CA HIS C 58 9.93 -9.48 6.90
C HIS C 58 9.90 -9.66 8.41
N THR C 59 9.31 -8.70 9.12
CA THR C 59 9.23 -8.74 10.57
C THR C 59 8.27 -9.84 11.06
N GLY C 60 7.28 -10.20 10.24
CA GLY C 60 6.27 -11.20 10.56
C GLY C 60 5.19 -10.61 11.48
N GLU C 61 5.05 -9.27 11.50
CA GLU C 61 4.10 -8.58 12.37
C GLU C 61 2.67 -8.62 11.82
N LYS C 62 2.17 -9.84 11.61
CA LYS C 62 0.83 -10.15 11.12
C LYS C 62 -0.16 -9.95 12.27
N ASN C 63 -0.42 -8.69 12.65
CA ASN C 63 -1.22 -8.36 13.83
C ASN C 63 -2.64 -7.85 13.59
N PHE C 64 -3.09 -7.68 12.34
CA PHE C 64 -4.42 -7.11 12.13
C PHE C 64 -5.47 -8.17 12.42
N THR C 65 -5.84 -8.25 13.69
CA THR C 65 -6.71 -9.24 14.27
C THR C 65 -8.18 -8.94 13.96
N CYS C 66 -8.86 -9.87 13.27
CA CYS C 66 -10.28 -9.77 12.99
C CYS C 66 -11.02 -9.76 14.32
N ASP C 67 -11.70 -8.66 14.63
CA ASP C 67 -12.45 -8.52 15.88
C ASP C 67 -13.73 -9.35 15.80
N SER C 68 -13.58 -10.68 15.89
CA SER C 68 -14.66 -11.64 15.83
C SER C 68 -14.26 -12.80 16.74
N ASP C 69 -14.97 -13.00 17.85
CA ASP C 69 -14.68 -14.04 18.84
C ASP C 69 -14.49 -15.40 18.17
N GLY C 70 -13.41 -16.11 18.49
CA GLY C 70 -13.10 -17.39 17.90
C GLY C 70 -12.41 -17.16 16.55
N CYS C 71 -13.06 -16.42 15.66
CA CYS C 71 -12.55 -16.05 14.34
C CYS C 71 -11.54 -14.90 14.49
N ASP C 72 -10.63 -14.99 15.47
CA ASP C 72 -9.62 -13.97 15.72
C ASP C 72 -8.42 -14.19 14.80
N LEU C 73 -8.68 -14.32 13.50
CA LEU C 73 -7.63 -14.50 12.50
C LEU C 73 -6.83 -13.20 12.42
N ARG C 74 -5.49 -13.32 12.36
CA ARG C 74 -4.59 -12.19 12.29
C ARG C 74 -4.11 -12.04 10.85
N PHE C 75 -4.29 -10.85 10.27
CA PHE C 75 -3.97 -10.55 8.88
C PHE C 75 -2.74 -9.65 8.75
N THR C 76 -2.17 -9.65 7.55
CA THR C 76 -0.98 -8.90 7.18
C THR C 76 -1.25 -7.39 7.17
N THR C 77 -2.38 -6.95 6.60
CA THR C 77 -2.72 -5.54 6.50
C THR C 77 -4.16 -5.31 6.97
N LYS C 78 -4.45 -4.05 7.31
CA LYS C 78 -5.79 -3.66 7.70
C LYS C 78 -6.76 -3.95 6.55
N ALA C 79 -6.40 -3.61 5.32
CA ALA C 79 -7.29 -3.87 4.21
C ALA C 79 -7.49 -5.37 4.00
N ASN C 80 -6.47 -6.21 4.22
CA ASN C 80 -6.65 -7.66 4.14
C ASN C 80 -7.66 -8.10 5.22
N MET C 81 -7.48 -7.59 6.45
CA MET C 81 -8.41 -7.84 7.55
C MET C 81 -9.83 -7.44 7.11
N LYS C 82 -9.98 -6.25 6.54
CA LYS C 82 -11.27 -5.76 6.06
C LYS C 82 -11.83 -6.67 4.97
N LYS C 83 -11.04 -7.06 3.96
CA LYS C 83 -11.50 -7.97 2.92
C LYS C 83 -12.07 -9.23 3.56
N HIS C 84 -11.31 -9.85 4.47
CA HIS C 84 -11.79 -11.03 5.18
C HIS C 84 -13.11 -10.72 5.90
N PHE C 85 -13.13 -9.66 6.72
CA PHE C 85 -14.28 -9.27 7.50
C PHE C 85 -15.51 -9.11 6.61
N ASN C 86 -15.30 -8.45 5.46
CA ASN C 86 -16.33 -8.24 4.46
C ASN C 86 -16.82 -9.61 3.98
N ARG C 87 -15.92 -10.35 3.35
CA ARG C 87 -16.15 -11.66 2.75
C ARG C 87 -16.90 -12.61 3.71
N PHE C 88 -16.47 -12.69 4.97
CA PHE C 88 -17.02 -13.62 5.96
C PHE C 88 -18.19 -13.09 6.79
N HIS C 89 -18.21 -11.80 7.13
CA HIS C 89 -19.21 -11.25 8.04
C HIS C 89 -20.15 -10.25 7.38
N ASN C 90 -19.66 -9.39 6.48
CA ASN C 90 -20.55 -8.40 5.85
C ASN C 90 -21.39 -9.04 4.75
N ILE C 91 -20.78 -9.87 3.89
CA ILE C 91 -21.47 -10.53 2.79
C ILE C 91 -21.49 -12.06 2.94
N LYS C 92 -20.74 -12.61 3.90
CA LYS C 92 -20.67 -14.05 4.14
C LYS C 92 -20.40 -14.81 2.83
ZN ZN D . -0.09 11.39 -15.50
ZN ZN E . 11.48 -6.84 1.11
ZN ZN F . -13.52 -12.97 10.84
N MET C 1 -1.32 22.43 0.49
CA MET C 1 -2.32 23.19 -0.25
C MET C 1 -2.11 22.99 -1.75
N LYS C 2 -0.88 23.18 -2.22
CA LYS C 2 -0.49 23.00 -3.61
C LYS C 2 -0.56 21.52 -3.98
N ARG C 3 -1.01 21.21 -5.21
CA ARG C 3 -1.07 19.84 -5.71
C ARG C 3 0.06 19.63 -6.72
N TYR C 4 0.74 18.48 -6.64
CA TYR C 4 1.67 18.06 -7.67
C TYR C 4 0.77 17.49 -8.77
N ILE C 5 1.03 17.82 -10.03
CA ILE C 5 0.21 17.42 -11.16
C ILE C 5 0.94 16.39 -12.02
N CYS C 6 0.20 15.41 -12.54
CA CYS C 6 0.69 14.37 -13.40
C CYS C 6 1.14 15.00 -14.73
N SER C 7 2.44 14.91 -15.02
CA SER C 7 3.11 15.47 -16.17
C SER C 7 2.42 15.16 -17.51
N PHE C 8 1.80 13.99 -17.63
CA PHE C 8 1.14 13.52 -18.85
C PHE C 8 -0.19 14.23 -19.11
N ALA C 9 -0.15 15.57 -19.20
CA ALA C 9 -1.24 16.52 -19.45
C ALA C 9 -2.66 15.95 -19.43
N ASP C 10 -3.06 15.27 -20.51
CA ASP C 10 -4.40 14.68 -20.68
C ASP C 10 -4.84 13.90 -19.46
N CYS C 11 -3.92 13.15 -18.86
CA CYS C 11 -4.12 12.40 -17.63
C CYS C 11 -3.90 13.37 -16.49
N GLY C 12 -4.87 14.28 -16.42
CA GLY C 12 -4.94 15.41 -15.51
C GLY C 12 -5.17 15.00 -14.05
N ALA C 13 -4.32 14.10 -13.55
CA ALA C 13 -4.36 13.67 -12.16
C ALA C 13 -3.51 14.64 -11.34
N ALA C 14 -3.88 14.92 -10.09
CA ALA C 14 -3.16 15.85 -9.25
C ALA C 14 -3.39 15.48 -7.79
N TYR C 15 -2.37 15.61 -6.94
CA TYR C 15 -2.48 15.27 -5.52
C TYR C 15 -1.52 16.12 -4.69
N ASN C 16 -1.90 16.46 -3.45
CA ASN C 16 -1.06 17.24 -2.55
C ASN C 16 0.13 16.42 -2.08
N LYS C 17 -0.08 15.12 -1.80
CA LYS C 17 0.97 14.27 -1.29
C LYS C 17 1.92 13.82 -2.39
N ASN C 18 3.15 14.33 -2.32
CA ASN C 18 4.27 14.02 -3.20
C ASN C 18 4.30 12.54 -3.52
N TRP C 19 4.39 11.69 -2.48
CA TRP C 19 4.43 10.24 -2.61
C TRP C 19 3.27 9.68 -3.43
N LYS C 20 2.06 10.21 -3.25
CA LYS C 20 0.88 9.75 -3.97
C LYS C 20 1.07 10.08 -5.45
N LEU C 21 1.49 11.31 -5.75
CA LEU C 21 1.77 11.70 -7.12
C LEU C 21 2.91 10.85 -7.69
N GLN C 22 3.95 10.54 -6.90
CA GLN C 22 5.03 9.66 -7.38
C GLN C 22 4.44 8.30 -7.75
N ALA C 23 3.63 7.73 -6.85
CA ALA C 23 2.97 6.45 -7.06
C ALA C 23 2.15 6.50 -8.34
N HIS C 24 1.42 7.60 -8.57
CA HIS C 24 0.69 7.77 -9.80
C HIS C 24 1.66 7.77 -11.00
N LEU C 25 2.64 8.68 -11.01
CA LEU C 25 3.61 8.79 -12.10
C LEU C 25 4.27 7.46 -12.40
N SER C 26 4.56 6.65 -11.38
CA SER C 26 5.21 5.37 -11.56
C SER C 26 4.46 4.48 -12.56
N LYS C 27 3.13 4.62 -12.63
CA LYS C 27 2.32 3.85 -13.58
C LYS C 27 2.81 4.09 -15.01
N HIS C 28 3.23 5.32 -15.31
CA HIS C 28 3.70 5.71 -16.62
C HIS C 28 5.23 5.55 -16.74
N THR C 29 5.94 6.15 -15.78
CA THR C 29 7.39 6.27 -15.78
C THR C 29 8.13 5.01 -15.33
N GLY C 30 7.53 4.21 -14.46
CA GLY C 30 8.19 3.06 -13.86
C GLY C 30 9.16 3.50 -12.74
N GLU C 31 9.18 4.79 -12.37
CA GLU C 31 10.07 5.28 -11.32
C GLU C 31 9.46 4.94 -9.96
N LYS C 32 10.23 4.28 -9.08
CA LYS C 32 9.79 3.88 -7.74
C LYS C 32 10.79 4.41 -6.69
N PRO C 33 10.63 5.68 -6.26
CA PRO C 33 11.54 6.38 -5.35
C PRO C 33 11.92 5.72 -4.02
N PHE C 34 11.14 4.77 -3.50
CA PHE C 34 11.39 4.13 -2.23
C PHE C 34 11.81 2.66 -2.45
N PRO C 35 13.08 2.39 -2.81
CA PRO C 35 13.55 1.03 -3.00
C PRO C 35 13.73 0.33 -1.66
N CYS C 36 13.42 -0.97 -1.61
CA CYS C 36 13.61 -1.82 -0.45
C CYS C 36 15.06 -2.30 -0.53
N LYS C 37 16.01 -1.56 0.04
CA LYS C 37 17.44 -1.89 -0.04
C LYS C 37 17.85 -3.09 0.83
N GLU C 38 17.06 -4.16 0.77
CA GLU C 38 17.30 -5.43 1.44
C GLU C 38 18.01 -6.34 0.44
N GLU C 39 19.01 -7.10 0.89
CA GLU C 39 19.75 -8.02 0.04
C GLU C 39 18.76 -8.99 -0.62
N GLY C 40 18.83 -9.14 -1.94
CA GLY C 40 17.93 -10.02 -2.69
C GLY C 40 16.55 -9.39 -2.87
N CYS C 41 15.90 -8.99 -1.78
CA CYS C 41 14.57 -8.40 -1.77
C CYS C 41 14.62 -6.93 -2.20
N GLU C 42 15.24 -6.65 -3.36
CA GLU C 42 15.37 -5.32 -3.90
C GLU C 42 14.07 -4.87 -4.57
N LYS C 43 13.01 -4.72 -3.78
CA LYS C 43 11.71 -4.26 -4.25
C LYS C 43 11.80 -2.76 -4.57
N GLY C 44 10.83 -2.25 -5.31
CA GLY C 44 10.73 -0.85 -5.68
C GLY C 44 9.35 -0.34 -5.26
N PHE C 45 9.28 0.46 -4.21
CA PHE C 45 8.03 1.04 -3.74
C PHE C 45 8.00 2.54 -4.06
N THR C 46 6.81 3.11 -4.14
CA THR C 46 6.59 4.51 -4.47
C THR C 46 6.26 5.36 -3.24
N SER C 47 6.17 4.78 -2.06
CA SER C 47 5.93 5.54 -0.85
C SER C 47 6.49 4.80 0.36
N LEU C 48 6.89 5.59 1.36
CA LEU C 48 7.37 5.06 2.62
C LEU C 48 6.26 4.24 3.26
N HIS C 49 5.00 4.66 3.12
CA HIS C 49 3.88 3.93 3.68
C HIS C 49 3.80 2.53 3.07
N HIS C 50 3.90 2.40 1.74
CA HIS C 50 3.89 1.07 1.12
C HIS C 50 5.03 0.26 1.71
N LEU C 51 6.22 0.86 1.73
CA LEU C 51 7.41 0.20 2.25
C LEU C 51 7.19 -0.28 3.69
N THR C 52 6.52 0.53 4.50
CA THR C 52 6.18 0.18 5.87
C THR C 52 5.34 -1.09 5.90
N ARG C 53 4.23 -1.13 5.16
CA ARG C 53 3.42 -2.37 5.16
C ARG C 53 4.23 -3.54 4.60
N HIS C 54 5.02 -3.32 3.55
CA HIS C 54 5.86 -4.36 2.98
C HIS C 54 6.76 -4.94 4.06
N SER C 55 7.38 -4.09 4.87
CA SER C 55 8.25 -4.51 5.96
C SER C 55 7.54 -5.43 6.97
N LEU C 56 6.20 -5.48 7.00
CA LEU C 56 5.48 -6.42 7.86
C LEU C 56 5.88 -7.84 7.48
N THR C 57 6.15 -8.10 6.20
CA THR C 57 6.56 -9.44 5.76
C THR C 57 7.91 -9.83 6.37
N HIS C 58 8.80 -8.86 6.55
CA HIS C 58 10.15 -9.07 7.07
C HIS C 58 10.08 -9.23 8.58
N THR C 59 9.43 -8.27 9.25
CA THR C 59 9.30 -8.25 10.70
C THR C 59 8.37 -9.37 11.17
N GLY C 60 7.43 -9.80 10.33
CA GLY C 60 6.46 -10.84 10.64
C GLY C 60 5.31 -10.29 11.50
N GLU C 61 5.10 -8.97 11.49
CA GLU C 61 4.07 -8.32 12.29
C GLU C 61 2.67 -8.44 11.64
N LYS C 62 2.30 -9.67 11.32
CA LYS C 62 1.04 -10.08 10.71
C LYS C 62 -0.04 -10.09 11.81
N ASN C 63 -0.35 -8.91 12.36
CA ASN C 63 -1.22 -8.77 13.52
C ASN C 63 -2.65 -8.32 13.24
N PHE C 64 -3.05 -8.10 11.98
CA PHE C 64 -4.38 -7.58 11.72
C PHE C 64 -5.40 -8.69 11.90
N THR C 65 -5.76 -8.88 13.15
CA THR C 65 -6.65 -9.91 13.67
C THR C 65 -8.11 -9.55 13.41
N CYS C 66 -8.83 -10.39 12.68
CA CYS C 66 -10.27 -10.25 12.50
C CYS C 66 -10.87 -10.40 13.89
N ASP C 67 -11.36 -9.31 14.48
CA ASP C 67 -11.90 -9.32 15.83
C ASP C 67 -13.27 -10.02 15.83
N SER C 68 -13.26 -11.34 15.66
CA SER C 68 -14.42 -12.21 15.62
C SER C 68 -14.03 -13.48 16.37
N ASP C 69 -14.69 -13.76 17.50
CA ASP C 69 -14.39 -14.90 18.35
C ASP C 69 -14.30 -16.19 17.53
N GLY C 70 -13.23 -16.97 17.72
CA GLY C 70 -13.00 -18.20 16.97
C GLY C 70 -12.40 -17.85 15.61
N CYS C 71 -13.07 -17.00 14.84
CA CYS C 71 -12.62 -16.52 13.55
C CYS C 71 -11.56 -15.42 13.73
N ASP C 72 -10.60 -15.64 14.64
CA ASP C 72 -9.54 -14.70 14.94
C ASP C 72 -8.40 -14.85 13.92
N LEU C 73 -8.74 -14.79 12.63
CA LEU C 73 -7.77 -14.91 11.56
C LEU C 73 -6.88 -13.67 11.55
N ARG C 74 -5.56 -13.87 11.51
CA ARG C 74 -4.56 -12.82 11.53
C ARG C 74 -4.11 -12.55 10.10
N PHE C 75 -4.24 -11.31 9.62
CA PHE C 75 -3.91 -10.91 8.27
C PHE C 75 -2.68 -9.99 8.23
N THR C 76 -2.07 -9.91 7.05
CA THR C 76 -0.88 -9.11 6.79
C THR C 76 -1.17 -7.60 6.78
N THR C 77 -2.35 -7.18 6.34
CA THR C 77 -2.70 -5.77 6.29
C THR C 77 -4.13 -5.55 6.77
N LYS C 78 -4.41 -4.32 7.22
CA LYS C 78 -5.74 -3.92 7.62
C LYS C 78 -6.70 -4.15 6.46
N ALA C 79 -6.30 -3.79 5.25
CA ALA C 79 -7.15 -3.95 4.09
C ALA C 79 -7.43 -5.43 3.81
N ASN C 80 -6.43 -6.31 3.93
CA ASN C 80 -6.69 -7.75 3.78
C ASN C 80 -7.71 -8.20 4.84
N MET C 81 -7.50 -7.78 6.09
CA MET C 81 -8.43 -8.06 7.18
C MET C 81 -9.84 -7.59 6.81
N LYS C 82 -9.97 -6.35 6.32
CA LYS C 82 -11.25 -5.80 5.90
C LYS C 82 -11.85 -6.61 4.75
N LYS C 83 -11.09 -6.95 3.71
CA LYS C 83 -11.59 -7.75 2.61
C LYS C 83 -12.18 -9.05 3.16
N HIS C 84 -11.44 -9.74 4.03
CA HIS C 84 -11.97 -10.95 4.67
C HIS C 84 -13.27 -10.62 5.41
N PHE C 85 -13.24 -9.63 6.30
CA PHE C 85 -14.39 -9.24 7.10
C PHE C 85 -15.61 -9.00 6.20
N ASN C 86 -15.38 -8.31 5.09
CA ASN C 86 -16.40 -8.02 4.11
C ASN C 86 -16.94 -9.33 3.55
N ARG C 87 -16.07 -10.09 2.89
CA ARG C 87 -16.38 -11.37 2.26
C ARG C 87 -17.12 -12.36 3.19
N PHE C 88 -16.71 -12.44 4.45
CA PHE C 88 -17.21 -13.44 5.41
C PHE C 88 -18.27 -12.92 6.39
N HIS C 89 -18.39 -11.61 6.61
CA HIS C 89 -19.30 -11.06 7.61
C HIS C 89 -20.17 -9.97 7.00
N ASN C 90 -19.61 -9.01 6.28
CA ASN C 90 -20.43 -7.96 5.65
C ASN C 90 -21.07 -8.44 4.35
N ILE C 91 -21.74 -9.59 4.42
CA ILE C 91 -22.49 -10.24 3.35
C ILE C 91 -23.90 -10.60 3.85
N LYS C 92 -24.37 -9.95 4.92
CA LYS C 92 -25.71 -10.18 5.44
C LYS C 92 -26.75 -9.76 4.40
ZN ZN D . -1.22 10.04 -14.98
ZN ZN E . 11.50 -6.19 1.18
ZN ZN F . -13.65 -13.18 10.26
N MET C 1 -5.21 25.68 -3.05
CA MET C 1 -3.86 25.30 -2.68
C MET C 1 -3.20 24.62 -3.88
N LYS C 2 -1.86 24.60 -3.90
CA LYS C 2 -1.12 23.96 -4.98
C LYS C 2 -1.21 22.44 -4.80
N ARG C 3 -1.24 21.72 -5.93
CA ARG C 3 -1.19 20.27 -6.01
C ARG C 3 -0.08 19.99 -7.00
N TYR C 4 0.68 18.91 -6.80
CA TYR C 4 1.66 18.49 -7.79
C TYR C 4 0.83 17.82 -8.88
N ILE C 5 1.09 18.16 -10.15
CA ILE C 5 0.32 17.67 -11.28
C ILE C 5 1.17 16.67 -12.07
N CYS C 6 0.51 15.63 -12.57
CA CYS C 6 1.10 14.58 -13.37
C CYS C 6 1.68 15.18 -14.65
N SER C 7 3.00 15.03 -14.84
CA SER C 7 3.78 15.54 -15.95
C SER C 7 3.08 15.38 -17.30
N PHE C 8 2.46 14.21 -17.50
CA PHE C 8 1.72 13.86 -18.70
C PHE C 8 0.37 14.59 -18.68
N ALA C 9 0.41 15.93 -18.72
CA ALA C 9 -0.69 16.89 -18.65
C ALA C 9 -2.08 16.32 -18.90
N ASP C 10 -2.31 15.79 -20.11
CA ASP C 10 -3.58 15.21 -20.57
C ASP C 10 -4.23 14.29 -19.52
N CYS C 11 -3.41 13.54 -18.80
CA CYS C 11 -3.82 12.62 -17.74
C CYS C 11 -4.67 13.32 -16.68
N GLY C 12 -4.38 14.59 -16.38
CA GLY C 12 -5.13 15.40 -15.43
C GLY C 12 -5.08 14.92 -13.98
N ALA C 13 -4.14 14.03 -13.63
CA ALA C 13 -3.99 13.56 -12.26
C ALA C 13 -3.20 14.61 -11.47
N ALA C 14 -3.62 14.92 -10.24
CA ALA C 14 -2.96 15.92 -9.42
C ALA C 14 -3.21 15.62 -7.95
N TYR C 15 -2.22 15.83 -7.08
CA TYR C 15 -2.33 15.57 -5.63
C TYR C 15 -1.36 16.47 -4.88
N ASN C 16 -1.72 16.89 -3.65
CA ASN C 16 -0.84 17.70 -2.80
C ASN C 16 0.29 16.87 -2.21
N LYS C 17 0.03 15.58 -2.01
CA LYS C 17 1.00 14.67 -1.43
C LYS C 17 2.03 14.23 -2.47
N ASN C 18 3.28 14.68 -2.28
CA ASN C 18 4.41 14.34 -3.14
C ASN C 18 4.49 12.83 -3.33
N TRP C 19 4.48 12.06 -2.24
CA TRP C 19 4.54 10.61 -2.29
C TRP C 19 3.45 10.06 -3.23
N LYS C 20 2.23 10.62 -3.14
CA LYS C 20 1.09 10.19 -3.94
C LYS C 20 1.28 10.54 -5.41
N LEU C 21 1.68 11.78 -5.70
CA LEU C 21 1.91 12.18 -7.08
C LEU C 21 3.03 11.31 -7.68
N GLN C 22 4.13 11.10 -6.96
CA GLN C 22 5.19 10.18 -7.40
C GLN C 22 4.60 8.78 -7.62
N ALA C 23 3.80 8.30 -6.65
CA ALA C 23 3.13 7.02 -6.76
C ALA C 23 2.29 6.96 -8.04
N HIS C 24 1.70 8.08 -8.46
CA HIS C 24 0.96 8.11 -9.70
C HIS C 24 1.94 8.03 -10.88
N LEU C 25 2.93 8.94 -10.93
CA LEU C 25 3.96 8.96 -11.97
C LEU C 25 4.51 7.58 -12.26
N SER C 26 4.72 6.76 -11.24
CA SER C 26 5.26 5.41 -11.39
C SER C 26 4.64 4.66 -12.58
N LYS C 27 3.32 4.82 -12.79
CA LYS C 27 2.59 4.18 -13.87
C LYS C 27 3.24 4.45 -15.23
N HIS C 28 3.62 5.71 -15.47
CA HIS C 28 4.17 6.17 -16.73
C HIS C 28 5.70 6.05 -16.75
N THR C 29 6.33 6.55 -15.68
CA THR C 29 7.77 6.69 -15.55
C THR C 29 8.50 5.40 -15.14
N GLY C 30 7.82 4.52 -14.40
CA GLY C 30 8.46 3.35 -13.83
C GLY C 30 9.23 3.72 -12.55
N GLU C 31 9.05 4.94 -12.02
CA GLU C 31 9.74 5.37 -10.81
C GLU C 31 9.09 4.74 -9.59
N LYS C 32 9.89 4.14 -8.71
CA LYS C 32 9.43 3.53 -7.46
C LYS C 32 10.36 4.02 -6.35
N PRO C 33 10.14 5.24 -5.83
CA PRO C 33 11.00 5.91 -4.86
C PRO C 33 11.37 5.15 -3.59
N PHE C 34 10.55 4.20 -3.13
CA PHE C 34 10.78 3.49 -1.88
C PHE C 34 11.04 1.99 -2.10
N PRO C 35 12.21 1.59 -2.63
CA PRO C 35 12.57 0.19 -2.77
C PRO C 35 12.97 -0.39 -1.40
N CYS C 36 12.97 -1.71 -1.28
CA CYS C 36 13.29 -2.47 -0.08
C CYS C 36 14.80 -2.61 0.14
N LYS C 37 15.63 -2.30 -0.86
CA LYS C 37 17.10 -2.31 -0.80
C LYS C 37 17.72 -3.72 -0.75
N GLU C 38 17.19 -4.59 0.13
CA GLU C 38 17.69 -5.93 0.36
C GLU C 38 18.06 -6.68 -0.93
N GLU C 39 19.16 -7.43 -0.89
CA GLU C 39 19.65 -8.22 -2.01
C GLU C 39 18.53 -9.15 -2.47
N GLY C 40 18.25 -9.16 -3.78
CA GLY C 40 17.17 -9.95 -4.35
C GLY C 40 15.83 -9.26 -4.07
N CYS C 41 15.46 -9.15 -2.80
CA CYS C 41 14.24 -8.48 -2.39
C CYS C 41 14.44 -6.96 -2.41
N GLU C 42 14.78 -6.42 -3.58
CA GLU C 42 14.98 -4.99 -3.78
C GLU C 42 13.63 -4.30 -3.94
N LYS C 43 12.65 -5.02 -4.50
CA LYS C 43 11.28 -4.59 -4.72
C LYS C 43 11.23 -3.17 -5.31
N GLY C 44 10.21 -2.40 -4.96
CA GLY C 44 10.03 -1.05 -5.49
C GLY C 44 8.66 -0.54 -5.07
N PHE C 45 8.55 -0.02 -3.84
CA PHE C 45 7.30 0.54 -3.35
C PHE C 45 7.30 2.04 -3.62
N THR C 46 6.12 2.63 -3.75
CA THR C 46 5.94 4.03 -4.12
C THR C 46 5.82 4.98 -2.94
N SER C 47 5.72 4.48 -1.70
CA SER C 47 5.64 5.33 -0.52
C SER C 47 6.32 4.61 0.64
N LEU C 48 6.68 5.37 1.68
CA LEU C 48 7.32 4.81 2.86
C LEU C 48 6.33 3.87 3.54
N HIS C 49 5.06 4.26 3.61
CA HIS C 49 4.06 3.42 4.24
C HIS C 49 3.77 2.18 3.41
N HIS C 50 3.75 2.29 2.07
CA HIS C 50 3.62 1.11 1.21
C HIS C 50 4.77 0.15 1.56
N LEU C 51 5.99 0.69 1.65
CA LEU C 51 7.15 -0.09 2.03
C LEU C 51 6.99 -0.65 3.46
N THR C 52 6.43 0.12 4.38
CA THR C 52 6.22 -0.31 5.75
C THR C 52 5.31 -1.53 5.78
N ARG C 53 4.16 -1.51 5.09
CA ARG C 53 3.30 -2.68 5.07
C ARG C 53 4.07 -3.87 4.48
N HIS C 54 4.84 -3.67 3.39
CA HIS C 54 5.69 -4.74 2.87
C HIS C 54 6.60 -5.28 3.98
N SER C 55 7.23 -4.39 4.75
CA SER C 55 8.11 -4.77 5.85
C SER C 55 7.44 -5.68 6.88
N LEU C 56 6.11 -5.73 6.94
CA LEU C 56 5.42 -6.66 7.82
C LEU C 56 5.79 -8.09 7.46
N THR C 57 6.07 -8.38 6.18
CA THR C 57 6.45 -9.71 5.75
C THR C 57 7.80 -10.12 6.34
N HIS C 58 8.74 -9.17 6.48
CA HIS C 58 10.06 -9.42 7.04
C HIS C 58 9.96 -9.50 8.57
N THR C 59 9.36 -8.48 9.17
CA THR C 59 9.24 -8.40 10.63
C THR C 59 8.31 -9.49 11.17
N GLY C 60 7.34 -9.95 10.37
CA GLY C 60 6.37 -10.96 10.75
C GLY C 60 5.29 -10.39 11.66
N GLU C 61 5.06 -9.07 11.61
CA GLU C 61 4.07 -8.39 12.44
C GLU C 61 2.64 -8.55 11.89
N LYS C 62 2.26 -9.82 11.69
CA LYS C 62 0.98 -10.28 11.19
C LYS C 62 -0.04 -10.20 12.33
N ASN C 63 -0.38 -8.98 12.74
CA ASN C 63 -1.22 -8.73 13.92
C ASN C 63 -2.65 -8.27 13.65
N PHE C 64 -3.06 -8.07 12.41
CA PHE C 64 -4.40 -7.54 12.16
C PHE C 64 -5.43 -8.62 12.39
N THR C 65 -5.82 -8.76 13.65
CA THR C 65 -6.73 -9.75 14.17
C THR C 65 -8.17 -9.39 13.87
N CYS C 66 -8.88 -10.26 13.14
CA CYS C 66 -10.30 -10.08 12.85
C CYS C 66 -11.05 -10.08 14.19
N ASP C 67 -11.75 -8.98 14.49
CA ASP C 67 -12.51 -8.84 15.72
C ASP C 67 -13.81 -9.63 15.62
N SER C 68 -13.69 -10.96 15.61
CA SER C 68 -14.79 -11.90 15.53
C SER C 68 -14.43 -13.09 16.41
N ASP C 69 -15.20 -13.33 17.48
CA ASP C 69 -14.95 -14.41 18.43
C ASP C 69 -14.80 -15.74 17.70
N GLY C 70 -13.76 -16.52 18.04
CA GLY C 70 -13.48 -17.78 17.38
C GLY C 70 -12.74 -17.51 16.08
N CYS C 71 -13.34 -16.71 15.19
CA CYS C 71 -12.76 -16.29 13.92
C CYS C 71 -11.73 -15.17 14.15
N ASP C 72 -10.85 -15.35 15.15
CA ASP C 72 -9.82 -14.38 15.48
C ASP C 72 -8.60 -14.60 14.58
N LEU C 73 -8.84 -14.63 13.27
CA LEU C 73 -7.79 -14.84 12.28
C LEU C 73 -6.90 -13.59 12.24
N ARG C 74 -5.59 -13.79 12.22
CA ARG C 74 -4.59 -12.74 12.20
C ARG C 74 -4.12 -12.54 10.76
N PHE C 75 -4.27 -11.32 10.24
CA PHE C 75 -3.94 -10.98 8.85
C PHE C 75 -2.68 -10.11 8.76
N THR C 76 -2.09 -10.11 7.58
CA THR C 76 -0.89 -9.36 7.24
C THR C 76 -1.15 -7.86 7.20
N THR C 77 -2.15 -7.41 6.44
CA THR C 77 -2.46 -5.99 6.31
C THR C 77 -3.89 -5.72 6.78
N LYS C 78 -4.17 -4.47 7.15
CA LYS C 78 -5.50 -4.06 7.51
C LYS C 78 -6.44 -4.31 6.33
N ALA C 79 -5.98 -4.02 5.12
CA ALA C 79 -6.81 -4.25 3.94
C ALA C 79 -7.08 -5.74 3.73
N ASN C 80 -6.11 -6.63 3.98
CA ASN C 80 -6.36 -8.07 3.89
C ASN C 80 -7.41 -8.45 4.94
N MET C 81 -7.27 -7.94 6.17
CA MET C 81 -8.25 -8.14 7.22
C MET C 81 -9.63 -7.68 6.72
N LYS C 82 -9.71 -6.49 6.13
CA LYS C 82 -10.96 -5.96 5.60
C LYS C 82 -11.51 -6.87 4.50
N LYS C 83 -10.71 -7.30 3.53
CA LYS C 83 -11.17 -8.22 2.48
C LYS C 83 -11.82 -9.45 3.13
N HIS C 84 -11.10 -10.06 4.09
CA HIS C 84 -11.65 -11.21 4.80
C HIS C 84 -12.98 -10.84 5.47
N PHE C 85 -12.98 -9.78 6.27
CA PHE C 85 -14.16 -9.33 7.01
C PHE C 85 -15.34 -9.12 6.06
N ASN C 86 -15.06 -8.51 4.91
CA ASN C 86 -16.05 -8.28 3.87
C ASN C 86 -16.60 -9.62 3.41
N ARG C 87 -15.71 -10.47 2.90
CA ARG C 87 -16.00 -11.79 2.35
C ARG C 87 -16.76 -12.69 3.33
N PHE C 88 -16.38 -12.71 4.61
CA PHE C 88 -16.95 -13.60 5.62
C PHE C 88 -18.08 -13.01 6.45
N HIS C 89 -18.13 -11.69 6.64
CA HIS C 89 -19.10 -11.07 7.54
C HIS C 89 -19.94 -9.99 6.88
N ASN C 90 -19.34 -9.08 6.09
CA ASN C 90 -20.12 -7.98 5.54
C ASN C 90 -21.05 -8.43 4.42
N ILE C 91 -20.58 -9.26 3.48
CA ILE C 91 -21.45 -9.72 2.41
C ILE C 91 -22.38 -10.81 2.94
N LYS C 92 -21.89 -11.62 3.87
CA LYS C 92 -22.68 -12.66 4.51
C LYS C 92 -23.69 -12.03 5.45
ZN ZN D . -0.80 10.28 -15.05
ZN ZN E . 11.55 -6.86 1.21
ZN ZN F . -13.56 -13.06 10.52
N MET C 1 -1.72 27.96 -3.30
CA MET C 1 -1.97 26.75 -4.07
C MET C 1 -1.64 25.53 -3.22
N LYS C 2 -1.87 24.34 -3.75
CA LYS C 2 -1.61 23.04 -3.14
C LYS C 2 -1.73 22.01 -4.26
N ARG C 3 -1.31 20.78 -3.98
CA ARG C 3 -1.33 19.62 -4.85
C ARG C 3 -0.14 19.63 -5.81
N TYR C 4 0.47 18.46 -5.97
CA TYR C 4 1.49 18.21 -6.96
C TYR C 4 0.72 17.78 -8.21
N ILE C 5 1.12 18.29 -9.38
CA ILE C 5 0.47 18.02 -10.66
C ILE C 5 1.32 17.03 -11.45
N CYS C 6 0.66 16.18 -12.24
CA CYS C 6 1.25 15.19 -13.12
C CYS C 6 1.88 15.92 -14.31
N SER C 7 3.21 15.88 -14.40
CA SER C 7 4.04 16.50 -15.43
C SER C 7 3.47 16.36 -16.85
N PHE C 8 2.83 15.21 -17.12
CA PHE C 8 2.21 14.92 -18.40
C PHE C 8 0.99 15.81 -18.60
N ALA C 9 1.24 17.05 -19.04
CA ALA C 9 0.26 18.10 -19.34
C ALA C 9 -0.58 17.72 -20.56
N ASP C 10 -1.36 16.66 -20.37
CA ASP C 10 -2.24 15.97 -21.29
C ASP C 10 -3.13 15.11 -20.40
N CYS C 11 -2.48 14.35 -19.51
CA CYS C 11 -3.13 13.59 -18.46
C CYS C 11 -3.66 14.60 -17.43
N GLY C 12 -2.78 15.49 -16.98
CA GLY C 12 -3.12 16.56 -16.04
C GLY C 12 -3.80 16.09 -14.75
N ALA C 13 -3.34 14.97 -14.18
CA ALA C 13 -3.81 14.49 -12.89
C ALA C 13 -3.08 15.28 -11.81
N ALA C 14 -3.52 15.21 -10.56
CA ALA C 14 -2.88 15.94 -9.48
C ALA C 14 -3.27 15.32 -8.15
N TYR C 15 -2.39 15.36 -7.14
CA TYR C 15 -2.65 14.78 -5.83
C TYR C 15 -1.93 15.59 -4.74
N ASN C 16 -2.45 15.56 -3.51
CA ASN C 16 -1.93 16.35 -2.41
C ASN C 16 -0.58 15.86 -1.89
N LYS C 17 -0.42 14.55 -1.69
CA LYS C 17 0.79 14.00 -1.13
C LYS C 17 1.79 13.68 -2.24
N ASN C 18 3.07 13.99 -2.02
CA ASN C 18 4.11 13.73 -3.02
C ASN C 18 4.11 12.26 -3.41
N TRP C 19 4.14 11.36 -2.43
CA TRP C 19 4.13 9.91 -2.66
C TRP C 19 2.97 9.50 -3.56
N LYS C 20 1.78 10.07 -3.36
CA LYS C 20 0.60 9.76 -4.12
C LYS C 20 0.80 10.21 -5.57
N LEU C 21 1.26 11.44 -5.77
CA LEU C 21 1.54 11.93 -7.12
C LEU C 21 2.68 11.09 -7.74
N GLN C 22 3.69 10.67 -6.98
CA GLN C 22 4.75 9.82 -7.52
C GLN C 22 4.16 8.49 -7.99
N ALA C 23 3.33 7.89 -7.14
CA ALA C 23 2.66 6.63 -7.46
C ALA C 23 1.89 6.81 -8.76
N HIS C 24 1.16 7.91 -8.91
CA HIS C 24 0.51 8.19 -10.18
C HIS C 24 1.56 8.24 -11.30
N LEU C 25 2.60 9.07 -11.15
CA LEU C 25 3.66 9.20 -12.16
C LEU C 25 4.25 7.85 -12.55
N SER C 26 4.32 6.86 -11.63
CA SER C 26 4.86 5.55 -11.98
C SER C 26 4.14 4.96 -13.20
N LYS C 27 2.86 5.27 -13.38
CA LYS C 27 2.08 4.83 -14.54
C LYS C 27 2.80 5.16 -15.85
N HIS C 28 3.33 6.38 -15.93
CA HIS C 28 3.99 6.90 -17.12
C HIS C 28 5.49 6.64 -17.11
N THR C 29 6.13 6.95 -15.98
CA THR C 29 7.57 6.94 -15.81
C THR C 29 8.16 5.57 -15.46
N GLY C 30 7.38 4.71 -14.80
CA GLY C 30 7.89 3.44 -14.29
C GLY C 30 8.79 3.64 -13.06
N GLU C 31 8.81 4.85 -12.46
CA GLU C 31 9.63 5.12 -11.29
C GLU C 31 9.00 4.51 -10.05
N LYS C 32 9.84 4.00 -9.13
CA LYS C 32 9.42 3.40 -7.87
C LYS C 32 10.27 3.99 -6.74
N PRO C 33 9.94 5.22 -6.28
CA PRO C 33 10.69 5.97 -5.29
C PRO C 33 11.11 5.26 -4.00
N PHE C 34 10.38 4.23 -3.54
CA PHE C 34 10.64 3.60 -2.26
C PHE C 34 11.18 2.17 -2.44
N PRO C 35 12.49 1.99 -2.70
CA PRO C 35 13.06 0.66 -2.84
C PRO C 35 13.22 0.00 -1.47
N CYS C 36 13.27 -1.33 -1.45
CA CYS C 36 13.41 -2.12 -0.23
C CYS C 36 14.87 -2.37 0.12
N LYS C 37 15.72 -2.59 -0.89
CA LYS C 37 17.16 -2.82 -0.72
C LYS C 37 17.47 -3.96 0.26
N GLU C 38 16.60 -4.96 0.38
CA GLU C 38 16.85 -6.11 1.22
C GLU C 38 17.61 -7.18 0.43
N GLU C 39 18.18 -8.13 1.17
CA GLU C 39 18.95 -9.24 0.63
C GLU C 39 18.08 -10.01 -0.36
N GLY C 40 18.35 -9.90 -1.66
CA GLY C 40 17.55 -10.54 -2.70
C GLY C 40 16.26 -9.76 -2.96
N CYS C 41 15.53 -9.43 -1.89
CA CYS C 41 14.27 -8.71 -1.92
C CYS C 41 14.52 -7.21 -2.20
N GLU C 42 15.14 -6.90 -3.35
CA GLU C 42 15.39 -5.54 -3.77
C GLU C 42 14.12 -5.01 -4.45
N LYS C 43 13.01 -4.98 -3.72
CA LYS C 43 11.73 -4.52 -4.24
C LYS C 43 11.78 -3.03 -4.55
N GLY C 44 10.83 -2.56 -5.36
CA GLY C 44 10.64 -1.17 -5.74
C GLY C 44 9.19 -0.81 -5.43
N PHE C 45 8.94 -0.05 -4.37
CA PHE C 45 7.59 0.37 -3.99
C PHE C 45 7.35 1.82 -4.39
N THR C 46 6.10 2.17 -4.70
CA THR C 46 5.71 3.49 -5.15
C THR C 46 5.24 4.40 -4.00
N SER C 47 5.20 3.92 -2.75
CA SER C 47 4.82 4.76 -1.63
C SER C 47 5.48 4.29 -0.34
N LEU C 48 5.65 5.24 0.60
CA LEU C 48 6.18 4.94 1.91
C LEU C 48 5.23 3.98 2.62
N HIS C 49 3.91 4.18 2.43
CA HIS C 49 2.92 3.30 3.03
C HIS C 49 3.13 1.88 2.53
N HIS C 50 3.30 1.70 1.21
CA HIS C 50 3.58 0.38 0.64
C HIS C 50 4.81 -0.23 1.30
N LEU C 51 5.89 0.56 1.40
CA LEU C 51 7.11 0.08 2.02
C LEU C 51 6.85 -0.35 3.47
N THR C 52 6.11 0.48 4.21
CA THR C 52 5.77 0.22 5.60
C THR C 52 5.00 -1.10 5.73
N ARG C 53 3.88 -1.25 5.02
CA ARG C 53 3.11 -2.49 5.09
C ARG C 53 3.96 -3.68 4.62
N HIS C 54 4.75 -3.50 3.56
CA HIS C 54 5.62 -4.55 3.07
C HIS C 54 6.56 -5.01 4.19
N SER C 55 7.14 -4.07 4.94
CA SER C 55 8.03 -4.42 6.05
C SER C 55 7.37 -5.34 7.08
N LEU C 56 6.03 -5.40 7.14
CA LEU C 56 5.35 -6.34 8.02
C LEU C 56 5.76 -7.76 7.68
N THR C 57 6.03 -8.05 6.39
CA THR C 57 6.43 -9.38 5.96
C THR C 57 7.83 -9.75 6.48
N HIS C 58 8.73 -8.77 6.60
CA HIS C 58 10.08 -9.00 7.11
C HIS C 58 10.01 -9.16 8.62
N THR C 59 9.33 -8.24 9.30
CA THR C 59 9.19 -8.28 10.74
C THR C 59 8.31 -9.44 11.19
N GLY C 60 7.41 -9.91 10.32
CA GLY C 60 6.46 -10.97 10.61
C GLY C 60 5.30 -10.40 11.43
N GLU C 61 5.01 -9.10 11.29
CA GLU C 61 3.98 -8.43 12.04
C GLU C 61 2.59 -8.66 11.44
N LYS C 62 2.19 -9.94 11.44
CA LYS C 62 0.88 -10.38 11.00
C LYS C 62 -0.08 -10.09 12.15
N ASN C 63 -0.33 -8.81 12.42
CA ASN C 63 -1.06 -8.36 13.61
C ASN C 63 -2.54 -8.03 13.38
N PHE C 64 -3.00 -7.87 12.14
CA PHE C 64 -4.36 -7.41 11.91
C PHE C 64 -5.35 -8.52 12.20
N THR C 65 -5.76 -8.58 13.45
CA THR C 65 -6.63 -9.58 14.04
C THR C 65 -8.08 -9.32 13.68
N CYS C 66 -8.75 -10.33 13.11
CA CYS C 66 -10.16 -10.31 12.80
C CYS C 66 -10.92 -10.19 14.12
N ASP C 67 -11.68 -9.11 14.29
CA ASP C 67 -12.45 -8.90 15.51
C ASP C 67 -13.69 -9.80 15.50
N SER C 68 -13.46 -11.11 15.72
CA SER C 68 -14.48 -12.14 15.74
C SER C 68 -14.00 -13.20 16.74
N ASP C 69 -14.72 -13.35 17.85
CA ASP C 69 -14.36 -14.29 18.91
C ASP C 69 -14.13 -15.68 18.34
N GLY C 70 -13.04 -16.35 18.73
CA GLY C 70 -12.68 -17.65 18.22
C GLY C 70 -12.00 -17.51 16.87
N CYS C 71 -12.68 -16.84 15.91
CA CYS C 71 -12.16 -16.55 14.58
C CYS C 71 -11.20 -15.36 14.65
N ASP C 72 -10.27 -15.38 15.61
CA ASP C 72 -9.29 -14.32 15.81
C ASP C 72 -8.11 -14.53 14.86
N LEU C 73 -8.39 -14.73 13.58
CA LEU C 73 -7.36 -14.92 12.57
C LEU C 73 -6.60 -13.60 12.40
N ARG C 74 -5.27 -13.64 12.35
CA ARG C 74 -4.44 -12.47 12.18
C ARG C 74 -3.98 -12.39 10.73
N PHE C 75 -4.02 -11.18 10.14
CA PHE C 75 -3.71 -10.94 8.75
C PHE C 75 -2.53 -9.98 8.60
N THR C 76 -1.96 -10.00 7.40
CA THR C 76 -0.82 -9.18 7.00
C THR C 76 -1.16 -7.70 6.97
N THR C 77 -2.30 -7.31 6.39
CA THR C 77 -2.70 -5.92 6.29
C THR C 77 -4.14 -5.75 6.78
N LYS C 78 -4.48 -4.50 7.10
CA LYS C 78 -5.82 -4.14 7.50
C LYS C 78 -6.79 -4.55 6.40
N ALA C 79 -6.51 -4.16 5.16
CA ALA C 79 -7.40 -4.49 4.07
C ALA C 79 -7.53 -6.00 3.89
N ASN C 80 -6.47 -6.80 4.10
CA ASN C 80 -6.61 -8.25 4.03
C ASN C 80 -7.59 -8.70 5.13
N MET C 81 -7.43 -8.17 6.35
CA MET C 81 -8.36 -8.42 7.45
C MET C 81 -9.78 -8.03 7.03
N LYS C 82 -9.96 -6.88 6.39
CA LYS C 82 -11.26 -6.43 5.91
C LYS C 82 -11.82 -7.43 4.89
N LYS C 83 -11.03 -7.82 3.87
CA LYS C 83 -11.46 -8.78 2.87
C LYS C 83 -11.99 -10.03 3.57
N HIS C 84 -11.20 -10.61 4.49
CA HIS C 84 -11.67 -11.78 5.24
C HIS C 84 -12.97 -11.47 5.95
N PHE C 85 -13.00 -10.39 6.74
CA PHE C 85 -14.17 -10.01 7.52
C PHE C 85 -15.40 -9.92 6.62
N ASN C 86 -15.26 -9.30 5.45
CA ASN C 86 -16.31 -9.15 4.47
C ASN C 86 -16.74 -10.53 3.96
N ARG C 87 -15.78 -11.27 3.43
CA ARG C 87 -15.91 -12.59 2.84
C ARG C 87 -16.55 -13.62 3.80
N PHE C 88 -16.26 -13.54 5.11
CA PHE C 88 -16.73 -14.50 6.11
C PHE C 88 -17.83 -13.98 7.04
N HIS C 89 -18.01 -12.67 7.20
CA HIS C 89 -18.97 -12.12 8.16
C HIS C 89 -19.85 -11.08 7.49
N ASN C 90 -19.26 -9.99 6.99
CA ASN C 90 -20.03 -8.93 6.34
C ASN C 90 -20.36 -9.31 4.89
N ILE C 91 -20.97 -10.49 4.71
CA ILE C 91 -21.37 -11.06 3.43
C ILE C 91 -22.69 -10.46 2.93
N LYS C 92 -22.82 -9.14 3.10
CA LYS C 92 -23.94 -8.32 2.66
C LYS C 92 -25.28 -9.03 2.84
ZN ZN D . -0.76 11.17 -15.32
ZN ZN E . 11.43 -6.54 1.26
ZN ZN F . -13.25 -13.78 10.91
N MET C 1 -4.29 24.72 -1.78
CA MET C 1 -4.50 25.55 -2.95
C MET C 1 -3.80 24.94 -4.16
N LYS C 2 -2.47 24.79 -4.08
CA LYS C 2 -1.65 24.19 -5.12
C LYS C 2 -1.33 22.76 -4.73
N ARG C 3 -1.34 21.87 -5.72
CA ARG C 3 -1.03 20.46 -5.62
C ARG C 3 0.12 20.22 -6.60
N TYR C 4 0.84 19.10 -6.46
CA TYR C 4 1.84 18.72 -7.44
C TYR C 4 1.05 18.11 -8.58
N ILE C 5 1.24 18.61 -9.81
CA ILE C 5 0.51 18.15 -10.99
C ILE C 5 1.35 17.17 -11.79
N CYS C 6 0.69 16.15 -12.35
CA CYS C 6 1.29 15.12 -13.17
C CYS C 6 1.91 15.74 -14.43
N SER C 7 3.22 15.54 -14.60
CA SER C 7 4.05 16.04 -15.68
C SER C 7 3.38 15.91 -17.05
N PHE C 8 2.71 14.78 -17.29
CA PHE C 8 2.01 14.48 -18.52
C PHE C 8 0.69 15.27 -18.56
N ALA C 9 0.80 16.60 -18.59
CA ALA C 9 -0.27 17.61 -18.57
C ALA C 9 -1.68 17.08 -18.85
N ASP C 10 -1.91 16.59 -20.07
CA ASP C 10 -3.18 16.07 -20.56
C ASP C 10 -3.89 15.16 -19.55
N CYS C 11 -3.11 14.36 -18.82
CA CYS C 11 -3.58 13.45 -17.78
C CYS C 11 -4.44 14.17 -16.73
N GLY C 12 -4.11 15.42 -16.41
CA GLY C 12 -4.85 16.25 -15.46
C GLY C 12 -4.92 15.68 -14.05
N ALA C 13 -3.95 14.85 -13.65
CA ALA C 13 -3.88 14.28 -12.31
C ALA C 13 -3.05 15.22 -11.44
N ALA C 14 -3.42 15.38 -10.16
CA ALA C 14 -2.73 16.25 -9.24
C ALA C 14 -2.92 15.72 -7.82
N TYR C 15 -1.90 15.86 -6.96
CA TYR C 15 -1.96 15.38 -5.58
C TYR C 15 -1.12 16.29 -4.68
N ASN C 16 -1.47 16.42 -3.40
CA ASN C 16 -0.73 17.22 -2.44
C ASN C 16 0.46 16.41 -1.91
N LYS C 17 0.28 15.11 -1.69
CA LYS C 17 1.32 14.23 -1.20
C LYS C 17 2.28 13.90 -2.34
N ASN C 18 3.56 14.25 -2.18
CA ASN C 18 4.56 13.96 -3.20
C ASN C 18 4.58 12.46 -3.53
N TRP C 19 4.63 11.62 -2.48
CA TRP C 19 4.64 10.17 -2.61
C TRP C 19 3.48 9.68 -3.47
N LYS C 20 2.30 10.26 -3.28
CA LYS C 20 1.11 9.88 -4.01
C LYS C 20 1.31 10.23 -5.48
N LEU C 21 1.79 11.44 -5.77
CA LEU C 21 2.10 11.79 -7.14
C LEU C 21 3.15 10.83 -7.69
N GLN C 22 4.18 10.45 -6.91
CA GLN C 22 5.18 9.50 -7.40
C GLN C 22 4.51 8.18 -7.77
N ALA C 23 3.65 7.68 -6.87
CA ALA C 23 2.89 6.47 -7.10
C ALA C 23 2.06 6.58 -8.37
N HIS C 24 1.50 7.75 -8.65
CA HIS C 24 0.78 7.95 -9.90
C HIS C 24 1.77 7.91 -11.07
N LEU C 25 2.77 8.80 -11.06
CA LEU C 25 3.80 8.91 -12.10
C LEU C 25 4.43 7.57 -12.43
N SER C 26 4.60 6.68 -11.45
CA SER C 26 5.18 5.36 -11.68
C SER C 26 4.48 4.63 -12.83
N LYS C 27 3.18 4.85 -13.02
CA LYS C 27 2.43 4.24 -14.11
C LYS C 27 2.99 4.63 -15.47
N HIS C 28 3.43 5.89 -15.61
CA HIS C 28 3.96 6.41 -16.85
C HIS C 28 5.47 6.21 -16.96
N THR C 29 6.18 6.54 -15.89
CA THR C 29 7.64 6.56 -15.82
C THR C 29 8.28 5.23 -15.48
N GLY C 30 7.59 4.38 -14.71
CA GLY C 30 8.15 3.15 -14.19
C GLY C 30 9.05 3.41 -12.98
N GLU C 31 9.10 4.65 -12.47
CA GLU C 31 9.95 4.99 -11.32
C GLU C 31 9.31 4.52 -10.01
N LYS C 32 10.12 3.94 -9.12
CA LYS C 32 9.68 3.46 -7.81
C LYS C 32 10.69 3.99 -6.75
N PRO C 33 10.54 5.26 -6.33
CA PRO C 33 11.46 5.97 -5.45
C PRO C 33 11.82 5.30 -4.11
N PHE C 34 11.02 4.36 -3.61
CA PHE C 34 11.26 3.71 -2.33
C PHE C 34 11.64 2.23 -2.54
N PRO C 35 12.90 1.93 -2.90
CA PRO C 35 13.35 0.57 -3.09
C PRO C 35 13.59 -0.12 -1.74
N CYS C 36 13.36 -1.43 -1.70
CA CYS C 36 13.61 -2.26 -0.53
C CYS C 36 15.04 -2.75 -0.67
N LYS C 37 16.02 -2.00 -0.16
CA LYS C 37 17.43 -2.32 -0.34
C LYS C 37 17.91 -3.52 0.50
N GLU C 38 17.17 -4.62 0.50
CA GLU C 38 17.56 -5.88 1.12
C GLU C 38 18.22 -6.76 0.07
N GLU C 39 19.12 -7.65 0.52
CA GLU C 39 19.77 -8.60 -0.36
C GLU C 39 18.70 -9.52 -0.95
N GLY C 40 18.69 -9.72 -2.27
CA GLY C 40 17.72 -10.57 -2.93
C GLY C 40 16.35 -9.88 -3.05
N CYS C 41 15.76 -9.47 -1.93
CA CYS C 41 14.46 -8.80 -1.88
C CYS C 41 14.58 -7.33 -2.30
N GLU C 42 15.18 -7.08 -3.46
CA GLU C 42 15.37 -5.75 -4.01
C GLU C 42 14.07 -5.27 -4.68
N LYS C 43 13.03 -5.10 -3.87
CA LYS C 43 11.73 -4.64 -4.35
C LYS C 43 11.79 -3.14 -4.66
N GLY C 44 10.78 -2.64 -5.36
CA GLY C 44 10.63 -1.25 -5.75
C GLY C 44 9.24 -0.78 -5.34
N PHE C 45 9.15 0.07 -4.32
CA PHE C 45 7.89 0.66 -3.87
C PHE C 45 7.88 2.16 -4.17
N THR C 46 6.69 2.75 -4.23
CA THR C 46 6.49 4.14 -4.62
C THR C 46 6.29 5.10 -3.44
N SER C 47 6.12 4.60 -2.22
CA SER C 47 5.94 5.45 -1.06
C SER C 47 6.53 4.78 0.18
N LEU C 48 6.87 5.60 1.17
CA LEU C 48 7.36 5.09 2.44
C LEU C 48 6.30 4.16 3.02
N HIS C 49 5.02 4.53 2.92
CA HIS C 49 3.94 3.66 3.39
C HIS C 49 3.97 2.34 2.64
N HIS C 50 3.93 2.33 1.31
CA HIS C 50 3.93 1.10 0.53
C HIS C 50 5.12 0.22 0.96
N LEU C 51 6.29 0.84 1.14
CA LEU C 51 7.48 0.14 1.62
C LEU C 51 7.26 -0.43 3.04
N THR C 52 6.69 0.38 3.94
CA THR C 52 6.45 0.01 5.32
C THR C 52 5.48 -1.18 5.39
N ARG C 53 4.35 -1.11 4.68
CA ARG C 53 3.40 -2.21 4.72
C ARG C 53 4.07 -3.47 4.12
N HIS C 54 4.84 -3.32 3.04
CA HIS C 54 5.61 -4.45 2.51
C HIS C 54 6.51 -5.02 3.62
N SER C 55 7.18 -4.15 4.39
CA SER C 55 8.03 -4.57 5.50
C SER C 55 7.28 -5.39 6.56
N LEU C 56 5.93 -5.39 6.58
CA LEU C 56 5.18 -6.25 7.49
C LEU C 56 5.57 -7.70 7.23
N THR C 57 5.87 -8.06 5.97
CA THR C 57 6.26 -9.41 5.61
C THR C 57 7.59 -9.80 6.29
N HIS C 58 8.47 -8.82 6.51
CA HIS C 58 9.78 -9.03 7.11
C HIS C 58 9.67 -9.05 8.62
N THR C 59 9.05 -8.00 9.17
CA THR C 59 8.87 -7.82 10.60
C THR C 59 7.95 -8.90 11.18
N GLY C 60 7.00 -9.39 10.37
CA GLY C 60 6.05 -10.41 10.78
C GLY C 60 4.95 -9.85 11.67
N GLU C 61 4.66 -8.54 11.55
CA GLU C 61 3.63 -7.87 12.33
C GLU C 61 2.24 -8.15 11.74
N LYS C 62 1.92 -9.43 11.59
CA LYS C 62 0.67 -9.98 11.10
C LYS C 62 -0.32 -9.88 12.26
N ASN C 63 -0.68 -8.66 12.64
CA ASN C 63 -1.44 -8.40 13.86
C ASN C 63 -2.90 -8.01 13.65
N PHE C 64 -3.33 -7.81 12.41
CA PHE C 64 -4.70 -7.36 12.16
C PHE C 64 -5.64 -8.53 12.37
N THR C 65 -6.04 -8.69 13.63
CA THR C 65 -6.88 -9.74 14.14
C THR C 65 -8.35 -9.43 13.88
N CYS C 66 -9.06 -10.34 13.20
CA CYS C 66 -10.49 -10.23 12.99
C CYS C 66 -11.15 -10.26 14.37
N ASP C 67 -11.80 -9.17 14.76
CA ASP C 67 -12.44 -9.06 16.06
C ASP C 67 -13.74 -9.88 16.06
N SER C 68 -13.61 -11.20 16.08
CA SER C 68 -14.71 -12.15 16.10
C SER C 68 -14.22 -13.37 16.87
N ASP C 69 -14.87 -13.67 18.01
CA ASP C 69 -14.51 -14.78 18.88
C ASP C 69 -14.42 -16.08 18.07
N GLY C 70 -13.37 -16.87 18.29
CA GLY C 70 -13.14 -18.10 17.56
C GLY C 70 -12.49 -17.76 16.22
N CYS C 71 -13.16 -16.94 15.40
CA CYS C 71 -12.63 -16.47 14.12
C CYS C 71 -11.63 -15.34 14.35
N ASP C 72 -10.68 -15.53 15.27
CA ASP C 72 -9.65 -14.54 15.58
C ASP C 72 -8.52 -14.68 14.57
N LEU C 73 -8.85 -14.65 13.28
CA LEU C 73 -7.90 -14.80 12.19
C LEU C 73 -7.03 -13.54 12.11
N ARG C 74 -5.71 -13.73 12.07
CA ARG C 74 -4.74 -12.65 11.99
C ARG C 74 -4.37 -12.41 10.53
N PHE C 75 -4.40 -11.16 10.08
CA PHE C 75 -4.10 -10.79 8.69
C PHE C 75 -2.89 -9.87 8.62
N THR C 76 -2.25 -9.85 7.44
CA THR C 76 -1.07 -9.03 7.15
C THR C 76 -1.43 -7.56 7.09
N THR C 77 -2.39 -7.18 6.24
CA THR C 77 -2.82 -5.80 6.08
C THR C 77 -4.27 -5.64 6.54
N LYS C 78 -4.62 -4.44 6.98
CA LYS C 78 -5.98 -4.12 7.38
C LYS C 78 -6.92 -4.39 6.22
N ALA C 79 -6.52 -4.05 4.99
CA ALA C 79 -7.38 -4.30 3.85
C ALA C 79 -7.61 -5.80 3.64
N ASN C 80 -6.61 -6.66 3.87
CA ASN C 80 -6.84 -8.11 3.79
C ASN C 80 -7.87 -8.51 4.84
N MET C 81 -7.72 -8.00 6.07
CA MET C 81 -8.69 -8.24 7.15
C MET C 81 -10.08 -7.79 6.69
N LYS C 82 -10.19 -6.61 6.07
CA LYS C 82 -11.45 -6.10 5.57
C LYS C 82 -12.02 -7.03 4.49
N LYS C 83 -11.23 -7.45 3.50
CA LYS C 83 -11.70 -8.37 2.46
C LYS C 83 -12.31 -9.61 3.13
N HIS C 84 -11.59 -10.21 4.08
CA HIS C 84 -12.13 -11.34 4.81
C HIS C 84 -13.45 -10.94 5.48
N PHE C 85 -13.45 -9.88 6.27
CA PHE C 85 -14.63 -9.44 7.00
C PHE C 85 -15.84 -9.30 6.07
N ASN C 86 -15.62 -8.66 4.93
CA ASN C 86 -16.61 -8.49 3.89
C ASN C 86 -17.10 -9.86 3.43
N ARG C 87 -16.21 -10.61 2.79
CA ARG C 87 -16.46 -11.94 2.23
C ARG C 87 -17.14 -12.90 3.21
N PHE C 88 -16.78 -12.84 4.49
CA PHE C 88 -17.29 -13.75 5.52
C PHE C 88 -18.44 -13.15 6.32
N HIS C 89 -18.16 -12.13 7.13
CA HIS C 89 -19.14 -11.59 8.07
C HIS C 89 -20.17 -10.67 7.40
N ASN C 90 -19.77 -9.87 6.42
CA ASN C 90 -20.74 -8.99 5.78
C ASN C 90 -21.67 -9.81 4.88
N ILE C 91 -21.16 -10.91 4.30
CA ILE C 91 -22.00 -11.80 3.51
C ILE C 91 -22.86 -12.61 4.48
N LYS C 92 -22.25 -13.26 5.48
CA LYS C 92 -22.97 -14.01 6.49
C LYS C 92 -23.28 -13.09 7.66
ZN ZN D . -0.68 10.93 -15.06
ZN ZN E . 11.41 -6.48 1.11
ZN ZN F . -13.70 -13.32 10.79
N MET C 1 -0.41 20.96 1.34
CA MET C 1 -1.57 21.54 0.66
C MET C 1 -1.34 21.61 -0.85
N LYS C 2 -0.20 22.17 -1.29
CA LYS C 2 0.16 22.34 -2.70
C LYS C 2 0.04 21.02 -3.47
N ARG C 3 -0.75 21.01 -4.55
CA ARG C 3 -0.89 19.85 -5.42
C ARG C 3 0.28 19.78 -6.41
N TYR C 4 0.99 18.65 -6.42
CA TYR C 4 1.96 18.38 -7.46
C TYR C 4 1.11 17.90 -8.64
N ILE C 5 1.46 18.26 -9.87
CA ILE C 5 0.70 17.94 -11.06
C ILE C 5 1.50 16.97 -11.93
N CYS C 6 0.78 16.03 -12.55
CA CYS C 6 1.34 15.02 -13.43
C CYS C 6 2.01 15.69 -14.64
N SER C 7 3.31 15.45 -14.80
CA SER C 7 4.18 15.98 -15.84
C SER C 7 3.51 15.97 -17.21
N PHE C 8 2.83 14.87 -17.53
CA PHE C 8 2.11 14.68 -18.79
C PHE C 8 0.82 15.50 -18.77
N ALA C 9 0.96 16.83 -18.71
CA ALA C 9 -0.08 17.86 -18.60
C ALA C 9 -1.50 17.39 -18.94
N ASP C 10 -1.73 16.99 -20.20
CA ASP C 10 -3.01 16.53 -20.73
C ASP C 10 -3.76 15.57 -19.78
N CYS C 11 -3.01 14.71 -19.09
CA CYS C 11 -3.52 13.75 -18.13
C CYS C 11 -4.37 14.42 -17.03
N GLY C 12 -4.00 15.64 -16.65
CA GLY C 12 -4.73 16.46 -15.67
C GLY C 12 -4.81 15.84 -14.26
N ALA C 13 -3.89 14.94 -13.91
CA ALA C 13 -3.85 14.34 -12.59
C ALA C 13 -3.01 15.22 -11.66
N ALA C 14 -3.41 15.36 -10.40
CA ALA C 14 -2.72 16.20 -9.43
C ALA C 14 -3.01 15.71 -8.02
N TYR C 15 -2.04 15.79 -7.10
CA TYR C 15 -2.23 15.34 -5.71
C TYR C 15 -1.26 16.09 -4.80
N ASN C 16 -1.66 16.33 -3.54
CA ASN C 16 -0.82 17.05 -2.58
C ASN C 16 0.40 16.25 -2.15
N LYS C 17 0.18 15.02 -1.69
CA LYS C 17 1.25 14.19 -1.17
C LYS C 17 2.13 13.68 -2.31
N ASN C 18 3.38 14.17 -2.31
CA ASN C 18 4.45 13.85 -3.24
C ASN C 18 4.41 12.38 -3.67
N TRP C 19 4.43 11.45 -2.69
CA TRP C 19 4.42 10.02 -2.92
C TRP C 19 3.23 9.56 -3.79
N LYS C 20 2.05 10.18 -3.61
CA LYS C 20 0.86 9.83 -4.36
C LYS C 20 1.06 10.23 -5.82
N LEU C 21 1.56 11.45 -6.02
CA LEU C 21 1.88 11.91 -7.37
C LEU C 21 3.00 11.04 -7.95
N GLN C 22 4.00 10.62 -7.17
CA GLN C 22 5.03 9.71 -7.69
C GLN C 22 4.39 8.41 -8.16
N ALA C 23 3.51 7.82 -7.33
CA ALA C 23 2.79 6.62 -7.68
C ALA C 23 2.02 6.84 -8.98
N HIS C 24 1.39 7.99 -9.14
CA HIS C 24 0.74 8.29 -10.41
C HIS C 24 1.78 8.28 -11.54
N LEU C 25 2.87 9.06 -11.43
CA LEU C 25 3.94 9.09 -12.42
C LEU C 25 4.41 7.70 -12.80
N SER C 26 4.57 6.78 -11.83
CA SER C 26 5.05 5.43 -12.11
C SER C 26 4.27 4.78 -13.26
N LYS C 27 2.97 5.08 -13.39
CA LYS C 27 2.14 4.54 -14.47
C LYS C 27 2.75 4.83 -15.84
N HIS C 28 3.29 6.04 -16.01
CA HIS C 28 3.88 6.51 -17.25
C HIS C 28 5.39 6.23 -17.30
N THR C 29 6.09 6.65 -16.24
CA THR C 29 7.54 6.63 -16.14
C THR C 29 8.13 5.26 -15.82
N GLY C 30 7.38 4.41 -15.11
CA GLY C 30 7.89 3.14 -14.63
C GLY C 30 8.86 3.33 -13.45
N GLU C 31 8.97 4.55 -12.90
CA GLU C 31 9.88 4.82 -11.79
C GLU C 31 9.28 4.31 -10.48
N LYS C 32 10.15 3.81 -9.58
CA LYS C 32 9.76 3.27 -8.28
C LYS C 32 10.67 3.86 -7.19
N PRO C 33 10.44 5.12 -6.78
CA PRO C 33 11.25 5.86 -5.82
C PRO C 33 11.64 5.18 -4.50
N PHE C 34 10.86 4.22 -4.01
CA PHE C 34 11.10 3.58 -2.71
C PHE C 34 11.55 2.12 -2.84
N PRO C 35 12.83 1.85 -3.14
CA PRO C 35 13.33 0.48 -3.19
C PRO C 35 13.46 -0.07 -1.77
N CYS C 36 13.28 -1.39 -1.61
CA CYS C 36 13.36 -2.06 -0.31
C CYS C 36 14.79 -2.22 0.21
N LYS C 37 15.80 -1.86 -0.59
CA LYS C 37 17.23 -1.88 -0.24
C LYS C 37 17.83 -3.29 -0.14
N GLU C 38 17.14 -4.20 0.56
CA GLU C 38 17.58 -5.56 0.79
C GLU C 38 18.04 -6.23 -0.51
N GLU C 39 19.31 -6.63 -0.54
CA GLU C 39 19.96 -7.27 -1.67
C GLU C 39 19.48 -8.73 -1.79
N GLY C 40 18.19 -8.88 -2.10
CA GLY C 40 17.49 -10.13 -2.26
C GLY C 40 16.02 -9.76 -2.45
N CYS C 41 15.41 -9.25 -1.38
CA CYS C 41 14.05 -8.70 -1.41
C CYS C 41 14.13 -7.29 -2.00
N GLU C 42 14.72 -7.15 -3.19
CA GLU C 42 14.92 -5.87 -3.84
C GLU C 42 13.64 -5.40 -4.52
N LYS C 43 12.59 -5.19 -3.73
CA LYS C 43 11.31 -4.70 -4.20
C LYS C 43 11.47 -3.23 -4.58
N GLY C 44 10.62 -2.74 -5.49
CA GLY C 44 10.58 -1.35 -5.93
C GLY C 44 9.19 -0.82 -5.62
N PHE C 45 9.04 -0.03 -4.56
CA PHE C 45 7.76 0.55 -4.17
C PHE C 45 7.67 1.98 -4.68
N THR C 46 6.46 2.43 -5.04
CA THR C 46 6.25 3.78 -5.52
C THR C 46 5.92 4.76 -4.39
N SER C 47 5.67 4.28 -3.16
CA SER C 47 5.41 5.16 -2.04
C SER C 47 5.95 4.56 -0.74
N LEU C 48 6.24 5.45 0.20
CA LEU C 48 6.69 5.10 1.53
C LEU C 48 5.58 4.31 2.25
N HIS C 49 4.30 4.63 1.98
CA HIS C 49 3.22 3.90 2.62
C HIS C 49 3.25 2.43 2.21
N HIS C 50 3.40 2.13 0.90
CA HIS C 50 3.47 0.74 0.46
C HIS C 50 4.60 0.07 1.21
N LEU C 51 5.76 0.74 1.24
CA LEU C 51 6.96 0.24 1.91
C LEU C 51 6.64 -0.08 3.38
N THR C 52 5.93 0.83 4.06
CA THR C 52 5.56 0.66 5.45
C THR C 52 4.72 -0.61 5.61
N ARG C 53 3.63 -0.78 4.84
CA ARG C 53 2.83 -1.99 4.97
C ARG C 53 3.63 -3.24 4.58
N HIS C 54 4.45 -3.16 3.52
CA HIS C 54 5.32 -4.26 3.13
C HIS C 54 6.20 -4.66 4.31
N SER C 55 6.77 -3.69 5.03
CA SER C 55 7.61 -3.95 6.19
C SER C 55 6.93 -4.81 7.24
N LEU C 56 5.59 -4.90 7.25
CA LEU C 56 4.89 -5.80 8.16
C LEU C 56 5.38 -7.23 7.96
N THR C 57 5.72 -7.61 6.72
CA THR C 57 6.21 -8.93 6.39
C THR C 57 7.60 -9.18 7.00
N HIS C 58 8.46 -8.15 7.06
CA HIS C 58 9.80 -8.27 7.62
C HIS C 58 9.71 -8.30 9.14
N THR C 59 8.94 -7.38 9.72
CA THR C 59 8.74 -7.31 11.16
C THR C 59 7.94 -8.53 11.65
N GLY C 60 7.10 -9.11 10.78
CA GLY C 60 6.24 -10.23 11.11
C GLY C 60 5.02 -9.73 11.88
N GLU C 61 4.58 -8.50 11.61
CA GLU C 61 3.44 -7.88 12.28
C GLU C 61 2.11 -8.37 11.69
N LYS C 62 1.97 -9.69 11.59
CA LYS C 62 0.77 -10.37 11.12
C LYS C 62 -0.18 -10.43 12.32
N ASN C 63 -0.67 -9.26 12.75
CA ASN C 63 -1.47 -9.15 13.97
C ASN C 63 -2.84 -8.50 13.78
N PHE C 64 -3.26 -8.21 12.55
CA PHE C 64 -4.58 -7.62 12.35
C PHE C 64 -5.62 -8.70 12.52
N THR C 65 -6.00 -8.90 13.77
CA THR C 65 -6.88 -9.94 14.26
C THR C 65 -8.34 -9.60 13.95
N CYS C 66 -9.03 -10.48 13.23
CA CYS C 66 -10.45 -10.36 12.96
C CYS C 66 -11.17 -10.41 14.32
N ASP C 67 -11.86 -9.33 14.69
CA ASP C 67 -12.58 -9.26 15.95
C ASP C 67 -13.84 -10.11 15.87
N SER C 68 -13.66 -11.44 15.91
CA SER C 68 -14.73 -12.43 15.84
C SER C 68 -14.26 -13.63 16.65
N ASP C 69 -14.94 -13.91 17.78
CA ASP C 69 -14.58 -14.99 18.69
C ASP C 69 -14.39 -16.30 17.93
N GLY C 70 -13.29 -17.01 18.17
CA GLY C 70 -12.96 -18.26 17.49
C GLY C 70 -12.33 -17.92 16.14
N CYS C 71 -13.02 -17.14 15.31
CA CYS C 71 -12.56 -16.67 14.02
C CYS C 71 -11.55 -15.51 14.21
N ASP C 72 -10.62 -15.65 15.15
CA ASP C 72 -9.61 -14.65 15.45
C ASP C 72 -8.44 -14.79 14.48
N LEU C 73 -8.74 -14.78 13.17
CA LEU C 73 -7.73 -14.90 12.13
C LEU C 73 -6.89 -13.61 12.09
N ARG C 74 -5.56 -13.76 12.06
CA ARG C 74 -4.62 -12.64 12.03
C ARG C 74 -4.16 -12.39 10.59
N PHE C 75 -4.47 -11.22 10.05
CA PHE C 75 -4.11 -10.84 8.69
C PHE C 75 -2.89 -9.92 8.69
N THR C 76 -2.26 -9.82 7.50
CA THR C 76 -1.10 -9.00 7.25
C THR C 76 -1.47 -7.52 7.27
N THR C 77 -2.44 -7.10 6.46
CA THR C 77 -2.86 -5.71 6.39
C THR C 77 -4.25 -5.54 6.99
N LYS C 78 -4.52 -4.33 7.50
CA LYS C 78 -5.84 -3.98 7.99
C LYS C 78 -6.86 -4.22 6.88
N ALA C 79 -6.55 -3.78 5.67
CA ALA C 79 -7.47 -3.98 4.55
C ALA C 79 -7.70 -5.46 4.27
N ASN C 80 -6.69 -6.33 4.38
CA ASN C 80 -6.91 -7.77 4.23
C ASN C 80 -7.91 -8.23 5.30
N MET C 81 -7.72 -7.76 6.54
CA MET C 81 -8.66 -8.05 7.64
C MET C 81 -10.06 -7.55 7.26
N LYS C 82 -10.19 -6.32 6.74
CA LYS C 82 -11.48 -5.78 6.31
C LYS C 82 -12.10 -6.68 5.24
N LYS C 83 -11.36 -7.03 4.19
CA LYS C 83 -11.83 -7.90 3.13
C LYS C 83 -12.37 -9.19 3.73
N HIS C 84 -11.57 -9.88 4.55
CA HIS C 84 -12.02 -11.11 5.19
C HIS C 84 -13.32 -10.86 5.97
N PHE C 85 -13.30 -9.87 6.85
CA PHE C 85 -14.44 -9.55 7.70
C PHE C 85 -15.68 -9.35 6.83
N ASN C 86 -15.53 -8.59 5.75
CA ASN C 86 -16.61 -8.32 4.81
C ASN C 86 -17.09 -9.64 4.21
N ARG C 87 -16.19 -10.30 3.50
CA ARG C 87 -16.36 -11.57 2.80
C ARG C 87 -17.08 -12.61 3.65
N PHE C 88 -16.67 -12.77 4.91
CA PHE C 88 -17.19 -13.80 5.82
C PHE C 88 -18.32 -13.34 6.73
N HIS C 89 -18.45 -12.05 7.05
CA HIS C 89 -19.43 -11.58 8.04
C HIS C 89 -20.40 -10.54 7.48
N ASN C 90 -20.00 -9.72 6.51
CA ASN C 90 -20.89 -8.73 5.91
C ASN C 90 -21.68 -9.42 4.79
N ILE C 91 -20.97 -9.82 3.73
CA ILE C 91 -21.56 -10.49 2.57
C ILE C 91 -21.58 -12.02 2.72
N LYS C 92 -21.18 -12.54 3.89
CA LYS C 92 -21.17 -13.97 4.17
C LYS C 92 -20.41 -14.75 3.09
ZN ZN D . -0.74 11.06 -15.54
ZN ZN E . 11.24 -6.34 1.53
ZN ZN F . -13.68 -13.43 10.70
N MET C 1 -1.23 20.85 2.34
CA MET C 1 -1.49 19.76 1.39
C MET C 1 -1.58 20.34 -0.04
N LYS C 2 -0.44 20.77 -0.56
CA LYS C 2 -0.34 21.30 -1.91
C LYS C 2 -0.37 20.13 -2.87
N ARG C 3 -1.45 20.03 -3.66
CA ARG C 3 -1.58 18.94 -4.61
C ARG C 3 -0.42 18.99 -5.62
N TYR C 4 0.37 17.92 -5.67
CA TYR C 4 1.43 17.78 -6.64
C TYR C 4 0.72 17.36 -7.92
N ILE C 5 1.10 17.96 -9.06
CA ILE C 5 0.45 17.73 -10.35
C ILE C 5 1.34 16.88 -11.25
N CYS C 6 0.72 16.02 -12.04
CA CYS C 6 1.37 15.11 -12.97
C CYS C 6 2.11 15.88 -14.07
N SER C 7 3.42 15.69 -14.14
CA SER C 7 4.34 16.30 -15.09
C SER C 7 3.79 16.28 -16.52
N PHE C 8 3.17 15.16 -16.90
CA PHE C 8 2.55 14.98 -18.20
C PHE C 8 1.23 15.75 -18.25
N ALA C 9 1.33 17.09 -18.19
CA ALA C 9 0.26 18.09 -18.13
C ALA C 9 -1.11 17.59 -18.60
N ASP C 10 -1.21 17.16 -19.86
CA ASP C 10 -2.42 16.68 -20.51
C ASP C 10 -3.24 15.73 -19.61
N CYS C 11 -2.55 14.88 -18.85
CA CYS C 11 -3.13 13.93 -17.92
C CYS C 11 -4.05 14.60 -16.90
N GLY C 12 -3.70 15.82 -16.45
CA GLY C 12 -4.47 16.60 -15.49
C GLY C 12 -4.70 15.89 -14.16
N ALA C 13 -3.80 14.98 -13.76
CA ALA C 13 -3.89 14.27 -12.49
C ALA C 13 -3.12 15.06 -11.44
N ALA C 14 -3.63 15.09 -10.21
CA ALA C 14 -2.99 15.81 -9.11
C ALA C 14 -3.37 15.13 -7.79
N TYR C 15 -2.48 15.12 -6.79
CA TYR C 15 -2.75 14.47 -5.51
C TYR C 15 -2.02 15.17 -4.36
N ASN C 16 -2.62 15.14 -3.17
CA ASN C 16 -2.12 15.80 -1.96
C ASN C 16 -0.68 15.44 -1.61
N LYS C 17 -0.35 14.15 -1.55
CA LYS C 17 0.97 13.70 -1.13
C LYS C 17 1.92 13.45 -2.29
N ASN C 18 3.20 13.78 -2.04
CA ASN C 18 4.28 13.53 -2.97
C ASN C 18 4.32 12.05 -3.32
N TRP C 19 4.28 11.16 -2.32
CA TRP C 19 4.31 9.72 -2.55
C TRP C 19 3.21 9.29 -3.53
N LYS C 20 2.01 9.85 -3.39
CA LYS C 20 0.88 9.49 -4.21
C LYS C 20 1.13 9.92 -5.66
N LEU C 21 1.55 11.17 -5.86
CA LEU C 21 1.83 11.67 -7.20
C LEU C 21 3.00 10.89 -7.82
N GLN C 22 4.06 10.65 -7.06
CA GLN C 22 5.18 9.82 -7.49
C GLN C 22 4.69 8.44 -7.93
N ALA C 23 3.84 7.80 -7.11
CA ALA C 23 3.25 6.51 -7.47
C ALA C 23 2.49 6.67 -8.79
N HIS C 24 1.60 7.66 -8.91
CA HIS C 24 0.87 7.89 -10.15
C HIS C 24 1.83 7.94 -11.34
N LEU C 25 2.91 8.72 -11.23
CA LEU C 25 3.89 8.85 -12.30
C LEU C 25 4.44 7.49 -12.76
N SER C 26 4.38 6.44 -11.93
CA SER C 26 4.82 5.11 -12.34
C SER C 26 4.11 4.68 -13.63
N LYS C 27 2.85 5.09 -13.82
CA LYS C 27 2.06 4.79 -15.02
C LYS C 27 2.81 5.17 -16.29
N HIS C 28 3.38 6.37 -16.29
CA HIS C 28 4.04 6.96 -17.44
C HIS C 28 5.53 6.61 -17.49
N THR C 29 6.20 6.75 -16.35
CA THR C 29 7.64 6.58 -16.25
C THR C 29 8.09 5.12 -16.08
N GLY C 30 7.24 4.28 -15.51
CA GLY C 30 7.61 2.92 -15.16
C GLY C 30 8.52 2.91 -13.92
N GLU C 31 8.68 4.05 -13.23
CA GLU C 31 9.54 4.14 -12.06
C GLU C 31 8.87 3.56 -10.83
N LYS C 32 9.71 3.16 -9.86
CA LYS C 32 9.30 2.65 -8.56
C LYS C 32 10.20 3.35 -7.52
N PRO C 33 9.89 4.63 -7.22
CA PRO C 33 10.67 5.52 -6.36
C PRO C 33 11.16 4.99 -5.00
N PHE C 34 10.52 3.99 -4.41
CA PHE C 34 10.86 3.50 -3.07
C PHE C 34 11.42 2.07 -3.13
N PRO C 35 12.72 1.88 -3.39
CA PRO C 35 13.31 0.55 -3.44
C PRO C 35 13.48 -0.05 -2.04
N CYS C 36 13.25 -1.35 -1.90
CA CYS C 36 13.45 -2.08 -0.66
C CYS C 36 14.90 -2.57 -0.70
N LYS C 37 15.85 -1.81 -0.15
CA LYS C 37 17.26 -2.18 -0.19
C LYS C 37 17.61 -3.30 0.79
N GLU C 38 16.85 -4.40 0.74
CA GLU C 38 17.06 -5.60 1.53
C GLU C 38 17.88 -6.61 0.74
N GLU C 39 18.49 -7.55 1.45
CA GLU C 39 19.25 -8.63 0.82
C GLU C 39 18.26 -9.53 0.08
N GLY C 40 18.44 -9.73 -1.22
CA GLY C 40 17.58 -10.58 -2.03
C GLY C 40 16.24 -9.89 -2.36
N CYS C 41 15.53 -9.40 -1.35
CA CYS C 41 14.24 -8.73 -1.48
C CYS C 41 14.41 -7.31 -2.02
N GLU C 42 15.07 -7.16 -3.17
CA GLU C 42 15.28 -5.88 -3.82
C GLU C 42 14.02 -5.45 -4.58
N LYS C 43 12.95 -5.23 -3.82
CA LYS C 43 11.67 -4.80 -4.38
C LYS C 43 11.77 -3.34 -4.82
N GLY C 44 10.80 -2.91 -5.62
CA GLY C 44 10.64 -1.54 -6.08
C GLY C 44 9.21 -1.14 -5.75
N PHE C 45 9.02 -0.27 -4.75
CA PHE C 45 7.70 0.20 -4.35
C PHE C 45 7.44 1.58 -4.92
N THR C 46 6.19 1.88 -5.22
CA THR C 46 5.75 3.13 -5.79
C THR C 46 5.47 4.20 -4.74
N SER C 47 5.29 3.84 -3.47
CA SER C 47 5.05 4.81 -2.42
C SER C 47 5.75 4.43 -1.12
N LEU C 48 6.02 5.46 -0.30
CA LEU C 48 6.59 5.28 1.01
C LEU C 48 5.64 4.43 1.85
N HIS C 49 4.32 4.66 1.72
CA HIS C 49 3.35 3.86 2.46
C HIS C 49 3.41 2.40 2.01
N HIS C 50 3.50 2.13 0.70
CA HIS C 50 3.64 0.77 0.20
C HIS C 50 4.86 0.12 0.87
N LEU C 51 5.98 0.84 0.89
CA LEU C 51 7.20 0.36 1.54
C LEU C 51 6.95 0.09 3.03
N THR C 52 6.29 1.03 3.71
CA THR C 52 5.99 0.93 5.13
C THR C 52 5.18 -0.34 5.41
N ARG C 53 4.03 -0.51 4.74
CA ARG C 53 3.22 -1.71 4.95
C ARG C 53 4.00 -2.96 4.53
N HIS C 54 4.77 -2.90 3.44
CA HIS C 54 5.58 -4.04 3.02
C HIS C 54 6.51 -4.45 4.18
N SER C 55 7.10 -3.47 4.88
CA SER C 55 7.97 -3.75 6.01
C SER C 55 7.29 -4.61 7.09
N LEU C 56 5.96 -4.67 7.12
CA LEU C 56 5.26 -5.57 8.05
C LEU C 56 5.70 -7.01 7.79
N THR C 57 5.99 -7.37 6.53
CA THR C 57 6.43 -8.72 6.19
C THR C 57 7.81 -9.02 6.77
N HIS C 58 8.69 -8.02 6.84
CA HIS C 58 10.04 -8.20 7.40
C HIS C 58 9.96 -8.24 8.92
N THR C 59 9.29 -7.24 9.50
CA THR C 59 9.14 -7.14 10.95
C THR C 59 8.27 -8.27 11.50
N GLY C 60 7.34 -8.79 10.69
CA GLY C 60 6.41 -9.83 11.06
C GLY C 60 5.22 -9.28 11.84
N GLU C 61 4.96 -7.97 11.75
CA GLU C 61 3.89 -7.30 12.48
C GLU C 61 2.51 -7.51 11.81
N LYS C 62 2.19 -8.76 11.51
CA LYS C 62 0.96 -9.23 10.90
C LYS C 62 -0.11 -9.28 12.00
N ASN C 63 -0.45 -8.12 12.56
CA ASN C 63 -1.33 -8.00 13.72
C ASN C 63 -2.79 -7.67 13.46
N PHE C 64 -3.21 -7.49 12.20
CA PHE C 64 -4.59 -7.08 11.95
C PHE C 64 -5.52 -8.26 12.15
N THR C 65 -5.88 -8.46 13.41
CA THR C 65 -6.68 -9.52 13.95
C THR C 65 -8.17 -9.23 13.71
N CYS C 66 -8.85 -10.12 12.98
CA CYS C 66 -10.27 -10.04 12.75
C CYS C 66 -10.98 -10.12 14.11
N ASP C 67 -11.66 -9.04 14.51
CA ASP C 67 -12.37 -8.99 15.78
C ASP C 67 -13.65 -9.82 15.68
N SER C 68 -13.49 -11.15 15.67
CA SER C 68 -14.56 -12.12 15.56
C SER C 68 -14.14 -13.32 16.43
N ASP C 69 -14.90 -13.59 17.50
CA ASP C 69 -14.61 -14.67 18.44
C ASP C 69 -14.32 -15.97 17.71
N GLY C 70 -13.21 -16.64 18.03
CA GLY C 70 -12.81 -17.88 17.39
C GLY C 70 -12.14 -17.57 16.05
N CYS C 71 -12.82 -16.82 15.18
CA CYS C 71 -12.32 -16.39 13.88
C CYS C 71 -11.34 -15.22 14.07
N ASP C 72 -10.38 -15.37 14.97
CA ASP C 72 -9.38 -14.34 15.25
C ASP C 72 -8.23 -14.45 14.25
N LEU C 73 -8.56 -14.47 12.96
CA LEU C 73 -7.58 -14.57 11.89
C LEU C 73 -6.75 -13.27 11.85
N ARG C 74 -5.43 -13.41 11.79
CA ARG C 74 -4.48 -12.31 11.76
C ARG C 74 -4.07 -12.04 10.31
N PHE C 75 -4.22 -10.80 9.85
CA PHE C 75 -3.94 -10.40 8.48
C PHE C 75 -2.76 -9.42 8.41
N THR C 76 -2.15 -9.34 7.23
CA THR C 76 -1.02 -8.47 6.94
C THR C 76 -1.39 -6.99 6.94
N THR C 77 -2.55 -6.64 6.40
CA THR C 77 -2.99 -5.25 6.32
C THR C 77 -4.44 -5.13 6.80
N LYS C 78 -4.80 -3.92 7.23
CA LYS C 78 -6.15 -3.62 7.65
C LYS C 78 -7.12 -3.87 6.51
N ALA C 79 -6.77 -3.46 5.28
CA ALA C 79 -7.67 -3.69 4.17
C ALA C 79 -7.88 -5.20 3.92
N ASN C 80 -6.83 -6.02 4.05
CA ASN C 80 -7.01 -7.47 3.93
C ASN C 80 -7.99 -7.95 5.00
N MET C 81 -7.79 -7.50 6.24
CA MET C 81 -8.68 -7.80 7.36
C MET C 81 -10.13 -7.39 7.02
N LYS C 82 -10.33 -6.16 6.52
CA LYS C 82 -11.63 -5.64 6.14
C LYS C 82 -12.26 -6.52 5.06
N LYS C 83 -11.54 -6.81 3.98
CA LYS C 83 -12.04 -7.66 2.91
C LYS C 83 -12.48 -9.01 3.49
N HIS C 84 -11.65 -9.63 4.34
CA HIS C 84 -12.03 -10.88 4.98
C HIS C 84 -13.32 -10.69 5.78
N PHE C 85 -13.33 -9.71 6.68
CA PHE C 85 -14.46 -9.42 7.55
C PHE C 85 -15.72 -9.27 6.71
N ASN C 86 -15.60 -8.56 5.60
CA ASN C 86 -16.70 -8.36 4.67
C ASN C 86 -17.15 -9.71 4.12
N ARG C 87 -16.24 -10.39 3.42
CA ARG C 87 -16.47 -11.69 2.80
C ARG C 87 -17.17 -12.68 3.74
N PHE C 88 -16.69 -12.79 4.99
CA PHE C 88 -17.15 -13.79 5.93
C PHE C 88 -18.25 -13.33 6.89
N HIS C 89 -18.39 -12.03 7.15
CA HIS C 89 -19.33 -11.52 8.16
C HIS C 89 -20.31 -10.48 7.63
N ASN C 90 -19.99 -9.77 6.54
CA ASN C 90 -20.92 -8.82 5.94
C ASN C 90 -21.74 -9.53 4.89
N ILE C 91 -21.08 -9.98 3.82
CA ILE C 91 -21.72 -10.68 2.71
C ILE C 91 -21.73 -12.21 2.90
N LYS C 92 -21.04 -12.72 3.93
CA LYS C 92 -20.95 -14.15 4.22
C LYS C 92 -20.46 -14.91 2.98
ZN ZN D . -0.49 11.23 -15.27
ZN ZN E . 11.37 -6.27 1.36
ZN ZN F . -13.44 -13.24 10.55
N MET C 1 -0.37 20.23 0.57
CA MET C 1 -1.78 19.91 0.38
C MET C 1 -2.25 20.28 -1.03
N LYS C 2 -1.58 21.25 -1.67
CA LYS C 2 -1.93 21.70 -3.00
C LYS C 2 -1.85 20.52 -3.97
N ARG C 3 -2.80 20.46 -4.91
CA ARG C 3 -2.82 19.40 -5.90
C ARG C 3 -1.69 19.66 -6.90
N TYR C 4 -0.58 18.93 -6.73
CA TYR C 4 0.59 19.03 -7.60
C TYR C 4 0.23 18.26 -8.87
N ILE C 5 0.44 18.88 -10.03
CA ILE C 5 0.04 18.34 -11.32
C ILE C 5 1.11 17.44 -11.95
N CYS C 6 0.65 16.40 -12.64
CA CYS C 6 1.45 15.43 -13.37
C CYS C 6 2.26 16.12 -14.45
N SER C 7 3.58 15.87 -14.47
CA SER C 7 4.55 16.42 -15.40
C SER C 7 4.07 16.37 -16.85
N PHE C 8 3.47 15.24 -17.24
CA PHE C 8 2.91 15.05 -18.57
C PHE C 8 1.59 15.81 -18.69
N ALA C 9 1.66 17.15 -18.59
CA ALA C 9 0.57 18.12 -18.61
C ALA C 9 -0.77 17.60 -19.13
N ASP C 10 -0.81 17.19 -20.40
CA ASP C 10 -1.99 16.68 -21.11
C ASP C 10 -2.81 15.70 -20.27
N CYS C 11 -2.13 14.87 -19.48
CA CYS C 11 -2.72 13.88 -18.58
C CYS C 11 -3.76 14.51 -17.64
N GLY C 12 -3.52 15.75 -17.20
CA GLY C 12 -4.42 16.50 -16.32
C GLY C 12 -4.65 15.83 -14.96
N ALA C 13 -3.72 14.98 -14.51
CA ALA C 13 -3.81 14.35 -13.21
C ALA C 13 -3.11 15.23 -12.18
N ALA C 14 -3.62 15.30 -10.96
CA ALA C 14 -3.04 16.12 -9.91
C ALA C 14 -3.34 15.50 -8.55
N TYR C 15 -2.41 15.58 -7.58
CA TYR C 15 -2.61 14.98 -6.25
C TYR C 15 -1.95 15.81 -5.15
N ASN C 16 -2.47 15.65 -3.92
CA ASN C 16 -2.12 16.42 -2.72
C ASN C 16 -0.77 16.13 -2.09
N LYS C 17 -0.25 14.90 -2.20
CA LYS C 17 1.04 14.52 -1.62
C LYS C 17 2.04 14.17 -2.72
N ASN C 18 3.32 14.53 -2.52
CA ASN C 18 4.35 14.25 -3.50
C ASN C 18 4.43 12.74 -3.78
N TRP C 19 4.46 11.92 -2.71
CA TRP C 19 4.50 10.47 -2.83
C TRP C 19 3.35 10.00 -3.73
N LYS C 20 2.16 10.59 -3.55
CA LYS C 20 1.00 10.20 -4.32
C LYS C 20 1.21 10.57 -5.78
N LEU C 21 1.69 11.78 -6.05
CA LEU C 21 1.99 12.15 -7.42
C LEU C 21 3.02 11.17 -8.00
N GLN C 22 4.02 10.76 -7.21
CA GLN C 22 5.00 9.79 -7.69
C GLN C 22 4.29 8.47 -8.02
N ALA C 23 3.41 8.02 -7.11
CA ALA C 23 2.64 6.81 -7.29
C ALA C 23 1.84 6.87 -8.59
N HIS C 24 1.34 8.05 -8.96
CA HIS C 24 0.70 8.21 -10.26
C HIS C 24 1.77 8.10 -11.35
N LEU C 25 2.78 8.98 -11.31
CA LEU C 25 3.86 9.07 -12.28
C LEU C 25 4.51 7.73 -12.57
N SER C 26 4.55 6.81 -11.60
CA SER C 26 5.11 5.49 -11.78
C SER C 26 4.56 4.82 -13.05
N LYS C 27 3.28 5.06 -13.38
CA LYS C 27 2.65 4.51 -14.57
C LYS C 27 3.35 4.95 -15.85
N HIS C 28 3.84 6.19 -15.89
CA HIS C 28 4.51 6.75 -17.05
C HIS C 28 6.02 6.49 -17.00
N THR C 29 6.62 6.78 -15.84
CA THR C 29 8.06 6.77 -15.63
C THR C 29 8.64 5.41 -15.23
N GLY C 30 7.84 4.56 -14.58
CA GLY C 30 8.32 3.32 -14.00
C GLY C 30 9.05 3.57 -12.68
N GLU C 31 8.99 4.79 -12.13
CA GLU C 31 9.68 5.12 -10.89
C GLU C 31 8.93 4.59 -9.67
N LYS C 32 9.68 4.07 -8.70
CA LYS C 32 9.17 3.55 -7.43
C LYS C 32 10.10 4.10 -6.34
N PRO C 33 9.90 5.36 -5.91
CA PRO C 33 10.74 6.09 -4.97
C PRO C 33 11.17 5.41 -3.68
N PHE C 34 10.42 4.43 -3.18
CA PHE C 34 10.71 3.75 -1.92
C PHE C 34 11.13 2.30 -2.16
N PRO C 35 12.39 2.04 -2.53
CA PRO C 35 12.88 0.70 -2.75
C PRO C 35 13.18 -0.02 -1.44
N CYS C 36 13.04 -1.35 -1.44
CA CYS C 36 13.39 -2.20 -0.31
C CYS C 36 14.83 -2.59 -0.53
N LYS C 37 15.81 -1.76 -0.16
CA LYS C 37 17.22 -2.03 -0.41
C LYS C 37 17.83 -3.14 0.46
N GLU C 38 17.18 -4.30 0.51
CA GLU C 38 17.66 -5.50 1.16
C GLU C 38 18.35 -6.38 0.12
N GLU C 39 19.24 -7.27 0.58
CA GLU C 39 19.91 -8.22 -0.29
C GLU C 39 18.85 -9.15 -0.89
N GLY C 40 18.85 -9.32 -2.22
CA GLY C 40 17.89 -10.19 -2.90
C GLY C 40 16.51 -9.55 -3.01
N CYS C 41 15.90 -9.19 -1.88
CA CYS C 41 14.56 -8.60 -1.82
C CYS C 41 14.59 -7.12 -2.23
N GLU C 42 15.19 -6.82 -3.38
CA GLU C 42 15.29 -5.46 -3.91
C GLU C 42 13.98 -5.04 -4.57
N LYS C 43 12.94 -4.91 -3.75
CA LYS C 43 11.63 -4.47 -4.21
C LYS C 43 11.64 -2.97 -4.50
N GLY C 44 10.59 -2.49 -5.17
CA GLY C 44 10.38 -1.10 -5.51
C GLY C 44 8.94 -0.75 -5.12
N PHE C 45 8.77 0.13 -4.13
CA PHE C 45 7.46 0.59 -3.68
C PHE C 45 7.33 2.10 -3.96
N THR C 46 6.10 2.55 -4.20
CA THR C 46 5.79 3.93 -4.57
C THR C 46 5.58 4.85 -3.36
N SER C 47 5.44 4.32 -2.15
CA SER C 47 5.25 5.14 -0.96
C SER C 47 5.92 4.45 0.23
N LEU C 48 6.20 5.24 1.27
CA LEU C 48 6.80 4.73 2.49
C LEU C 48 5.85 3.73 3.12
N HIS C 49 4.56 4.05 3.15
CA HIS C 49 3.57 3.16 3.72
C HIS C 49 3.43 1.89 2.88
N HIS C 50 3.47 1.99 1.55
CA HIS C 50 3.44 0.80 0.70
C HIS C 50 4.64 -0.08 1.08
N LEU C 51 5.82 0.54 1.20
CA LEU C 51 7.03 -0.17 1.63
C LEU C 51 6.81 -0.78 3.02
N THR C 52 6.20 -0.04 3.95
CA THR C 52 5.95 -0.51 5.30
C THR C 52 5.06 -1.76 5.30
N ARG C 53 3.90 -1.73 4.64
CA ARG C 53 3.01 -2.90 4.60
C ARG C 53 3.77 -4.11 4.07
N HIS C 54 4.62 -3.92 3.06
CA HIS C 54 5.46 -4.99 2.54
C HIS C 54 6.42 -5.47 3.64
N SER C 55 7.12 -4.54 4.30
CA SER C 55 8.07 -4.83 5.36
C SER C 55 7.47 -5.73 6.44
N LEU C 56 6.15 -5.63 6.70
CA LEU C 56 5.47 -6.49 7.68
C LEU C 56 5.78 -7.97 7.45
N THR C 57 6.00 -8.38 6.18
CA THR C 57 6.30 -9.76 5.85
C THR C 57 7.66 -10.20 6.43
N HIS C 58 8.59 -9.26 6.59
CA HIS C 58 9.93 -9.53 7.10
C HIS C 58 9.88 -9.68 8.61
N THR C 59 9.24 -8.72 9.26
CA THR C 59 9.08 -8.72 10.71
C THR C 59 8.10 -9.82 11.14
N GLY C 60 7.19 -10.23 10.24
CA GLY C 60 6.17 -11.22 10.50
C GLY C 60 5.04 -10.57 11.30
N GLU C 61 4.78 -9.28 11.07
CA GLU C 61 3.74 -8.55 11.79
C GLU C 61 2.36 -8.83 11.20
N LYS C 62 1.99 -10.12 11.18
CA LYS C 62 0.70 -10.60 10.77
C LYS C 62 -0.20 -10.34 11.98
N ASN C 63 -0.61 -9.08 12.18
CA ASN C 63 -1.26 -8.66 13.41
C ASN C 63 -2.65 -8.04 13.23
N PHE C 64 -3.14 -7.84 12.00
CA PHE C 64 -4.44 -7.21 11.83
C PHE C 64 -5.50 -8.24 12.16
N THR C 65 -5.82 -8.31 13.45
CA THR C 65 -6.71 -9.27 14.06
C THR C 65 -8.17 -8.93 13.80
N CYS C 66 -8.88 -9.83 13.12
CA CYS C 66 -10.30 -9.73 12.88
C CYS C 66 -11.00 -9.69 14.24
N ASP C 67 -11.68 -8.58 14.54
CA ASP C 67 -12.36 -8.39 15.82
C ASP C 67 -13.64 -9.22 15.85
N SER C 68 -13.49 -10.55 15.94
CA SER C 68 -14.59 -11.50 16.01
C SER C 68 -14.10 -12.65 16.88
N ASP C 69 -14.76 -12.90 18.01
CA ASP C 69 -14.40 -13.98 18.93
C ASP C 69 -14.32 -15.30 18.16
N GLY C 70 -13.31 -16.12 18.47
CA GLY C 70 -13.09 -17.38 17.78
C GLY C 70 -12.38 -17.11 16.47
N CYS C 71 -13.01 -16.33 15.58
CA CYS C 71 -12.44 -15.94 14.30
C CYS C 71 -11.44 -14.79 14.50
N ASP C 72 -10.51 -14.94 15.45
CA ASP C 72 -9.48 -13.95 15.72
C ASP C 72 -8.33 -14.14 14.74
N LEU C 73 -8.65 -14.20 13.44
CA LEU C 73 -7.68 -14.40 12.38
C LEU C 73 -6.86 -13.12 12.22
N ARG C 74 -5.54 -13.26 12.21
CA ARG C 74 -4.63 -12.13 12.05
C ARG C 74 -4.18 -12.05 10.60
N PHE C 75 -4.42 -10.91 9.95
CA PHE C 75 -4.08 -10.68 8.56
C PHE C 75 -2.84 -9.81 8.44
N THR C 76 -2.20 -9.85 7.26
CA THR C 76 -1.00 -9.10 6.94
C THR C 76 -1.26 -7.60 6.81
N THR C 77 -2.41 -7.20 6.24
CA THR C 77 -2.75 -5.80 6.06
C THR C 77 -4.18 -5.54 6.55
N LYS C 78 -4.45 -4.28 6.90
CA LYS C 78 -5.78 -3.87 7.30
C LYS C 78 -6.75 -4.20 6.17
N ALA C 79 -6.38 -3.87 4.93
CA ALA C 79 -7.25 -4.13 3.81
C ALA C 79 -7.49 -5.64 3.62
N ASN C 80 -6.49 -6.50 3.84
CA ASN C 80 -6.73 -7.94 3.77
C ASN C 80 -7.77 -8.34 4.83
N MET C 81 -7.64 -7.81 6.05
CA MET C 81 -8.61 -8.01 7.12
C MET C 81 -10.00 -7.54 6.65
N LYS C 82 -10.09 -6.34 6.08
CA LYS C 82 -11.34 -5.80 5.57
C LYS C 82 -11.93 -6.73 4.52
N LYS C 83 -11.16 -7.15 3.52
CA LYS C 83 -11.65 -8.06 2.49
C LYS C 83 -12.22 -9.33 3.15
N HIS C 84 -11.47 -9.93 4.08
CA HIS C 84 -11.98 -11.07 4.81
C HIS C 84 -13.33 -10.75 5.44
N PHE C 85 -13.43 -9.65 6.19
CA PHE C 85 -14.66 -9.25 6.85
C PHE C 85 -15.81 -9.11 5.84
N ASN C 86 -15.52 -8.42 4.73
CA ASN C 86 -16.44 -8.18 3.62
C ASN C 86 -16.90 -9.50 3.01
N ARG C 87 -16.01 -10.50 2.95
CA ARG C 87 -16.29 -11.81 2.39
C ARG C 87 -17.05 -12.70 3.40
N PHE C 88 -16.72 -12.61 4.69
CA PHE C 88 -17.27 -13.46 5.75
C PHE C 88 -18.42 -12.84 6.53
N HIS C 89 -18.11 -11.88 7.41
CA HIS C 89 -19.06 -11.35 8.37
C HIS C 89 -20.09 -10.42 7.73
N ASN C 90 -19.72 -9.76 6.64
CA ASN C 90 -20.66 -8.92 5.92
C ASN C 90 -21.67 -9.84 5.21
N ILE C 91 -21.23 -11.04 4.81
CA ILE C 91 -22.11 -12.08 4.28
C ILE C 91 -22.41 -13.06 5.43
N LYS C 92 -22.54 -12.54 6.66
CA LYS C 92 -22.76 -13.33 7.86
C LYS C 92 -21.74 -14.46 7.99
ZN ZN D . -0.12 11.34 -15.64
ZN ZN E . 11.44 -6.54 1.25
ZN ZN F . -13.45 -12.99 10.83
N MET C 1 -3.00 23.05 0.14
CA MET C 1 -3.21 23.99 -0.96
C MET C 1 -2.33 23.60 -2.15
N LYS C 2 -1.03 23.41 -1.89
CA LYS C 2 -0.07 23.00 -2.90
C LYS C 2 -0.28 21.52 -3.19
N ARG C 3 -0.15 21.11 -4.45
CA ARG C 3 -0.26 19.73 -4.88
C ARG C 3 0.92 19.47 -5.83
N TYR C 4 1.44 18.25 -5.86
CA TYR C 4 2.44 17.86 -6.84
C TYR C 4 1.64 17.56 -8.11
N ILE C 5 2.08 18.07 -9.25
CA ILE C 5 1.38 17.95 -10.52
C ILE C 5 2.15 17.01 -11.45
N CYS C 6 1.41 16.23 -12.23
CA CYS C 6 1.94 15.28 -13.19
C CYS C 6 2.69 16.01 -14.30
N SER C 7 4.00 15.76 -14.42
CA SER C 7 4.92 16.34 -15.38
C SER C 7 4.34 16.39 -16.80
N PHE C 8 3.62 15.35 -17.19
CA PHE C 8 2.97 15.23 -18.49
C PHE C 8 1.73 16.13 -18.52
N ALA C 9 1.94 17.45 -18.43
CA ALA C 9 0.97 18.53 -18.37
C ALA C 9 -0.46 18.16 -18.81
N ASP C 10 -0.62 17.78 -20.08
CA ASP C 10 -1.89 17.41 -20.71
C ASP C 10 -2.74 16.50 -19.83
N CYS C 11 -2.11 15.58 -19.11
CA CYS C 11 -2.74 14.63 -18.21
C CYS C 11 -3.58 15.34 -17.14
N GLY C 12 -3.14 16.51 -16.68
CA GLY C 12 -3.82 17.33 -15.69
C GLY C 12 -4.06 16.62 -14.35
N ALA C 13 -3.22 15.65 -13.99
CA ALA C 13 -3.33 14.94 -12.72
C ALA C 13 -2.48 15.66 -11.68
N ALA C 14 -2.96 15.72 -10.43
CA ALA C 14 -2.26 16.37 -9.33
C ALA C 14 -2.71 15.73 -8.02
N TYR C 15 -1.83 15.69 -7.01
CA TYR C 15 -2.14 15.08 -5.72
C TYR C 15 -1.40 15.81 -4.59
N ASN C 16 -1.90 15.68 -3.37
CA ASN C 16 -1.33 16.31 -2.18
C ASN C 16 -0.05 15.60 -1.73
N LYS C 17 -0.11 14.29 -1.54
CA LYS C 17 1.05 13.53 -1.07
C LYS C 17 1.98 13.20 -2.23
N ASN C 18 3.27 13.50 -2.06
CA ASN C 18 4.30 13.22 -3.06
C ASN C 18 4.22 11.78 -3.55
N TRP C 19 4.14 10.83 -2.62
CA TRP C 19 4.08 9.41 -2.91
C TRP C 19 2.92 9.05 -3.86
N LYS C 20 1.79 9.73 -3.69
CA LYS C 20 0.60 9.49 -4.49
C LYS C 20 0.90 9.90 -5.93
N LEU C 21 1.47 11.10 -6.09
CA LEU C 21 1.90 11.59 -7.38
C LEU C 21 3.03 10.71 -7.93
N GLN C 22 3.93 10.17 -7.10
CA GLN C 22 4.96 9.26 -7.58
C GLN C 22 4.31 8.04 -8.22
N ALA C 23 3.36 7.42 -7.51
CA ALA C 23 2.63 6.28 -8.04
C ALA C 23 1.95 6.65 -9.34
N HIS C 24 1.34 7.84 -9.42
CA HIS C 24 0.77 8.27 -10.68
C HIS C 24 1.85 8.31 -11.77
N LEU C 25 2.97 9.01 -11.53
CA LEU C 25 4.07 9.11 -12.48
C LEU C 25 4.56 7.74 -12.93
N SER C 26 4.60 6.74 -12.04
CA SER C 26 5.07 5.41 -12.43
C SER C 26 4.30 4.88 -13.65
N LYS C 27 3.02 5.23 -13.80
CA LYS C 27 2.21 4.81 -14.94
C LYS C 27 2.87 5.22 -16.26
N HIS C 28 3.44 6.42 -16.30
CA HIS C 28 4.08 6.97 -17.49
C HIS C 28 5.56 6.61 -17.55
N THR C 29 6.27 6.85 -16.45
CA THR C 29 7.71 6.72 -16.36
C THR C 29 8.21 5.29 -16.16
N GLY C 30 7.42 4.45 -15.50
CA GLY C 30 7.85 3.11 -15.12
C GLY C 30 8.81 3.15 -13.93
N GLU C 31 9.02 4.31 -13.31
CA GLU C 31 9.93 4.44 -12.17
C GLU C 31 9.27 3.93 -10.89
N LYS C 32 10.09 3.45 -9.94
CA LYS C 32 9.66 2.95 -8.64
C LYS C 32 10.54 3.61 -7.56
N PRO C 33 10.26 4.89 -7.22
CA PRO C 33 11.06 5.71 -6.30
C PRO C 33 11.40 5.14 -4.92
N PHE C 34 10.67 4.14 -4.41
CA PHE C 34 10.89 3.61 -3.07
C PHE C 34 11.43 2.17 -3.13
N PRO C 35 12.73 1.98 -3.38
CA PRO C 35 13.34 0.66 -3.41
C PRO C 35 13.47 0.11 -1.98
N CYS C 36 13.19 -1.18 -1.80
CA CYS C 36 13.28 -1.86 -0.52
C CYS C 36 14.72 -2.21 -0.16
N LYS C 37 15.61 -2.27 -1.17
CA LYS C 37 17.05 -2.51 -1.06
C LYS C 37 17.48 -3.89 -0.55
N GLU C 38 16.77 -4.47 0.43
CA GLU C 38 17.10 -5.76 1.02
C GLU C 38 17.52 -6.81 -0.02
N GLU C 39 18.57 -7.57 0.30
CA GLU C 39 19.08 -8.63 -0.57
C GLU C 39 17.92 -9.60 -0.88
N GLY C 40 17.74 -9.93 -2.15
CA GLY C 40 16.64 -10.79 -2.59
C GLY C 40 15.34 -9.99 -2.62
N CYS C 41 14.91 -9.47 -1.47
CA CYS C 41 13.71 -8.66 -1.33
C CYS C 41 13.98 -7.21 -1.80
N GLU C 42 14.59 -7.07 -2.98
CA GLU C 42 14.91 -5.78 -3.57
C GLU C 42 13.67 -5.30 -4.33
N LYS C 43 12.56 -5.14 -3.60
CA LYS C 43 11.31 -4.68 -4.15
C LYS C 43 11.46 -3.24 -4.63
N GLY C 44 10.62 -2.82 -5.58
CA GLY C 44 10.58 -1.47 -6.09
C GLY C 44 9.17 -0.95 -5.83
N PHE C 45 8.99 -0.14 -4.78
CA PHE C 45 7.68 0.41 -4.46
C PHE C 45 7.55 1.82 -5.04
N THR C 46 6.33 2.20 -5.41
CA THR C 46 6.01 3.49 -5.98
C THR C 46 5.52 4.48 -4.93
N SER C 47 5.29 4.04 -3.69
CA SER C 47 4.82 4.92 -2.65
C SER C 47 5.35 4.52 -1.28
N LEU C 48 5.72 5.54 -0.49
CA LEU C 48 6.26 5.40 0.84
C LEU C 48 5.31 4.59 1.71
N HIS C 49 4.01 4.89 1.66
CA HIS C 49 3.04 4.16 2.47
C HIS C 49 3.11 2.66 2.17
N HIS C 50 3.19 2.32 0.88
CA HIS C 50 3.21 0.94 0.47
C HIS C 50 4.46 0.27 1.05
N LEU C 51 5.62 0.92 0.90
CA LEU C 51 6.86 0.43 1.48
C LEU C 51 6.69 0.23 2.99
N THR C 52 6.10 1.22 3.66
CA THR C 52 5.86 1.19 5.10
C THR C 52 5.05 -0.05 5.47
N ARG C 53 3.86 -0.25 4.91
CA ARG C 53 3.08 -1.43 5.27
C ARG C 53 3.73 -2.73 4.78
N HIS C 54 4.43 -2.71 3.64
CA HIS C 54 5.18 -3.87 3.16
C HIS C 54 6.14 -4.33 4.26
N SER C 55 6.80 -3.38 4.92
CA SER C 55 7.73 -3.67 6.01
C SER C 55 7.09 -4.51 7.12
N LEU C 56 5.76 -4.49 7.29
CA LEU C 56 5.08 -5.34 8.28
C LEU C 56 5.47 -6.81 8.08
N THR C 57 5.71 -7.22 6.83
CA THR C 57 6.09 -8.60 6.52
C THR C 57 7.46 -8.93 7.12
N HIS C 58 8.34 -7.93 7.23
CA HIS C 58 9.70 -8.07 7.73
C HIS C 58 9.67 -8.11 9.25
N THR C 59 8.97 -7.14 9.85
CA THR C 59 8.84 -7.08 11.30
C THR C 59 7.96 -8.22 11.82
N GLY C 60 7.09 -8.76 10.95
CA GLY C 60 6.16 -9.82 11.29
C GLY C 60 5.01 -9.27 12.11
N GLU C 61 4.62 -8.01 11.87
CA GLU C 61 3.56 -7.35 12.60
C GLU C 61 2.17 -7.74 12.08
N LYS C 62 1.97 -9.05 11.89
CA LYS C 62 0.76 -9.68 11.41
C LYS C 62 -0.24 -9.78 12.57
N ASN C 63 -0.73 -8.62 13.04
CA ASN C 63 -1.59 -8.51 14.22
C ASN C 63 -3.03 -8.08 13.94
N PHE C 64 -3.44 -7.87 12.68
CA PHE C 64 -4.78 -7.37 12.43
C PHE C 64 -5.78 -8.49 12.62
N THR C 65 -6.23 -8.62 13.86
CA THR C 65 -7.09 -9.67 14.36
C THR C 65 -8.54 -9.47 13.95
N CYS C 66 -9.10 -10.43 13.21
CA CYS C 66 -10.50 -10.44 12.84
C CYS C 66 -11.32 -10.45 14.13
N ASP C 67 -12.20 -9.46 14.29
CA ASP C 67 -13.05 -9.30 15.45
C ASP C 67 -14.19 -10.31 15.40
N SER C 68 -13.86 -11.59 15.55
CA SER C 68 -14.80 -12.70 15.52
C SER C 68 -14.26 -13.77 16.47
N ASP C 69 -15.00 -14.07 17.54
CA ASP C 69 -14.60 -15.06 18.54
C ASP C 69 -14.27 -16.39 17.87
N GLY C 70 -13.16 -17.03 18.27
CA GLY C 70 -12.72 -18.27 17.67
C GLY C 70 -11.97 -17.96 16.38
N CYS C 71 -12.63 -17.29 15.43
CA CYS C 71 -12.03 -16.86 14.18
C CYS C 71 -11.17 -15.61 14.40
N ASP C 72 -10.29 -15.65 15.40
CA ASP C 72 -9.39 -14.54 15.72
C ASP C 72 -8.17 -14.62 14.80
N LEU C 73 -8.41 -14.71 13.49
CA LEU C 73 -7.37 -14.79 12.49
C LEU C 73 -6.65 -13.43 12.43
N ARG C 74 -5.32 -13.44 12.48
CA ARG C 74 -4.52 -12.21 12.45
C ARG C 74 -3.94 -12.04 11.05
N PHE C 75 -4.25 -10.93 10.39
CA PHE C 75 -3.85 -10.64 9.01
C PHE C 75 -2.72 -9.62 8.93
N THR C 76 -2.10 -9.50 7.75
CA THR C 76 -0.99 -8.61 7.43
C THR C 76 -1.38 -7.14 7.46
N THR C 77 -2.41 -6.72 6.71
CA THR C 77 -2.88 -5.34 6.73
C THR C 77 -4.37 -5.35 7.02
N LYS C 78 -4.89 -4.24 7.55
CA LYS C 78 -6.30 -4.14 7.85
C LYS C 78 -7.14 -4.50 6.62
N ALA C 79 -6.74 -4.07 5.42
CA ALA C 79 -7.54 -4.40 4.25
C ALA C 79 -7.63 -5.91 3.98
N ASN C 80 -6.64 -6.71 4.39
CA ASN C 80 -6.74 -8.16 4.25
C ASN C 80 -7.85 -8.65 5.20
N MET C 81 -7.81 -8.17 6.43
CA MET C 81 -8.81 -8.48 7.46
C MET C 81 -10.19 -8.05 6.96
N LYS C 82 -10.30 -6.86 6.39
CA LYS C 82 -11.55 -6.35 5.84
C LYS C 82 -12.02 -7.26 4.72
N LYS C 83 -11.18 -7.59 3.75
CA LYS C 83 -11.53 -8.51 2.66
C LYS C 83 -12.12 -9.78 3.26
N HIS C 84 -11.40 -10.41 4.20
CA HIS C 84 -11.88 -11.59 4.87
C HIS C 84 -13.27 -11.35 5.48
N PHE C 85 -13.42 -10.31 6.29
CA PHE C 85 -14.70 -10.01 6.93
C PHE C 85 -15.82 -9.88 5.90
N ASN C 86 -15.57 -9.08 4.86
CA ASN C 86 -16.47 -8.83 3.74
C ASN C 86 -16.89 -10.16 3.09
N ARG C 87 -15.91 -11.04 2.90
CA ARG C 87 -16.09 -12.34 2.28
C ARG C 87 -16.76 -13.36 3.21
N PHE C 88 -16.53 -13.26 4.54
CA PHE C 88 -17.02 -14.21 5.52
C PHE C 88 -18.21 -13.72 6.34
N HIS C 89 -17.95 -12.86 7.34
CA HIS C 89 -18.93 -12.46 8.34
C HIS C 89 -19.97 -11.47 7.83
N ASN C 90 -19.62 -10.72 6.79
CA ASN C 90 -20.56 -9.80 6.18
C ASN C 90 -21.59 -10.61 5.39
N ILE C 91 -21.20 -11.80 4.87
CA ILE C 91 -22.14 -12.68 4.20
C ILE C 91 -22.89 -13.47 5.28
N LYS C 92 -22.14 -14.18 6.14
CA LYS C 92 -22.67 -14.96 7.24
C LYS C 92 -22.60 -14.09 8.50
ZN ZN D . -0.31 11.64 -15.63
ZN ZN E . 10.93 -5.89 1.56
ZN ZN F . -13.25 -14.04 10.66
N MET C 1 -1.35 16.97 1.28
CA MET C 1 -2.78 17.29 1.28
C MET C 1 -3.10 18.16 0.07
N LYS C 2 -2.23 19.13 -0.19
CA LYS C 2 -2.33 19.98 -1.37
C LYS C 2 -2.11 19.07 -2.58
N ARG C 3 -3.15 18.87 -3.39
CA ARG C 3 -3.07 18.02 -4.56
C ARG C 3 -1.89 18.40 -5.48
N TYR C 4 -0.89 17.51 -5.55
CA TYR C 4 0.26 17.63 -6.43
C TYR C 4 -0.24 17.18 -7.81
N ILE C 5 0.03 17.96 -8.86
CA ILE C 5 -0.49 17.72 -10.20
C ILE C 5 0.53 17.03 -11.11
N CYS C 6 0.05 16.12 -11.95
CA CYS C 6 0.82 15.34 -12.92
C CYS C 6 1.49 16.27 -13.94
N SER C 7 2.82 16.23 -13.98
CA SER C 7 3.68 17.03 -14.84
C SER C 7 3.26 16.99 -16.32
N PHE C 8 2.75 15.85 -16.76
CA PHE C 8 2.26 15.66 -18.12
C PHE C 8 0.98 16.46 -18.32
N ALA C 9 1.10 17.78 -18.47
CA ALA C 9 0.04 18.77 -18.62
C ALA C 9 -0.89 18.51 -19.82
N ASP C 10 -1.68 17.44 -19.68
CA ASP C 10 -2.65 16.88 -20.61
C ASP C 10 -3.36 15.79 -19.80
N CYS C 11 -2.55 14.92 -19.18
CA CYS C 11 -2.99 13.90 -18.25
C CYS C 11 -3.11 14.59 -16.92
N GLY C 12 -4.16 15.39 -16.87
CA GLY C 12 -4.54 16.28 -15.77
C GLY C 12 -4.95 15.54 -14.49
N ALA C 13 -4.10 14.64 -14.00
CA ALA C 13 -4.31 13.90 -12.76
C ALA C 13 -3.65 14.69 -11.62
N ALA C 14 -4.16 14.54 -10.40
CA ALA C 14 -3.62 15.25 -9.25
C ALA C 14 -3.92 14.45 -7.99
N TYR C 15 -3.02 14.45 -7.00
CA TYR C 15 -3.18 13.64 -5.79
C TYR C 15 -2.57 14.29 -4.54
N ASN C 16 -3.18 14.02 -3.38
CA ASN C 16 -2.83 14.52 -2.05
C ASN C 16 -1.34 14.70 -1.75
N LYS C 17 -0.51 13.69 -2.00
CA LYS C 17 0.90 13.70 -1.61
C LYS C 17 1.84 13.48 -2.78
N ASN C 18 3.07 13.98 -2.60
CA ASN C 18 4.16 13.85 -3.56
C ASN C 18 4.39 12.37 -3.92
N TRP C 19 4.47 11.49 -2.91
CA TRP C 19 4.63 10.05 -3.10
C TRP C 19 3.47 9.50 -3.93
N LYS C 20 2.25 9.99 -3.68
CA LYS C 20 1.06 9.55 -4.39
C LYS C 20 1.25 9.94 -5.85
N LEU C 21 1.64 11.19 -6.09
CA LEU C 21 1.89 11.63 -7.43
C LEU C 21 2.98 10.77 -8.08
N GLN C 22 4.06 10.44 -7.36
CA GLN C 22 5.10 9.57 -7.90
C GLN C 22 4.50 8.24 -8.33
N ALA C 23 3.66 7.65 -7.48
CA ALA C 23 2.99 6.40 -7.81
C ALA C 23 2.17 6.55 -9.09
N HIS C 24 1.51 7.69 -9.30
CA HIS C 24 0.83 7.90 -10.57
C HIS C 24 1.87 8.00 -11.70
N LEU C 25 2.84 8.91 -11.58
CA LEU C 25 3.88 9.15 -12.57
C LEU C 25 4.59 7.87 -12.97
N SER C 26 4.78 6.92 -12.05
CA SER C 26 5.43 5.64 -12.35
C SER C 26 4.78 4.96 -13.56
N LYS C 27 3.47 5.17 -13.79
CA LYS C 27 2.76 4.62 -14.94
C LYS C 27 3.42 5.10 -16.24
N HIS C 28 3.90 6.35 -16.25
CA HIS C 28 4.54 6.97 -17.40
C HIS C 28 6.06 6.72 -17.39
N THR C 29 6.70 7.01 -16.27
CA THR C 29 8.15 7.02 -16.15
C THR C 29 8.78 5.68 -15.80
N GLY C 30 8.04 4.77 -15.17
CA GLY C 30 8.56 3.50 -14.70
C GLY C 30 9.46 3.67 -13.46
N GLU C 31 9.50 4.87 -12.86
CA GLU C 31 10.33 5.12 -11.68
C GLU C 31 9.67 4.52 -10.45
N LYS C 32 10.48 3.98 -9.53
CA LYS C 32 10.00 3.41 -8.26
C LYS C 32 10.86 3.98 -7.12
N PRO C 33 10.59 5.23 -6.70
CA PRO C 33 11.37 5.98 -5.71
C PRO C 33 11.76 5.28 -4.40
N PHE C 34 11.02 4.28 -3.93
CA PHE C 34 11.27 3.64 -2.64
C PHE C 34 11.76 2.19 -2.82
N PRO C 35 13.07 1.97 -3.07
CA PRO C 35 13.61 0.62 -3.22
C PRO C 35 13.73 -0.07 -1.85
N CYS C 36 13.45 -1.37 -1.79
CA CYS C 36 13.61 -2.17 -0.60
C CYS C 36 15.04 -2.68 -0.62
N LYS C 37 16.01 -1.91 -0.11
CA LYS C 37 17.42 -2.32 -0.10
C LYS C 37 17.70 -3.40 0.96
N GLU C 38 16.96 -4.50 0.90
CA GLU C 38 17.09 -5.67 1.75
C GLU C 38 17.99 -6.70 1.07
N GLU C 39 18.34 -7.73 1.82
CA GLU C 39 19.14 -8.84 1.31
C GLU C 39 18.28 -9.63 0.33
N GLY C 40 18.63 -9.64 -0.96
CA GLY C 40 17.92 -10.38 -2.00
C GLY C 40 16.60 -9.73 -2.41
N CYS C 41 15.78 -9.30 -1.45
CA CYS C 41 14.47 -8.71 -1.67
C CYS C 41 14.59 -7.26 -2.17
N GLU C 42 15.29 -7.05 -3.28
CA GLU C 42 15.49 -5.74 -3.88
C GLU C 42 14.24 -5.30 -4.65
N LYS C 43 13.14 -5.10 -3.92
CA LYS C 43 11.89 -4.63 -4.49
C LYS C 43 12.01 -3.15 -4.86
N GLY C 44 11.10 -2.66 -5.70
CA GLY C 44 10.99 -1.28 -6.11
C GLY C 44 9.58 -0.83 -5.78
N PHE C 45 9.39 -0.04 -4.71
CA PHE C 45 8.08 0.46 -4.32
C PHE C 45 7.94 1.91 -4.78
N THR C 46 6.77 2.30 -5.27
CA THR C 46 6.55 3.66 -5.72
C THR C 46 6.23 4.62 -4.57
N SER C 47 5.96 4.12 -3.35
CA SER C 47 5.69 4.99 -2.21
C SER C 47 6.16 4.36 -0.90
N LEU C 48 6.42 5.23 0.07
CA LEU C 48 6.82 4.85 1.42
C LEU C 48 5.72 4.01 2.06
N HIS C 49 4.44 4.33 1.81
CA HIS C 49 3.36 3.57 2.42
C HIS C 49 3.43 2.11 1.98
N HIS C 50 3.62 1.84 0.68
CA HIS C 50 3.73 0.47 0.22
C HIS C 50 4.87 -0.21 0.98
N LEU C 51 6.02 0.47 1.04
CA LEU C 51 7.20 -0.03 1.72
C LEU C 51 6.86 -0.35 3.19
N THR C 52 6.10 0.52 3.84
CA THR C 52 5.68 0.33 5.22
C THR C 52 4.86 -0.96 5.34
N ARG C 53 3.77 -1.11 4.56
CA ARG C 53 2.99 -2.35 4.67
C ARG C 53 3.85 -3.56 4.29
N HIS C 54 4.70 -3.43 3.27
CA HIS C 54 5.60 -4.51 2.86
C HIS C 54 6.50 -4.92 4.03
N SER C 55 7.08 -3.97 4.77
CA SER C 55 7.98 -4.29 5.88
C SER C 55 7.32 -5.21 6.92
N LEU C 56 5.98 -5.26 6.98
CA LEU C 56 5.28 -6.16 7.87
C LEU C 56 5.69 -7.61 7.57
N THR C 57 5.97 -7.94 6.31
CA THR C 57 6.38 -9.28 5.92
C THR C 57 7.80 -9.60 6.43
N HIS C 58 8.68 -8.61 6.53
CA HIS C 58 10.04 -8.80 7.02
C HIS C 58 10.00 -8.90 8.55
N THR C 59 9.33 -7.94 9.18
CA THR C 59 9.21 -7.89 10.64
C THR C 59 8.34 -9.04 11.17
N GLY C 60 7.38 -9.49 10.37
CA GLY C 60 6.42 -10.52 10.74
C GLY C 60 5.28 -9.92 11.56
N GLU C 61 5.03 -8.61 11.43
CA GLU C 61 3.99 -7.90 12.17
C GLU C 61 2.59 -8.12 11.58
N LYS C 62 2.24 -9.39 11.38
CA LYS C 62 0.97 -9.86 10.86
C LYS C 62 -0.05 -9.82 12.00
N ASN C 63 -0.34 -8.62 12.52
CA ASN C 63 -1.15 -8.44 13.72
C ASN C 63 -2.58 -7.98 13.48
N PHE C 64 -3.02 -7.75 12.23
CA PHE C 64 -4.36 -7.23 12.01
C PHE C 64 -5.37 -8.34 12.20
N THR C 65 -5.74 -8.51 13.47
CA THR C 65 -6.62 -9.53 14.00
C THR C 65 -8.08 -9.15 13.76
N CYS C 66 -8.83 -10.01 13.06
CA CYS C 66 -10.26 -9.83 12.86
C CYS C 66 -10.93 -9.83 14.24
N ASP C 67 -11.54 -8.71 14.62
CA ASP C 67 -12.21 -8.60 15.91
C ASP C 67 -13.53 -9.37 15.87
N SER C 68 -13.43 -10.70 15.92
CA SER C 68 -14.55 -11.62 15.89
C SER C 68 -14.14 -12.85 16.71
N ASP C 69 -14.79 -13.06 17.86
CA ASP C 69 -14.47 -14.16 18.77
C ASP C 69 -14.40 -15.49 18.02
N GLY C 70 -13.35 -16.27 18.24
CA GLY C 70 -13.14 -17.54 17.56
C GLY C 70 -12.53 -17.27 16.19
N CYS C 71 -13.19 -16.45 15.37
CA CYS C 71 -12.73 -16.02 14.05
C CYS C 71 -11.66 -14.93 14.20
N ASP C 72 -10.71 -15.12 15.12
CA ASP C 72 -9.64 -14.17 15.39
C ASP C 72 -8.50 -14.37 14.38
N LEU C 73 -8.83 -14.38 13.09
CA LEU C 73 -7.86 -14.56 12.03
C LEU C 73 -6.94 -13.33 11.98
N ARG C 74 -5.63 -13.55 11.91
CA ARG C 74 -4.60 -12.51 11.87
C ARG C 74 -4.19 -12.28 10.43
N PHE C 75 -4.30 -11.03 9.96
CA PHE C 75 -4.00 -10.66 8.58
C PHE C 75 -2.76 -9.76 8.49
N THR C 76 -2.16 -9.74 7.30
CA THR C 76 -0.98 -8.95 6.99
C THR C 76 -1.28 -7.45 6.96
N THR C 77 -2.40 -7.05 6.37
CA THR C 77 -2.76 -5.64 6.27
C THR C 77 -4.17 -5.40 6.81
N LYS C 78 -4.40 -4.16 7.23
CA LYS C 78 -5.73 -3.74 7.67
C LYS C 78 -6.71 -3.94 6.53
N ALA C 79 -6.31 -3.62 5.30
CA ALA C 79 -7.20 -3.80 4.16
C ALA C 79 -7.53 -5.29 3.96
N ASN C 80 -6.55 -6.19 4.07
CA ASN C 80 -6.84 -7.63 3.98
C ASN C 80 -7.85 -8.01 5.07
N MET C 81 -7.61 -7.55 6.31
CA MET C 81 -8.52 -7.76 7.43
C MET C 81 -9.93 -7.27 7.05
N LYS C 82 -10.04 -6.04 6.54
CA LYS C 82 -11.31 -5.45 6.13
C LYS C 82 -11.98 -6.30 5.05
N LYS C 83 -11.25 -6.70 4.00
CA LYS C 83 -11.80 -7.55 2.94
C LYS C 83 -12.38 -8.81 3.57
N HIS C 84 -11.61 -9.51 4.40
CA HIS C 84 -12.10 -10.70 5.10
C HIS C 84 -13.38 -10.38 5.87
N PHE C 85 -13.29 -9.37 6.74
CA PHE C 85 -14.39 -8.96 7.60
C PHE C 85 -15.64 -8.71 6.75
N ASN C 86 -15.46 -8.01 5.63
CA ASN C 86 -16.53 -7.73 4.69
C ASN C 86 -17.13 -9.04 4.17
N ARG C 87 -16.28 -9.82 3.49
CA ARG C 87 -16.63 -11.09 2.90
C ARG C 87 -17.41 -12.00 3.86
N PHE C 88 -16.91 -12.16 5.09
CA PHE C 88 -17.47 -13.09 6.07
C PHE C 88 -18.53 -12.50 7.01
N HIS C 89 -18.56 -11.19 7.23
CA HIS C 89 -19.45 -10.59 8.23
C HIS C 89 -20.35 -9.48 7.67
N ASN C 90 -19.93 -8.77 6.61
CA ASN C 90 -20.77 -7.74 6.00
C ASN C 90 -21.67 -8.40 4.96
N ILE C 91 -21.06 -8.94 3.90
CA ILE C 91 -21.78 -9.61 2.82
C ILE C 91 -21.93 -11.11 3.07
N LYS C 92 -21.35 -11.64 4.14
CA LYS C 92 -21.40 -13.06 4.50
C LYS C 92 -20.93 -13.92 3.32
ZN ZN D . -0.37 11.20 -15.55
ZN ZN E . 11.49 -6.52 1.13
ZN ZN F . -13.73 -12.76 10.73
N MET C 1 -1.76 22.18 0.53
CA MET C 1 -2.90 22.65 -0.24
C MET C 1 -2.60 22.57 -1.73
N LYS C 2 -1.41 23.02 -2.14
CA LYS C 2 -0.96 22.96 -3.53
C LYS C 2 -0.90 21.50 -3.99
N ARG C 3 -1.08 21.26 -5.30
CA ARG C 3 -0.99 19.94 -5.92
C ARG C 3 0.18 19.88 -6.89
N TYR C 4 0.68 18.66 -7.10
CA TYR C 4 1.64 18.32 -8.13
C TYR C 4 0.76 17.65 -9.19
N ILE C 5 0.97 17.98 -10.46
CA ILE C 5 0.17 17.49 -11.58
C ILE C 5 0.97 16.41 -12.32
N CYS C 6 0.27 15.40 -12.83
CA CYS C 6 0.84 14.32 -13.60
C CYS C 6 1.35 14.87 -14.94
N SER C 7 2.68 14.83 -15.13
CA SER C 7 3.39 15.32 -16.31
C SER C 7 2.71 14.95 -17.63
N PHE C 8 2.14 13.73 -17.70
CA PHE C 8 1.43 13.23 -18.86
C PHE C 8 0.05 13.92 -18.92
N ALA C 9 0.05 15.22 -19.15
CA ALA C 9 -1.09 16.14 -19.21
C ALA C 9 -2.45 15.47 -19.41
N ASP C 10 -2.62 14.77 -20.54
CA ASP C 10 -3.85 14.08 -20.95
C ASP C 10 -4.48 13.29 -19.80
N CYS C 11 -3.65 12.65 -18.98
CA CYS C 11 -4.05 11.87 -17.82
C CYS C 11 -4.91 12.68 -16.84
N GLY C 12 -4.61 13.98 -16.69
CA GLY C 12 -5.33 14.90 -15.82
C GLY C 12 -5.33 14.49 -14.34
N ALA C 13 -4.33 13.73 -13.90
CA ALA C 13 -4.19 13.32 -12.51
C ALA C 13 -3.36 14.36 -11.77
N ALA C 14 -3.63 14.57 -10.48
CA ALA C 14 -2.90 15.52 -9.66
C ALA C 14 -3.15 15.15 -8.20
N TYR C 15 -2.20 15.43 -7.29
CA TYR C 15 -2.38 15.15 -5.87
C TYR C 15 -1.56 16.14 -5.04
N ASN C 16 -1.97 16.36 -3.79
CA ASN C 16 -1.29 17.29 -2.88
C ASN C 16 0.13 16.85 -2.58
N LYS C 17 0.27 15.68 -1.95
CA LYS C 17 1.55 15.20 -1.47
C LYS C 17 2.39 14.60 -2.61
N ASN C 18 3.60 15.13 -2.76
CA ASN C 18 4.56 14.71 -3.78
C ASN C 18 4.68 13.19 -3.86
N TRP C 19 4.83 12.51 -2.71
CA TRP C 19 4.94 11.05 -2.65
C TRP C 19 3.80 10.38 -3.42
N LYS C 20 2.57 10.90 -3.28
CA LYS C 20 1.41 10.33 -3.93
C LYS C 20 1.49 10.56 -5.43
N LEU C 21 1.84 11.78 -5.84
CA LEU C 21 2.02 12.07 -7.25
C LEU C 21 3.16 11.21 -7.82
N GLN C 22 4.21 10.93 -7.06
CA GLN C 22 5.27 10.03 -7.52
C GLN C 22 4.69 8.62 -7.69
N ALA C 23 3.97 8.16 -6.66
CA ALA C 23 3.31 6.86 -6.66
C ALA C 23 2.42 6.73 -7.89
N HIS C 24 1.75 7.82 -8.29
CA HIS C 24 0.98 7.81 -9.51
C HIS C 24 1.92 7.72 -10.72
N LEU C 25 2.82 8.70 -10.87
CA LEU C 25 3.76 8.79 -11.97
C LEU C 25 4.48 7.47 -12.23
N SER C 26 4.77 6.69 -11.20
CA SER C 26 5.45 5.41 -11.32
C SER C 26 4.84 4.57 -12.46
N LYS C 27 3.51 4.61 -12.62
CA LYS C 27 2.79 3.87 -13.65
C LYS C 27 3.34 4.19 -15.05
N HIS C 28 3.64 5.46 -15.30
CA HIS C 28 4.10 5.93 -16.60
C HIS C 28 5.64 5.92 -16.69
N THR C 29 6.28 6.45 -15.66
CA THR C 29 7.72 6.68 -15.61
C THR C 29 8.56 5.49 -15.17
N GLY C 30 7.99 4.60 -14.35
CA GLY C 30 8.74 3.52 -13.73
C GLY C 30 9.53 4.02 -12.51
N GLU C 31 9.27 5.25 -12.03
CA GLU C 31 9.96 5.78 -10.85
C GLU C 31 9.36 5.16 -9.59
N LYS C 32 10.22 4.62 -8.71
CA LYS C 32 9.79 4.01 -7.46
C LYS C 32 10.65 4.55 -6.32
N PRO C 33 10.35 5.78 -5.81
CA PRO C 33 11.11 6.46 -4.79
C PRO C 33 11.47 5.67 -3.52
N PHE C 34 10.63 4.72 -3.10
CA PHE C 34 10.86 3.95 -1.87
C PHE C 34 11.09 2.47 -2.17
N PRO C 35 12.27 2.08 -2.66
CA PRO C 35 12.64 0.69 -2.84
C PRO C 35 13.08 0.12 -1.49
N CYS C 36 13.07 -1.21 -1.38
CA CYS C 36 13.42 -1.95 -0.18
C CYS C 36 14.94 -2.15 -0.01
N LYS C 37 15.73 -1.81 -1.03
CA LYS C 37 17.20 -1.86 -1.02
C LYS C 37 17.80 -3.26 -1.05
N GLU C 38 17.30 -4.17 -0.19
CA GLU C 38 17.80 -5.52 -0.02
C GLU C 38 18.09 -6.22 -1.36
N GLU C 39 19.19 -6.98 -1.39
CA GLU C 39 19.60 -7.74 -2.57
C GLU C 39 18.45 -8.66 -2.99
N GLY C 40 18.05 -8.60 -4.27
CA GLY C 40 16.93 -9.38 -4.77
C GLY C 40 15.62 -8.71 -4.35
N CYS C 41 15.38 -8.60 -3.04
CA CYS C 41 14.20 -7.96 -2.48
C CYS C 41 14.38 -6.43 -2.52
N GLU C 42 14.63 -5.89 -3.72
CA GLU C 42 14.81 -4.47 -3.95
C GLU C 42 13.44 -3.78 -4.06
N LYS C 43 12.43 -4.53 -4.54
CA LYS C 43 11.05 -4.12 -4.67
C LYS C 43 10.88 -2.69 -5.21
N GLY C 44 9.89 -1.96 -4.72
CA GLY C 44 9.56 -0.62 -5.15
C GLY C 44 8.17 -0.30 -4.59
N PHE C 45 8.11 0.35 -3.42
CA PHE C 45 6.84 0.60 -2.75
C PHE C 45 6.32 2.02 -2.88
N THR C 46 7.04 2.92 -3.56
CA THR C 46 6.64 4.31 -3.83
C THR C 46 6.44 5.22 -2.61
N SER C 47 6.12 4.71 -1.41
CA SER C 47 5.99 5.53 -0.21
C SER C 47 6.64 4.80 0.96
N LEU C 48 7.00 5.56 2.00
CA LEU C 48 7.63 5.01 3.19
C LEU C 48 6.62 4.10 3.90
N HIS C 49 5.37 4.55 4.00
CA HIS C 49 4.35 3.78 4.67
C HIS C 49 4.07 2.47 3.91
N HIS C 50 4.00 2.53 2.58
CA HIS C 50 3.86 1.31 1.79
C HIS C 50 5.03 0.37 2.11
N LEU C 51 6.24 0.92 2.12
CA LEU C 51 7.43 0.15 2.44
C LEU C 51 7.36 -0.41 3.88
N THR C 52 6.80 0.35 4.81
CA THR C 52 6.64 -0.07 6.19
C THR C 52 5.72 -1.30 6.24
N ARG C 53 4.55 -1.25 5.59
CA ARG C 53 3.68 -2.43 5.59
C ARG C 53 4.41 -3.61 4.92
N HIS C 54 5.12 -3.38 3.81
CA HIS C 54 5.91 -4.44 3.18
C HIS C 54 6.84 -5.08 4.20
N SER C 55 7.54 -4.25 4.99
CA SER C 55 8.46 -4.73 6.02
C SER C 55 7.81 -5.71 7.00
N LEU C 56 6.47 -5.68 7.17
CA LEU C 56 5.79 -6.64 8.03
C LEU C 56 6.11 -8.08 7.59
N THR C 57 6.33 -8.30 6.29
CA THR C 57 6.67 -9.62 5.78
C THR C 57 8.03 -10.09 6.32
N HIS C 58 8.95 -9.15 6.57
CA HIS C 58 10.28 -9.45 7.06
C HIS C 58 10.24 -9.67 8.57
N THR C 59 9.59 -8.75 9.29
CA THR C 59 9.49 -8.86 10.73
C THR C 59 8.54 -10.00 11.13
N GLY C 60 7.62 -10.37 10.24
CA GLY C 60 6.61 -11.39 10.47
C GLY C 60 5.52 -10.86 11.41
N GLU C 61 5.30 -9.54 11.43
CA GLU C 61 4.33 -8.90 12.29
C GLU C 61 2.91 -9.01 11.74
N LYS C 62 2.49 -10.26 11.49
CA LYS C 62 1.19 -10.68 11.03
C LYS C 62 0.26 -10.66 12.25
N ASN C 63 -0.41 -9.53 12.51
CA ASN C 63 -1.21 -9.34 13.72
C ASN C 63 -2.62 -8.78 13.55
N PHE C 64 -3.08 -8.48 12.33
CA PHE C 64 -4.41 -7.87 12.21
C PHE C 64 -5.47 -8.94 12.40
N THR C 65 -5.76 -9.20 13.66
CA THR C 65 -6.64 -10.24 14.15
C THR C 65 -8.10 -9.84 13.96
N CYS C 66 -8.79 -10.48 13.03
CA CYS C 66 -10.22 -10.26 12.86
C CYS C 66 -10.91 -10.68 14.17
N ASP C 67 -11.94 -9.95 14.58
CA ASP C 67 -12.69 -10.25 15.79
C ASP C 67 -13.90 -11.12 15.43
N SER C 68 -15.09 -10.51 15.26
CA SER C 68 -16.33 -11.20 14.95
C SER C 68 -16.57 -12.32 15.98
N ASP C 69 -17.19 -13.42 15.55
CA ASP C 69 -17.48 -14.58 16.38
C ASP C 69 -16.20 -15.40 16.62
N GLY C 70 -15.19 -14.78 17.24
CA GLY C 70 -13.90 -15.41 17.51
C GLY C 70 -13.21 -15.85 16.22
N CYS C 71 -13.37 -15.09 15.14
CA CYS C 71 -12.73 -15.36 13.86
C CYS C 71 -11.32 -14.78 13.93
N ASP C 72 -10.50 -15.30 14.85
CA ASP C 72 -9.15 -14.80 15.11
C ASP C 72 -8.16 -15.13 14.00
N LEU C 73 -8.44 -14.66 12.79
CA LEU C 73 -7.57 -14.79 11.64
C LEU C 73 -6.66 -13.55 11.68
N ARG C 74 -5.36 -13.80 11.83
CA ARG C 74 -4.32 -12.78 11.94
C ARG C 74 -3.84 -12.41 10.54
N PHE C 75 -4.33 -11.29 10.01
CA PHE C 75 -3.99 -10.84 8.68
C PHE C 75 -2.71 -9.99 8.68
N THR C 76 -2.05 -9.93 7.53
CA THR C 76 -0.83 -9.17 7.32
C THR C 76 -1.10 -7.68 7.31
N THR C 77 -2.21 -7.24 6.71
CA THR C 77 -2.57 -5.83 6.63
C THR C 77 -4.03 -5.63 7.03
N LYS C 78 -4.33 -4.41 7.48
CA LYS C 78 -5.70 -4.02 7.80
C LYS C 78 -6.56 -4.16 6.55
N ALA C 79 -6.04 -3.79 5.39
CA ALA C 79 -6.79 -3.92 4.16
C ALA C 79 -7.13 -5.38 3.88
N ASN C 80 -6.18 -6.31 4.08
CA ASN C 80 -6.49 -7.74 3.90
C ASN C 80 -7.61 -8.14 4.87
N MET C 81 -7.50 -7.74 6.14
CA MET C 81 -8.53 -7.98 7.15
C MET C 81 -9.88 -7.44 6.67
N LYS C 82 -9.91 -6.22 6.15
CA LYS C 82 -11.12 -5.58 5.64
C LYS C 82 -11.68 -6.37 4.46
N LYS C 83 -10.86 -6.72 3.46
CA LYS C 83 -11.33 -7.51 2.33
C LYS C 83 -11.96 -8.81 2.84
N HIS C 84 -11.27 -9.50 3.75
CA HIS C 84 -11.83 -10.69 4.38
C HIS C 84 -13.20 -10.38 4.99
N PHE C 85 -13.29 -9.34 5.83
CA PHE C 85 -14.56 -8.98 6.47
C PHE C 85 -15.65 -8.74 5.42
N ASN C 86 -15.32 -7.95 4.39
CA ASN C 86 -16.18 -7.61 3.27
C ASN C 86 -16.71 -8.88 2.61
N ARG C 87 -15.83 -9.86 2.38
CA ARG C 87 -16.16 -11.13 1.76
C ARG C 87 -16.96 -12.05 2.70
N PHE C 88 -16.64 -12.06 4.00
CA PHE C 88 -17.20 -13.00 4.97
C PHE C 88 -18.35 -12.42 5.79
N HIS C 89 -18.04 -11.54 6.75
CA HIS C 89 -19.00 -11.08 7.75
C HIS C 89 -19.98 -10.06 7.19
N ASN C 90 -19.56 -9.29 6.19
CA ASN C 90 -20.44 -8.32 5.55
C ASN C 90 -21.48 -9.07 4.71
N ILE C 91 -21.12 -10.23 4.14
CA ILE C 91 -22.09 -11.04 3.40
C ILE C 91 -22.93 -11.79 4.43
N LYS C 92 -22.27 -12.51 5.35
CA LYS C 92 -22.93 -13.26 6.41
C LYS C 92 -23.17 -12.33 7.59
ZN ZN D . -1.00 9.90 -14.92
ZN ZN E . 11.68 -6.30 1.30
ZN ZN F . -13.42 -12.93 10.26
N MET C 1 2.48 23.74 -2.36
CA MET C 1 1.21 24.41 -2.16
C MET C 1 0.20 23.85 -3.16
N LYS C 2 0.51 24.02 -4.46
CA LYS C 2 -0.32 23.54 -5.55
C LYS C 2 -0.11 22.03 -5.74
N ARG C 3 -0.29 21.26 -4.68
CA ARG C 3 -0.23 19.81 -4.72
C ARG C 3 1.08 19.41 -5.41
N TYR C 4 1.00 18.50 -6.37
CA TYR C 4 2.05 18.03 -7.25
C TYR C 4 1.24 17.57 -8.45
N ILE C 5 1.64 17.98 -9.66
CA ILE C 5 0.88 17.73 -10.88
C ILE C 5 1.62 16.72 -11.76
N CYS C 6 0.85 15.84 -12.41
CA CYS C 6 1.34 14.82 -13.30
C CYS C 6 2.02 15.45 -14.50
N SER C 7 3.32 15.15 -14.67
CA SER C 7 4.18 15.66 -15.72
C SER C 7 3.56 15.58 -17.11
N PHE C 8 2.82 14.50 -17.37
CA PHE C 8 2.14 14.24 -18.63
C PHE C 8 0.89 15.14 -18.73
N ALA C 9 1.12 16.46 -18.79
CA ALA C 9 0.16 17.56 -18.83
C ALA C 9 -1.29 17.17 -19.11
N ASP C 10 -1.56 16.67 -20.33
CA ASP C 10 -2.87 16.25 -20.81
C ASP C 10 -3.67 15.44 -19.78
N CYS C 11 -2.97 14.58 -19.02
CA CYS C 11 -3.55 13.74 -17.99
C CYS C 11 -4.29 14.56 -16.93
N GLY C 12 -3.80 15.76 -16.63
CA GLY C 12 -4.40 16.69 -15.67
C GLY C 12 -4.64 16.11 -14.28
N ALA C 13 -3.81 15.16 -13.84
CA ALA C 13 -3.90 14.57 -12.52
C ALA C 13 -3.00 15.37 -11.56
N ALA C 14 -3.41 15.51 -10.30
CA ALA C 14 -2.65 16.21 -9.29
C ALA C 14 -3.03 15.67 -7.92
N TYR C 15 -2.08 15.64 -6.97
CA TYR C 15 -2.35 15.15 -5.62
C TYR C 15 -1.46 15.88 -4.60
N ASN C 16 -2.00 16.07 -3.39
CA ASN C 16 -1.34 16.73 -2.28
C ASN C 16 -0.16 15.92 -1.76
N LYS C 17 -0.35 14.62 -1.58
CA LYS C 17 0.70 13.75 -1.09
C LYS C 17 1.65 13.44 -2.25
N ASN C 18 2.85 14.01 -2.18
CA ASN C 18 3.90 13.86 -3.19
C ASN C 18 4.10 12.39 -3.58
N TRP C 19 4.15 11.49 -2.59
CA TRP C 19 4.28 10.05 -2.79
C TRP C 19 3.11 9.49 -3.62
N LYS C 20 1.91 10.04 -3.45
CA LYS C 20 0.72 9.61 -4.15
C LYS C 20 0.85 10.04 -5.61
N LEU C 21 1.36 11.27 -5.83
CA LEU C 21 1.65 11.73 -7.17
C LEU C 21 2.75 10.83 -7.76
N GLN C 22 3.78 10.45 -6.99
CA GLN C 22 4.80 9.52 -7.49
C GLN C 22 4.15 8.21 -7.93
N ALA C 23 3.29 7.65 -7.09
CA ALA C 23 2.56 6.44 -7.41
C ALA C 23 1.79 6.65 -8.72
N HIS C 24 1.13 7.78 -8.90
CA HIS C 24 0.48 8.08 -10.16
C HIS C 24 1.51 8.04 -11.30
N LEU C 25 2.61 8.81 -11.19
CA LEU C 25 3.67 8.80 -12.20
C LEU C 25 4.11 7.39 -12.57
N SER C 26 4.23 6.48 -11.60
CA SER C 26 4.67 5.12 -11.88
C SER C 26 3.83 4.47 -13.00
N LYS C 27 2.54 4.84 -13.13
CA LYS C 27 1.69 4.33 -14.20
C LYS C 27 2.32 4.58 -15.58
N HIS C 28 2.88 5.78 -15.76
CA HIS C 28 3.46 6.22 -17.02
C HIS C 28 4.95 5.89 -17.09
N THR C 29 5.68 6.30 -16.05
CA THR C 29 7.14 6.22 -15.96
C THR C 29 7.66 4.82 -15.66
N GLY C 30 6.89 4.02 -14.92
CA GLY C 30 7.37 2.74 -14.42
C GLY C 30 8.39 2.92 -13.28
N GLU C 31 8.57 4.15 -12.78
CA GLU C 31 9.54 4.42 -11.71
C GLU C 31 8.97 4.02 -10.36
N LYS C 32 9.87 3.61 -9.45
CA LYS C 32 9.54 3.20 -8.09
C LYS C 32 10.53 3.87 -7.12
N PRO C 33 10.33 5.17 -6.82
CA PRO C 33 11.20 6.01 -6.02
C PRO C 33 11.73 5.48 -4.68
N PHE C 34 11.02 4.56 -4.02
CA PHE C 34 11.38 4.07 -2.69
C PHE C 34 11.91 2.62 -2.77
N PRO C 35 13.20 2.39 -3.02
CA PRO C 35 13.74 1.05 -3.06
C PRO C 35 13.87 0.49 -1.64
N CYS C 36 13.67 -0.82 -1.48
CA CYS C 36 13.77 -1.52 -0.20
C CYS C 36 15.24 -1.79 0.17
N LYS C 37 16.13 -1.86 -0.82
CA LYS C 37 17.58 -2.02 -0.67
C LYS C 37 18.07 -3.35 -0.08
N GLU C 38 17.33 -3.97 0.84
CA GLU C 38 17.71 -5.23 1.48
C GLU C 38 18.25 -6.25 0.47
N GLU C 39 19.34 -6.93 0.83
CA GLU C 39 19.98 -7.93 -0.01
C GLU C 39 18.94 -8.95 -0.50
N GLY C 40 18.85 -9.17 -1.81
CA GLY C 40 17.86 -10.06 -2.40
C GLY C 40 16.49 -9.37 -2.45
N CYS C 41 15.98 -8.95 -1.30
CA CYS C 41 14.71 -8.24 -1.14
C CYS C 41 14.87 -6.77 -1.55
N GLU C 42 15.53 -6.51 -2.69
CA GLU C 42 15.72 -5.16 -3.19
C GLU C 42 14.48 -4.78 -4.00
N LYS C 43 13.34 -4.73 -3.32
CA LYS C 43 12.07 -4.34 -3.92
C LYS C 43 12.14 -2.87 -4.36
N GLY C 44 11.19 -2.47 -5.19
CA GLY C 44 11.03 -1.10 -5.67
C GLY C 44 9.62 -0.69 -5.28
N PHE C 45 9.47 0.24 -4.34
CA PHE C 45 8.18 0.72 -3.89
C PHE C 45 7.95 2.16 -4.39
N THR C 46 6.69 2.49 -4.65
CA THR C 46 6.28 3.78 -5.17
C THR C 46 6.00 4.80 -4.07
N SER C 47 5.90 4.38 -2.80
CA SER C 47 5.71 5.30 -1.69
C SER C 47 6.35 4.74 -0.42
N LEU C 48 6.77 5.65 0.46
CA LEU C 48 7.27 5.30 1.77
C LEU C 48 6.19 4.51 2.51
N HIS C 49 4.92 4.88 2.32
CA HIS C 49 3.80 4.20 2.94
C HIS C 49 3.73 2.75 2.45
N HIS C 50 3.85 2.52 1.14
CA HIS C 50 3.88 1.15 0.61
C HIS C 50 5.03 0.39 1.27
N LEU C 51 6.21 1.02 1.30
CA LEU C 51 7.37 0.41 1.92
C LEU C 51 7.10 0.09 3.40
N THR C 52 6.39 0.98 4.10
CA THR C 52 6.02 0.77 5.49
C THR C 52 5.17 -0.49 5.61
N ARG C 53 4.10 -0.62 4.81
CA ARG C 53 3.31 -1.85 4.91
C ARG C 53 4.13 -3.07 4.49
N HIS C 54 4.99 -2.95 3.47
CA HIS C 54 5.87 -4.05 3.07
C HIS C 54 6.70 -4.49 4.28
N SER C 55 7.21 -3.55 5.06
CA SER C 55 7.98 -3.84 6.26
C SER C 55 7.21 -4.69 7.27
N LEU C 56 5.88 -4.80 7.18
CA LEU C 56 5.12 -5.69 8.05
C LEU C 56 5.63 -7.13 7.85
N THR C 57 6.02 -7.49 6.62
CA THR C 57 6.53 -8.82 6.33
C THR C 57 7.86 -9.07 7.03
N HIS C 58 8.68 -8.02 7.18
CA HIS C 58 10.00 -8.11 7.78
C HIS C 58 9.87 -8.17 9.29
N THR C 59 9.09 -7.25 9.85
CA THR C 59 8.83 -7.18 11.28
C THR C 59 7.97 -8.36 11.75
N GLY C 60 7.16 -8.90 10.85
CA GLY C 60 6.24 -10.00 11.13
C GLY C 60 4.96 -9.47 11.76
N GLU C 61 4.66 -8.18 11.58
CA GLU C 61 3.49 -7.54 12.17
C GLU C 61 2.21 -7.82 11.37
N LYS C 62 2.00 -9.09 11.04
CA LYS C 62 0.81 -9.62 10.39
C LYS C 62 -0.19 -9.80 11.54
N ASN C 63 -0.63 -8.70 12.15
CA ASN C 63 -1.41 -8.72 13.38
C ASN C 63 -2.90 -8.40 13.21
N PHE C 64 -3.37 -8.17 11.98
CA PHE C 64 -4.76 -7.77 11.79
C PHE C 64 -5.65 -8.98 11.96
N THR C 65 -5.99 -9.21 13.22
CA THR C 65 -6.77 -10.31 13.72
C THR C 65 -8.25 -10.06 13.47
N CYS C 66 -8.90 -10.96 12.73
CA CYS C 66 -10.32 -10.93 12.48
C CYS C 66 -11.04 -11.08 13.81
N ASP C 67 -11.75 -10.02 14.23
CA ASP C 67 -12.49 -10.03 15.50
C ASP C 67 -13.75 -10.89 15.33
N SER C 68 -13.55 -12.21 15.29
CA SER C 68 -14.59 -13.21 15.12
C SER C 68 -14.15 -14.41 15.96
N ASP C 69 -14.94 -14.75 16.99
CA ASP C 69 -14.65 -15.83 17.92
C ASP C 69 -14.24 -17.10 17.18
N GLY C 70 -13.11 -17.71 17.54
CA GLY C 70 -12.61 -18.91 16.89
C GLY C 70 -11.92 -18.55 15.58
N CYS C 71 -12.60 -17.81 14.71
CA CYS C 71 -12.09 -17.35 13.43
C CYS C 71 -11.15 -16.14 13.64
N ASP C 72 -10.18 -16.28 14.55
CA ASP C 72 -9.22 -15.23 14.86
C ASP C 72 -8.08 -15.26 13.83
N LEU C 73 -8.45 -15.21 12.54
CA LEU C 73 -7.49 -15.24 11.44
C LEU C 73 -6.72 -13.92 11.41
N ARG C 74 -5.39 -14.00 11.38
CA ARG C 74 -4.49 -12.85 11.32
C ARG C 74 -4.14 -12.55 9.87
N PHE C 75 -4.29 -11.30 9.43
CA PHE C 75 -4.00 -10.88 8.07
C PHE C 75 -2.84 -9.87 8.02
N THR C 76 -2.30 -9.68 6.81
CA THR C 76 -1.19 -8.79 6.51
C THR C 76 -1.59 -7.32 6.64
N THR C 77 -2.59 -6.89 5.89
CA THR C 77 -3.07 -5.52 5.89
C THR C 77 -4.52 -5.47 6.39
N LYS C 78 -4.85 -4.38 7.10
CA LYS C 78 -6.18 -4.14 7.65
C LYS C 78 -7.25 -4.44 6.60
N ALA C 79 -7.13 -3.86 5.42
CA ALA C 79 -8.11 -4.03 4.37
C ALA C 79 -8.31 -5.49 3.96
N ASN C 80 -7.29 -6.35 4.10
CA ASN C 80 -7.44 -7.77 3.82
C ASN C 80 -8.39 -8.36 4.87
N MET C 81 -8.16 -7.99 6.14
CA MET C 81 -9.01 -8.37 7.25
C MET C 81 -10.42 -7.80 7.04
N LYS C 82 -10.55 -6.56 6.55
CA LYS C 82 -11.85 -5.96 6.25
C LYS C 82 -12.57 -6.82 5.20
N LYS C 83 -11.94 -7.04 4.05
CA LYS C 83 -12.50 -7.87 2.99
C LYS C 83 -12.96 -9.21 3.56
N HIS C 84 -12.09 -9.91 4.28
CA HIS C 84 -12.46 -11.18 4.91
C HIS C 84 -13.69 -11.01 5.79
N PHE C 85 -13.64 -10.09 6.75
CA PHE C 85 -14.72 -9.86 7.69
C PHE C 85 -16.04 -9.61 6.94
N ASN C 86 -15.97 -8.78 5.90
CA ASN C 86 -17.11 -8.48 5.06
C ASN C 86 -17.64 -9.77 4.43
N ARG C 87 -16.79 -10.39 3.61
CA ARG C 87 -17.01 -11.62 2.87
C ARG C 87 -17.58 -12.76 3.72
N PHE C 88 -17.02 -12.99 4.91
CA PHE C 88 -17.38 -14.11 5.78
C PHE C 88 -18.39 -13.79 6.89
N HIS C 89 -18.52 -12.52 7.31
CA HIS C 89 -19.36 -12.19 8.46
C HIS C 89 -20.34 -11.06 8.19
N ASN C 90 -19.90 -9.94 7.61
CA ASN C 90 -20.80 -8.78 7.48
C ASN C 90 -21.84 -9.00 6.39
N ILE C 91 -21.47 -9.56 5.24
CA ILE C 91 -22.43 -9.81 4.17
C ILE C 91 -23.25 -11.06 4.51
N LYS C 92 -22.63 -12.03 5.19
CA LYS C 92 -23.32 -13.24 5.63
C LYS C 92 -24.31 -12.87 6.73
ZN ZN D . -0.96 10.95 -15.32
ZN ZN E . 11.69 -5.77 1.75
ZN ZN F . -13.41 -14.22 10.21
N MET C 1 -4.27 22.70 0.18
CA MET C 1 -5.01 23.08 -1.01
C MET C 1 -4.18 22.98 -2.30
N LYS C 2 -2.85 23.05 -2.17
CA LYS C 2 -1.94 22.89 -3.31
C LYS C 2 -1.82 21.40 -3.58
N ARG C 3 -1.78 20.99 -4.85
CA ARG C 3 -1.62 19.60 -5.23
C ARG C 3 -0.55 19.56 -6.32
N TYR C 4 0.29 18.53 -6.30
CA TYR C 4 1.29 18.30 -7.34
C TYR C 4 0.52 17.65 -8.49
N ILE C 5 0.67 18.17 -9.71
CA ILE C 5 -0.06 17.71 -10.89
C ILE C 5 0.85 16.89 -11.80
N CYS C 6 0.35 15.72 -12.24
CA CYS C 6 1.06 14.85 -13.17
C CYS C 6 1.39 15.59 -14.47
N SER C 7 2.65 15.49 -14.90
CA SER C 7 3.21 16.14 -16.06
C SER C 7 2.66 15.57 -17.37
N PHE C 8 3.06 14.32 -17.65
CA PHE C 8 2.77 13.53 -18.85
C PHE C 8 1.57 14.01 -19.66
N ALA C 9 1.84 14.69 -20.79
CA ALA C 9 0.84 15.20 -21.72
C ALA C 9 -0.34 15.88 -21.03
N ASP C 10 -0.08 16.61 -19.95
CA ASP C 10 -1.08 17.31 -19.16
C ASP C 10 -2.15 16.36 -18.61
N CYS C 11 -1.73 15.15 -18.18
CA CYS C 11 -2.59 14.14 -17.59
C CYS C 11 -3.60 14.74 -16.59
N GLY C 12 -3.15 15.70 -15.78
CA GLY C 12 -4.01 16.40 -14.84
C GLY C 12 -4.33 15.61 -13.58
N ALA C 13 -3.65 14.48 -13.35
CA ALA C 13 -3.81 13.67 -12.17
C ALA C 13 -3.08 14.41 -11.04
N ALA C 14 -3.85 15.07 -10.17
CA ALA C 14 -3.34 15.91 -9.12
C ALA C 14 -3.45 15.24 -7.75
N TYR C 15 -2.40 15.34 -6.92
CA TYR C 15 -2.38 14.72 -5.59
C TYR C 15 -1.70 15.65 -4.58
N ASN C 16 -2.09 15.52 -3.31
CA ASN C 16 -1.57 16.32 -2.21
C ASN C 16 -0.19 15.83 -1.76
N LYS C 17 -0.03 14.51 -1.57
CA LYS C 17 1.23 13.95 -1.11
C LYS C 17 2.14 13.65 -2.30
N ASN C 18 3.44 13.98 -2.18
CA ASN C 18 4.39 13.73 -3.24
C ASN C 18 4.44 12.23 -3.59
N TRP C 19 4.50 11.38 -2.57
CA TRP C 19 4.54 9.93 -2.73
C TRP C 19 3.34 9.43 -3.56
N LYS C 20 2.17 10.03 -3.33
CA LYS C 20 0.95 9.66 -4.03
C LYS C 20 1.13 10.01 -5.52
N LEU C 21 1.63 11.21 -5.82
CA LEU C 21 1.93 11.55 -7.19
C LEU C 21 3.00 10.60 -7.74
N GLN C 22 4.02 10.24 -6.97
CA GLN C 22 5.05 9.32 -7.44
C GLN C 22 4.43 8.01 -7.89
N ALA C 23 3.55 7.45 -7.04
CA ALA C 23 2.83 6.24 -7.37
C ALA C 23 2.09 6.40 -8.69
N HIS C 24 1.40 7.53 -8.87
CA HIS C 24 0.74 7.78 -10.15
C HIS C 24 1.78 7.81 -11.30
N LEU C 25 2.80 8.66 -11.19
CA LEU C 25 3.84 8.81 -12.20
C LEU C 25 4.48 7.47 -12.54
N SER C 26 4.61 6.54 -11.58
CA SER C 26 5.19 5.23 -11.86
C SER C 26 4.46 4.54 -13.02
N LYS C 27 3.16 4.80 -13.19
CA LYS C 27 2.37 4.23 -14.28
C LYS C 27 2.95 4.63 -15.64
N HIS C 28 3.45 5.87 -15.74
CA HIS C 28 4.01 6.40 -16.98
C HIS C 28 5.53 6.12 -17.06
N THR C 29 6.25 6.46 -15.99
CA THR C 29 7.71 6.41 -15.92
C THR C 29 8.27 5.01 -15.66
N GLY C 30 7.55 4.19 -14.88
CA GLY C 30 8.06 2.91 -14.42
C GLY C 30 9.01 3.11 -13.22
N GLU C 31 9.19 4.33 -12.73
CA GLU C 31 10.07 4.61 -11.61
C GLU C 31 9.39 4.28 -10.29
N LYS C 32 10.15 3.68 -9.35
CA LYS C 32 9.67 3.31 -8.02
C LYS C 32 10.67 3.86 -6.99
N PRO C 33 10.54 5.15 -6.62
CA PRO C 33 11.46 5.88 -5.75
C PRO C 33 11.84 5.27 -4.40
N PHE C 34 11.03 4.36 -3.84
CA PHE C 34 11.27 3.75 -2.54
C PHE C 34 11.68 2.28 -2.70
N PRO C 35 12.94 1.98 -3.05
CA PRO C 35 13.40 0.61 -3.13
C PRO C 35 13.54 0.03 -1.73
N CYS C 36 13.44 -1.29 -1.61
CA CYS C 36 13.66 -2.00 -0.36
C CYS C 36 15.18 -2.16 -0.19
N LYS C 37 15.65 -2.15 1.05
CA LYS C 37 17.08 -2.15 1.34
C LYS C 37 17.67 -3.55 1.59
N GLU C 38 16.86 -4.60 1.48
CA GLU C 38 17.34 -5.96 1.69
C GLU C 38 18.06 -6.47 0.44
N GLU C 39 19.14 -7.23 0.64
CA GLU C 39 19.88 -7.84 -0.47
C GLU C 39 18.94 -8.82 -1.18
N GLY C 40 18.91 -8.80 -2.51
CA GLY C 40 18.00 -9.64 -3.28
C GLY C 40 16.58 -9.04 -3.26
N CYS C 41 16.02 -8.88 -2.06
CA CYS C 41 14.71 -8.27 -1.85
C CYS C 41 14.86 -6.74 -1.95
N GLU C 42 15.27 -6.28 -3.12
CA GLU C 42 15.44 -4.88 -3.45
C GLU C 42 14.10 -4.27 -3.87
N LYS C 43 13.21 -5.11 -4.41
CA LYS C 43 11.85 -4.76 -4.81
C LYS C 43 11.80 -3.43 -5.56
N GLY C 44 10.85 -2.57 -5.21
CA GLY C 44 10.63 -1.28 -5.83
C GLY C 44 9.26 -0.77 -5.42
N PHE C 45 9.20 0.12 -4.44
CA PHE C 45 7.94 0.69 -3.96
C PHE C 45 7.87 2.17 -4.33
N THR C 46 6.66 2.71 -4.43
CA THR C 46 6.42 4.08 -4.85
C THR C 46 6.09 5.01 -3.69
N SER C 47 5.97 4.51 -2.46
CA SER C 47 5.65 5.36 -1.33
C SER C 47 6.16 4.76 -0.03
N LEU C 48 6.38 5.62 0.97
CA LEU C 48 6.79 5.21 2.29
C LEU C 48 5.72 4.30 2.88
N HIS C 49 4.44 4.64 2.70
CA HIS C 49 3.35 3.82 3.21
C HIS C 49 3.47 2.41 2.62
N HIS C 50 3.61 2.33 1.29
CA HIS C 50 3.69 1.06 0.60
C HIS C 50 4.89 0.27 1.09
N LEU C 51 6.04 0.95 1.23
CA LEU C 51 7.26 0.34 1.74
C LEU C 51 7.02 -0.21 3.14
N THR C 52 6.37 0.57 4.01
CA THR C 52 6.05 0.16 5.37
C THR C 52 5.17 -1.10 5.33
N ARG C 53 4.12 -1.08 4.52
CA ARG C 53 3.23 -2.22 4.36
C ARG C 53 4.04 -3.44 3.89
N HIS C 54 4.90 -3.30 2.89
CA HIS C 54 5.78 -4.38 2.46
C HIS C 54 6.61 -4.88 3.65
N SER C 55 7.18 -3.95 4.42
CA SER C 55 7.98 -4.29 5.60
C SER C 55 7.22 -5.12 6.64
N LEU C 56 5.88 -5.16 6.59
CA LEU C 56 5.10 -6.02 7.48
C LEU C 56 5.57 -7.47 7.33
N THR C 57 5.94 -7.85 6.10
CA THR C 57 6.41 -9.21 5.81
C THR C 57 7.73 -9.50 6.53
N HIS C 58 8.60 -8.50 6.66
CA HIS C 58 9.91 -8.64 7.29
C HIS C 58 9.76 -8.65 8.80
N THR C 59 9.02 -7.66 9.32
CA THR C 59 8.75 -7.53 10.73
C THR C 59 7.89 -8.71 11.22
N GLY C 60 7.11 -9.31 10.32
CA GLY C 60 6.22 -10.40 10.62
C GLY C 60 5.01 -9.89 11.39
N GLU C 61 4.58 -8.65 11.08
CA GLU C 61 3.45 -8.01 11.75
C GLU C 61 2.11 -8.51 11.21
N LYS C 62 1.98 -9.83 11.10
CA LYS C 62 0.78 -10.52 10.68
C LYS C 62 -0.10 -10.62 11.92
N ASN C 63 -0.59 -9.46 12.39
CA ASN C 63 -1.33 -9.37 13.65
C ASN C 63 -2.69 -8.69 13.53
N PHE C 64 -3.17 -8.38 12.32
CA PHE C 64 -4.48 -7.76 12.19
C PHE C 64 -5.52 -8.84 12.37
N THR C 65 -5.82 -9.09 13.63
CA THR C 65 -6.68 -10.15 14.12
C THR C 65 -8.14 -9.77 13.93
N CYS C 66 -8.84 -10.54 13.10
CA CYS C 66 -10.27 -10.38 12.90
C CYS C 66 -10.95 -10.52 14.26
N ASP C 67 -11.59 -9.46 14.74
CA ASP C 67 -12.24 -9.44 16.05
C ASP C 67 -13.54 -10.24 16.01
N SER C 68 -13.41 -11.57 15.91
CA SER C 68 -14.52 -12.52 15.88
C SER C 68 -14.00 -13.80 16.52
N ASP C 69 -14.59 -14.19 17.66
CA ASP C 69 -14.20 -15.40 18.38
C ASP C 69 -14.15 -16.59 17.44
N GLY C 70 -13.14 -17.45 17.58
CA GLY C 70 -12.94 -18.59 16.72
C GLY C 70 -12.29 -18.13 15.42
N CYS C 71 -12.94 -17.23 14.69
CA CYS C 71 -12.43 -16.65 13.46
C CYS C 71 -11.39 -15.56 13.77
N ASP C 72 -10.45 -15.85 14.67
CA ASP C 72 -9.40 -14.91 15.06
C ASP C 72 -8.28 -14.96 14.02
N LEU C 73 -8.63 -14.76 12.75
CA LEU C 73 -7.70 -14.81 11.64
C LEU C 73 -6.82 -13.56 11.66
N ARG C 74 -5.49 -13.76 11.67
CA ARG C 74 -4.50 -12.69 11.69
C ARG C 74 -4.06 -12.35 10.28
N PHE C 75 -4.44 -11.18 9.77
CA PHE C 75 -4.09 -10.75 8.43
C PHE C 75 -2.83 -9.88 8.44
N THR C 76 -2.19 -9.75 7.27
CA THR C 76 -0.99 -8.98 7.05
C THR C 76 -1.27 -7.48 7.14
N THR C 77 -2.23 -6.97 6.37
CA THR C 77 -2.60 -5.56 6.39
C THR C 77 -4.02 -5.42 6.97
N LYS C 78 -4.31 -4.23 7.53
CA LYS C 78 -5.65 -3.93 8.01
C LYS C 78 -6.63 -4.10 6.86
N ALA C 79 -6.29 -3.61 5.67
CA ALA C 79 -7.18 -3.72 4.53
C ALA C 79 -7.47 -5.17 4.18
N ASN C 80 -6.50 -6.09 4.28
CA ASN C 80 -6.79 -7.50 4.02
C ASN C 80 -7.85 -7.98 5.03
N MET C 81 -7.70 -7.62 6.31
CA MET C 81 -8.67 -7.93 7.35
C MET C 81 -10.05 -7.35 6.97
N LYS C 82 -10.09 -6.08 6.54
CA LYS C 82 -11.32 -5.42 6.13
C LYS C 82 -11.96 -6.19 4.98
N LYS C 83 -11.20 -6.50 3.92
CA LYS C 83 -11.72 -7.27 2.78
C LYS C 83 -12.30 -8.60 3.28
N HIS C 84 -11.59 -9.30 4.17
CA HIS C 84 -12.13 -10.52 4.75
C HIS C 84 -13.47 -10.23 5.43
N PHE C 85 -13.52 -9.23 6.31
CA PHE C 85 -14.75 -8.89 7.01
C PHE C 85 -15.89 -8.62 6.03
N ASN C 86 -15.59 -7.82 4.99
CA ASN C 86 -16.49 -7.46 3.91
C ASN C 86 -17.02 -8.72 3.22
N ARG C 87 -16.13 -9.67 2.91
CA ARG C 87 -16.47 -10.93 2.26
C ARG C 87 -17.25 -11.89 3.16
N PHE C 88 -16.90 -11.97 4.45
CA PHE C 88 -17.43 -12.97 5.38
C PHE C 88 -18.55 -12.45 6.28
N HIS C 89 -18.20 -11.59 7.24
CA HIS C 89 -19.12 -11.17 8.29
C HIS C 89 -20.16 -10.18 7.79
N ASN C 90 -19.79 -9.34 6.83
CA ASN C 90 -20.71 -8.37 6.25
C ASN C 90 -21.73 -9.09 5.36
N ILE C 91 -21.35 -10.22 4.75
CA ILE C 91 -22.29 -11.01 3.98
C ILE C 91 -23.14 -11.81 4.97
N LYS C 92 -22.49 -12.50 5.91
CA LYS C 92 -23.19 -13.25 6.95
C LYS C 92 -23.87 -12.25 7.89
ZN ZN D . -0.58 10.83 -15.26
ZN ZN E . 11.72 -6.22 1.30
ZN ZN F . -13.56 -13.22 10.47
N MET C 1 -3.43 23.85 0.23
CA MET C 1 -1.99 23.63 0.19
C MET C 1 -1.59 23.23 -1.23
N LYS C 2 -0.30 23.36 -1.58
CA LYS C 2 0.19 23.09 -2.93
C LYS C 2 0.09 21.60 -3.30
N ARG C 3 -0.08 21.34 -4.60
CA ARG C 3 -0.16 20.01 -5.19
C ARG C 3 1.04 19.80 -6.11
N TYR C 4 1.59 18.59 -6.12
CA TYR C 4 2.58 18.19 -7.11
C TYR C 4 1.74 17.78 -8.31
N ILE C 5 2.14 18.19 -9.51
CA ILE C 5 1.38 17.94 -10.73
C ILE C 5 2.11 16.92 -11.61
N CYS C 6 1.34 16.05 -12.26
CA CYS C 6 1.83 15.03 -13.15
C CYS C 6 2.52 15.67 -14.35
N SER C 7 3.82 15.40 -14.51
CA SER C 7 4.69 15.90 -15.56
C SER C 7 4.04 15.86 -16.94
N PHE C 8 3.30 14.78 -17.22
CA PHE C 8 2.59 14.57 -18.46
C PHE C 8 1.33 15.44 -18.46
N ALA C 9 1.52 16.77 -18.48
CA ALA C 9 0.54 17.85 -18.42
C ALA C 9 -0.88 17.44 -18.79
N ASP C 10 -1.08 16.96 -20.03
CA ASP C 10 -2.36 16.53 -20.58
C ASP C 10 -3.19 15.70 -19.61
N CYS C 11 -2.53 14.83 -18.84
CA CYS C 11 -3.14 13.98 -17.83
C CYS C 11 -3.95 14.77 -16.80
N GLY C 12 -3.50 15.97 -16.46
CA GLY C 12 -4.15 16.86 -15.50
C GLY C 12 -4.29 16.27 -14.10
N ALA C 13 -3.43 15.31 -13.73
CA ALA C 13 -3.45 14.71 -12.41
C ALA C 13 -2.54 15.52 -11.48
N ALA C 14 -2.95 15.70 -10.23
CA ALA C 14 -2.19 16.46 -9.24
C ALA C 14 -2.58 15.99 -7.85
N TYR C 15 -1.63 15.96 -6.90
CA TYR C 15 -1.89 15.55 -5.53
C TYR C 15 -0.93 16.25 -4.58
N ASN C 16 -1.39 16.58 -3.37
CA ASN C 16 -0.59 17.25 -2.34
C ASN C 16 0.51 16.33 -1.79
N LYS C 17 0.07 15.19 -1.29
CA LYS C 17 0.90 14.23 -0.59
C LYS C 17 1.78 13.48 -1.59
N ASN C 18 2.86 14.16 -1.99
CA ASN C 18 3.93 13.77 -2.91
C ASN C 18 3.96 12.28 -3.28
N TRP C 19 4.12 11.37 -2.30
CA TRP C 19 4.17 9.93 -2.51
C TRP C 19 3.10 9.43 -3.49
N LYS C 20 1.90 10.00 -3.40
CA LYS C 20 0.75 9.66 -4.24
C LYS C 20 1.05 10.03 -5.69
N LEU C 21 1.69 11.19 -5.90
CA LEU C 21 2.08 11.67 -7.22
C LEU C 21 3.27 10.84 -7.71
N GLN C 22 4.23 10.53 -6.83
CA GLN C 22 5.36 9.68 -7.17
C GLN C 22 4.83 8.34 -7.71
N ALA C 23 3.90 7.74 -6.98
CA ALA C 23 3.25 6.52 -7.40
C ALA C 23 2.53 6.74 -8.71
N HIS C 24 1.67 7.75 -8.81
CA HIS C 24 0.95 8.07 -10.04
C HIS C 24 1.89 8.04 -11.25
N LEU C 25 3.02 8.74 -11.17
CA LEU C 25 3.99 8.78 -12.27
C LEU C 25 4.40 7.38 -12.75
N SER C 26 4.34 6.35 -11.90
CA SER C 26 4.66 4.98 -12.30
C SER C 26 3.82 4.56 -13.51
N LYS C 27 2.57 5.04 -13.62
CA LYS C 27 1.67 4.74 -14.72
C LYS C 27 2.34 5.02 -16.07
N HIS C 28 2.99 6.18 -16.16
CA HIS C 28 3.60 6.67 -17.39
C HIS C 28 5.07 6.24 -17.50
N THR C 29 5.83 6.40 -16.42
CA THR C 29 7.27 6.18 -16.39
C THR C 29 7.66 4.72 -16.18
N GLY C 30 6.82 3.95 -15.49
CA GLY C 30 7.17 2.59 -15.09
C GLY C 30 8.16 2.61 -13.91
N GLU C 31 8.40 3.77 -13.29
CA GLU C 31 9.33 3.88 -12.17
C GLU C 31 8.70 3.37 -10.88
N LYS C 32 9.57 3.02 -9.93
CA LYS C 32 9.21 2.60 -8.58
C LYS C 32 10.11 3.38 -7.60
N PRO C 33 9.81 4.67 -7.37
CA PRO C 33 10.58 5.61 -6.58
C PRO C 33 11.14 5.16 -5.22
N PHE C 34 10.50 4.21 -4.54
CA PHE C 34 10.89 3.79 -3.19
C PHE C 34 11.47 2.37 -3.20
N PRO C 35 12.79 2.19 -3.45
CA PRO C 35 13.41 0.88 -3.45
C PRO C 35 13.50 0.32 -2.02
N CYS C 36 13.37 -1.00 -1.88
CA CYS C 36 13.42 -1.70 -0.60
C CYS C 36 14.86 -1.95 -0.14
N LYS C 37 15.82 -1.90 -1.06
CA LYS C 37 17.27 -2.04 -0.82
C LYS C 37 17.73 -3.45 -0.39
N GLU C 38 17.03 -4.09 0.54
CA GLU C 38 17.39 -5.40 1.09
C GLU C 38 17.90 -6.37 0.04
N GLU C 39 19.01 -7.07 0.36
CA GLU C 39 19.59 -8.07 -0.52
C GLU C 39 18.54 -9.12 -0.84
N GLY C 40 18.40 -9.49 -2.12
CA GLY C 40 17.39 -10.44 -2.57
C GLY C 40 16.03 -9.73 -2.65
N CYS C 41 15.53 -9.26 -1.50
CA CYS C 41 14.28 -8.52 -1.39
C CYS C 41 14.48 -7.07 -1.84
N GLU C 42 15.13 -6.87 -2.99
CA GLU C 42 15.39 -5.56 -3.55
C GLU C 42 14.17 -5.13 -4.35
N LYS C 43 13.02 -5.05 -3.66
CA LYS C 43 11.77 -4.65 -4.25
C LYS C 43 11.83 -3.18 -4.67
N GLY C 44 10.85 -2.75 -5.46
CA GLY C 44 10.67 -1.39 -5.90
C GLY C 44 9.23 -1.03 -5.56
N PHE C 45 9.04 -0.09 -4.63
CA PHE C 45 7.72 0.37 -4.22
C PHE C 45 7.44 1.74 -4.84
N THR C 46 6.18 1.97 -5.18
CA THR C 46 5.73 3.21 -5.80
C THR C 46 5.50 4.32 -4.79
N SER C 47 5.30 4.00 -3.50
CA SER C 47 5.10 5.00 -2.47
C SER C 47 5.80 4.60 -1.17
N LEU C 48 6.13 5.60 -0.37
CA LEU C 48 6.71 5.42 0.94
C LEU C 48 5.75 4.59 1.79
N HIS C 49 4.45 4.89 1.71
CA HIS C 49 3.47 4.16 2.48
C HIS C 49 3.38 2.71 2.03
N HIS C 50 3.50 2.44 0.73
CA HIS C 50 3.52 1.06 0.22
C HIS C 50 4.71 0.34 0.87
N LEU C 51 5.88 0.98 0.84
CA LEU C 51 7.08 0.43 1.46
C LEU C 51 6.83 0.20 2.96
N THR C 52 6.19 1.16 3.63
CA THR C 52 5.86 1.06 5.04
C THR C 52 5.03 -0.21 5.30
N ARG C 53 3.92 -0.40 4.57
CA ARG C 53 3.13 -1.62 4.79
C ARG C 53 3.93 -2.87 4.38
N HIS C 54 4.73 -2.81 3.31
CA HIS C 54 5.55 -3.95 2.93
C HIS C 54 6.42 -4.38 4.11
N SER C 55 6.98 -3.41 4.83
CA SER C 55 7.80 -3.67 6.00
C SER C 55 7.08 -4.54 7.06
N LEU C 56 5.74 -4.61 7.03
CA LEU C 56 5.00 -5.51 7.93
C LEU C 56 5.47 -6.94 7.71
N THR C 57 5.77 -7.32 6.47
CA THR C 57 6.22 -8.68 6.15
C THR C 57 7.58 -8.97 6.81
N HIS C 58 8.43 -7.94 6.95
CA HIS C 58 9.76 -8.05 7.53
C HIS C 58 9.67 -8.09 9.06
N THR C 59 8.97 -7.09 9.61
CA THR C 59 8.78 -6.96 11.05
C THR C 59 7.92 -8.10 11.59
N GLY C 60 7.01 -8.62 10.78
CA GLY C 60 6.10 -9.70 11.14
C GLY C 60 4.90 -9.17 11.92
N GLU C 61 4.59 -7.88 11.82
CA GLU C 61 3.49 -7.25 12.53
C GLU C 61 2.13 -7.53 11.85
N LYS C 62 1.86 -8.82 11.62
CA LYS C 62 0.64 -9.37 11.05
C LYS C 62 -0.38 -9.40 12.19
N ASN C 63 -0.74 -8.21 12.70
CA ASN C 63 -1.52 -8.06 13.92
C ASN C 63 -3.01 -7.81 13.71
N PHE C 64 -3.45 -7.57 12.47
CA PHE C 64 -4.84 -7.23 12.23
C PHE C 64 -5.68 -8.48 12.37
N THR C 65 -6.20 -8.65 13.59
CA THR C 65 -6.96 -9.78 14.05
C THR C 65 -8.45 -9.58 13.80
N CYS C 66 -9.11 -10.54 13.14
CA CYS C 66 -10.54 -10.53 12.94
C CYS C 66 -11.20 -10.62 14.32
N ASP C 67 -11.91 -9.56 14.73
CA ASP C 67 -12.57 -9.52 16.02
C ASP C 67 -13.82 -10.41 15.99
N SER C 68 -13.60 -11.73 16.01
CA SER C 68 -14.63 -12.75 15.97
C SER C 68 -14.09 -13.93 16.79
N ASP C 69 -14.73 -14.22 17.93
CA ASP C 69 -14.31 -15.29 18.83
C ASP C 69 -14.11 -16.60 18.07
N GLY C 70 -13.00 -17.29 18.30
CA GLY C 70 -12.67 -18.52 17.60
C GLY C 70 -12.06 -18.18 16.25
N CYS C 71 -12.79 -17.43 15.43
CA CYS C 71 -12.35 -16.95 14.12
C CYS C 71 -11.39 -15.76 14.30
N ASP C 72 -10.44 -15.86 15.23
CA ASP C 72 -9.47 -14.81 15.52
C ASP C 72 -8.30 -14.91 14.54
N LEU C 73 -8.61 -14.93 13.23
CA LEU C 73 -7.61 -15.00 12.19
C LEU C 73 -6.85 -13.68 12.13
N ARG C 74 -5.52 -13.74 11.96
CA ARG C 74 -4.66 -12.57 11.84
C ARG C 74 -4.34 -12.33 10.37
N PHE C 75 -4.26 -11.05 9.96
CA PHE C 75 -4.00 -10.69 8.57
C PHE C 75 -2.90 -9.64 8.48
N THR C 76 -2.28 -9.54 7.29
CA THR C 76 -1.17 -8.65 6.98
C THR C 76 -1.57 -7.18 7.06
N THR C 77 -2.57 -6.73 6.30
CA THR C 77 -3.04 -5.35 6.35
C THR C 77 -4.49 -5.33 6.80
N LYS C 78 -4.91 -4.18 7.34
CA LYS C 78 -6.27 -3.97 7.80
C LYS C 78 -7.27 -4.33 6.70
N ALA C 79 -7.00 -3.93 5.45
CA ALA C 79 -7.93 -4.22 4.38
C ALA C 79 -8.04 -5.73 4.09
N ASN C 80 -7.01 -6.53 4.37
CA ASN C 80 -7.13 -7.99 4.24
C ASN C 80 -8.17 -8.45 5.27
N MET C 81 -8.00 -7.98 6.51
CA MET C 81 -8.91 -8.27 7.62
C MET C 81 -10.33 -7.84 7.22
N LYS C 82 -10.49 -6.62 6.70
CA LYS C 82 -11.79 -6.11 6.27
C LYS C 82 -12.39 -7.02 5.21
N LYS C 83 -11.65 -7.35 4.15
CA LYS C 83 -12.12 -8.26 3.10
C LYS C 83 -12.62 -9.56 3.72
N HIS C 84 -11.78 -10.23 4.53
CA HIS C 84 -12.18 -11.46 5.19
C HIS C 84 -13.47 -11.26 5.99
N PHE C 85 -13.47 -10.26 6.88
CA PHE C 85 -14.59 -9.98 7.76
C PHE C 85 -15.86 -9.80 6.92
N ASN C 86 -15.75 -9.04 5.84
CA ASN C 86 -16.85 -8.81 4.92
C ASN C 86 -17.32 -10.15 4.35
N ARG C 87 -16.41 -10.80 3.63
CA ARG C 87 -16.58 -12.07 2.95
C ARG C 87 -17.25 -13.13 3.85
N PHE C 88 -16.82 -13.25 5.10
CA PHE C 88 -17.30 -14.27 6.03
C PHE C 88 -18.41 -13.84 6.98
N HIS C 89 -18.54 -12.54 7.30
CA HIS C 89 -19.49 -12.08 8.32
C HIS C 89 -20.47 -11.04 7.82
N ASN C 90 -20.15 -10.28 6.76
CA ASN C 90 -21.09 -9.31 6.20
C ASN C 90 -21.91 -9.99 5.11
N ILE C 91 -21.23 -10.42 4.04
CA ILE C 91 -21.87 -11.10 2.91
C ILE C 91 -21.86 -12.62 3.05
N LYS C 92 -21.15 -13.17 4.05
CA LYS C 92 -21.04 -14.61 4.28
C LYS C 92 -20.55 -15.31 3.01
ZN ZN D . -0.57 11.25 -15.14
ZN ZN E . 11.23 -5.92 1.39
ZN ZN F . -13.62 -13.82 10.78
N MET C 1 -2.21 22.13 0.20
CA MET C 1 -3.41 22.44 -0.56
C MET C 1 -3.11 22.63 -2.06
N LYS C 2 -1.85 22.90 -2.41
CA LYS C 2 -1.42 23.09 -3.78
C LYS C 2 -1.27 21.71 -4.44
N ARG C 3 -2.33 21.23 -5.08
CA ARG C 3 -2.29 19.94 -5.77
C ARG C 3 -1.25 20.00 -6.90
N TYR C 4 -0.14 19.28 -6.70
CA TYR C 4 0.93 19.19 -7.67
C TYR C 4 0.43 18.30 -8.79
N ILE C 5 0.58 18.77 -10.03
CA ILE C 5 0.08 18.15 -11.25
C ILE C 5 1.15 17.25 -11.89
N CYS C 6 0.67 16.17 -12.49
CA CYS C 6 1.45 15.19 -13.23
C CYS C 6 2.24 15.87 -14.35
N SER C 7 3.54 15.61 -14.40
CA SER C 7 4.50 16.14 -15.37
C SER C 7 3.94 16.14 -16.78
N PHE C 8 3.31 15.03 -17.17
CA PHE C 8 2.67 14.86 -18.47
C PHE C 8 1.34 15.62 -18.49
N ALA C 9 1.44 16.95 -18.37
CA ALA C 9 0.36 17.94 -18.28
C ALA C 9 -1.02 17.44 -18.73
N ASP C 10 -1.14 17.05 -20.01
CA ASP C 10 -2.36 16.56 -20.65
C ASP C 10 -3.16 15.59 -19.75
N CYS C 11 -2.44 14.73 -19.02
CA CYS C 11 -3.01 13.76 -18.09
C CYS C 11 -3.97 14.41 -17.09
N GLY C 12 -3.68 15.63 -16.64
CA GLY C 12 -4.52 16.39 -15.71
C GLY C 12 -4.65 15.76 -14.33
N ALA C 13 -3.82 14.77 -13.98
CA ALA C 13 -3.84 14.15 -12.66
C ALA C 13 -3.08 15.06 -11.71
N ALA C 14 -3.59 15.29 -10.50
CA ALA C 14 -2.96 16.18 -9.53
C ALA C 14 -3.25 15.64 -8.13
N TYR C 15 -2.28 15.68 -7.19
CA TYR C 15 -2.49 15.06 -5.88
C TYR C 15 -1.89 15.75 -4.65
N ASN C 16 -0.92 16.67 -4.78
CA ASN C 16 -0.28 17.37 -3.65
C ASN C 16 0.71 16.50 -2.87
N LYS C 17 0.31 15.28 -2.49
CA LYS C 17 1.16 14.39 -1.72
C LYS C 17 2.21 13.83 -2.67
N ASN C 18 3.47 14.25 -2.49
CA ASN C 18 4.59 13.84 -3.34
C ASN C 18 4.58 12.34 -3.59
N TRP C 19 4.53 11.52 -2.53
CA TRP C 19 4.51 10.06 -2.68
C TRP C 19 3.40 9.61 -3.64
N LYS C 20 2.22 10.21 -3.51
CA LYS C 20 1.05 9.86 -4.28
C LYS C 20 1.26 10.24 -5.74
N LEU C 21 1.74 11.46 -5.99
CA LEU C 21 1.98 11.91 -7.34
C LEU C 21 3.07 11.06 -8.01
N GLN C 22 4.18 10.84 -7.29
CA GLN C 22 5.28 9.98 -7.75
C GLN C 22 4.75 8.59 -8.04
N ALA C 23 3.93 8.04 -7.14
CA ALA C 23 3.32 6.75 -7.35
C ALA C 23 2.54 6.76 -8.66
N HIS C 24 1.63 7.72 -8.85
CA HIS C 24 0.92 7.86 -10.12
C HIS C 24 1.90 7.83 -11.30
N LEU C 25 2.93 8.69 -11.23
CA LEU C 25 3.94 8.80 -12.27
C LEU C 25 4.64 7.48 -12.57
N SER C 26 4.62 6.48 -11.68
CA SER C 26 5.25 5.19 -11.97
C SER C 26 4.69 4.58 -13.26
N LYS C 27 3.39 4.78 -13.55
CA LYS C 27 2.79 4.27 -14.77
C LYS C 27 3.43 4.86 -16.03
N HIS C 28 3.79 6.15 -15.99
CA HIS C 28 4.38 6.83 -17.13
C HIS C 28 5.89 6.60 -17.21
N THR C 29 6.56 6.77 -16.07
CA THR C 29 8.02 6.75 -15.98
C THR C 29 8.62 5.36 -15.77
N GLY C 30 7.89 4.46 -15.13
CA GLY C 30 8.39 3.16 -14.72
C GLY C 30 9.24 3.28 -13.45
N GLU C 31 9.25 4.44 -12.79
CA GLU C 31 10.05 4.65 -11.58
C GLU C 31 9.37 4.02 -10.37
N LYS C 32 10.18 3.56 -9.42
CA LYS C 32 9.76 3.00 -8.14
C LYS C 32 10.65 3.63 -7.05
N PRO C 33 10.38 4.89 -6.69
CA PRO C 33 11.19 5.70 -5.78
C PRO C 33 11.64 5.09 -4.45
N PHE C 34 10.92 4.10 -3.90
CA PHE C 34 11.22 3.54 -2.59
C PHE C 34 11.65 2.08 -2.69
N PRO C 35 12.92 1.79 -3.02
CA PRO C 35 13.41 0.43 -3.09
C PRO C 35 13.59 -0.16 -1.68
N CYS C 36 13.41 -1.48 -1.55
CA CYS C 36 13.57 -2.19 -0.28
C CYS C 36 15.05 -2.48 -0.01
N LYS C 37 15.88 -2.57 -1.07
CA LYS C 37 17.31 -2.77 -1.03
C LYS C 37 17.78 -4.16 -0.53
N GLU C 38 17.13 -4.71 0.49
CA GLU C 38 17.46 -5.98 1.11
C GLU C 38 17.81 -7.06 0.07
N GLU C 39 18.87 -7.82 0.35
CA GLU C 39 19.35 -8.90 -0.51
C GLU C 39 18.18 -9.84 -0.83
N GLY C 40 18.01 -10.20 -2.10
CA GLY C 40 16.91 -11.04 -2.55
C GLY C 40 15.63 -10.22 -2.62
N CYS C 41 15.17 -9.70 -1.48
CA CYS C 41 13.97 -8.86 -1.39
C CYS C 41 14.27 -7.44 -1.86
N GLU C 42 14.90 -7.28 -3.02
CA GLU C 42 15.23 -5.99 -3.59
C GLU C 42 14.00 -5.45 -4.33
N LYS C 43 12.91 -5.27 -3.58
CA LYS C 43 11.65 -4.77 -4.10
C LYS C 43 11.80 -3.30 -4.50
N GLY C 44 10.84 -2.81 -5.28
CA GLY C 44 10.73 -1.42 -5.72
C GLY C 44 9.34 -0.95 -5.36
N PHE C 45 9.19 -0.13 -4.31
CA PHE C 45 7.90 0.41 -3.91
C PHE C 45 7.75 1.83 -4.44
N THR C 46 6.51 2.22 -4.73
CA THR C 46 6.18 3.51 -5.28
C THR C 46 5.92 4.58 -4.21
N SER C 47 5.87 4.19 -2.92
CA SER C 47 5.69 5.15 -1.83
C SER C 47 6.32 4.64 -0.54
N LEU C 48 6.77 5.57 0.30
CA LEU C 48 7.29 5.27 1.62
C LEU C 48 6.21 4.53 2.40
N HIS C 49 4.95 4.96 2.23
CA HIS C 49 3.83 4.34 2.91
C HIS C 49 3.68 2.88 2.47
N HIS C 50 3.73 2.59 1.16
CA HIS C 50 3.67 1.20 0.70
C HIS C 50 4.83 0.42 1.33
N LEU C 51 6.03 0.99 1.30
CA LEU C 51 7.21 0.38 1.91
C LEU C 51 6.94 0.09 3.39
N THR C 52 6.31 1.03 4.10
CA THR C 52 5.96 0.87 5.50
C THR C 52 5.08 -0.37 5.68
N ARG C 53 3.96 -0.49 4.94
CA ARG C 53 3.14 -1.69 5.11
C ARG C 53 3.92 -2.95 4.70
N HIS C 54 4.71 -2.88 3.63
CA HIS C 54 5.54 -4.03 3.23
C HIS C 54 6.42 -4.46 4.40
N SER C 55 7.01 -3.51 5.13
CA SER C 55 7.86 -3.80 6.28
C SER C 55 7.15 -4.66 7.34
N LEU C 56 5.81 -4.73 7.35
CA LEU C 56 5.09 -5.62 8.24
C LEU C 56 5.57 -7.06 8.01
N THR C 57 5.88 -7.42 6.76
CA THR C 57 6.35 -8.76 6.41
C THR C 57 7.72 -9.06 7.02
N HIS C 58 8.60 -8.05 7.10
CA HIS C 58 9.93 -8.24 7.67
C HIS C 58 9.84 -8.28 9.19
N THR C 59 9.10 -7.34 9.78
CA THR C 59 8.90 -7.30 11.21
C THR C 59 8.07 -8.50 11.69
N GLY C 60 7.23 -9.04 10.80
CA GLY C 60 6.34 -10.16 11.09
C GLY C 60 5.09 -9.66 11.81
N GLU C 61 4.73 -8.39 11.61
CA GLU C 61 3.58 -7.77 12.25
C GLU C 61 2.27 -8.12 11.53
N LYS C 62 2.08 -9.42 11.27
CA LYS C 62 0.88 -9.98 10.68
C LYS C 62 -0.10 -10.12 11.85
N ASN C 63 -0.59 -8.98 12.35
CA ASN C 63 -1.36 -8.92 13.58
C ASN C 63 -2.79 -8.41 13.43
N PHE C 64 -3.27 -8.16 12.21
CA PHE C 64 -4.62 -7.65 12.05
C PHE C 64 -5.61 -8.79 12.25
N THR C 65 -5.86 -9.05 13.51
CA THR C 65 -6.66 -10.15 14.01
C THR C 65 -8.15 -9.86 13.84
N CYS C 66 -8.83 -10.67 13.03
CA CYS C 66 -10.26 -10.60 12.85
C CYS C 66 -10.92 -10.79 14.22
N ASP C 67 -11.57 -9.75 14.72
CA ASP C 67 -12.20 -9.78 16.04
C ASP C 67 -13.49 -10.62 16.01
N SER C 68 -13.32 -11.93 15.87
CA SER C 68 -14.40 -12.90 15.85
C SER C 68 -13.84 -14.16 16.51
N ASP C 69 -14.43 -14.57 17.63
CA ASP C 69 -14.00 -15.75 18.37
C ASP C 69 -13.90 -16.96 17.43
N GLY C 70 -12.84 -17.76 17.59
CA GLY C 70 -12.59 -18.91 16.72
C GLY C 70 -11.94 -18.43 15.43
N CYS C 71 -12.64 -17.57 14.69
CA CYS C 71 -12.13 -16.98 13.44
C CYS C 71 -11.16 -15.84 13.75
N ASP C 72 -10.18 -16.09 14.63
CA ASP C 72 -9.17 -15.11 15.01
C ASP C 72 -8.07 -15.10 13.95
N LEU C 73 -8.45 -14.94 12.69
CA LEU C 73 -7.53 -14.93 11.56
C LEU C 73 -6.70 -13.65 11.59
N ARG C 74 -5.38 -13.79 11.56
CA ARG C 74 -4.42 -12.69 11.59
C ARG C 74 -4.05 -12.31 10.15
N PHE C 75 -4.43 -11.10 9.72
CA PHE C 75 -4.16 -10.60 8.39
C PHE C 75 -2.96 -9.65 8.39
N THR C 76 -2.40 -9.43 7.20
CA THR C 76 -1.25 -8.56 6.97
C THR C 76 -1.61 -7.08 7.01
N THR C 77 -2.83 -6.70 6.64
CA THR C 77 -3.26 -5.31 6.65
C THR C 77 -4.70 -5.22 7.13
N LYS C 78 -5.08 -4.05 7.66
CA LYS C 78 -6.46 -3.82 8.05
C LYS C 78 -7.36 -4.01 6.83
N ALA C 79 -6.97 -3.50 5.67
CA ALA C 79 -7.80 -3.67 4.48
C ALA C 79 -8.02 -5.14 4.17
N ASN C 80 -7.00 -6.00 4.26
CA ASN C 80 -7.20 -7.43 4.03
C ASN C 80 -8.21 -7.98 5.03
N MET C 81 -8.05 -7.62 6.31
CA MET C 81 -8.99 -8.01 7.37
C MET C 81 -10.41 -7.57 7.01
N LYS C 82 -10.57 -6.31 6.56
CA LYS C 82 -11.85 -5.76 6.17
C LYS C 82 -12.42 -6.51 4.97
N LYS C 83 -11.62 -6.78 3.93
CA LYS C 83 -12.09 -7.55 2.78
C LYS C 83 -12.61 -8.90 3.27
N HIS C 84 -11.84 -9.60 4.11
CA HIS C 84 -12.30 -10.86 4.70
C HIS C 84 -13.66 -10.64 5.38
N PHE C 85 -13.75 -9.65 6.28
CA PHE C 85 -14.98 -9.38 7.00
C PHE C 85 -16.15 -9.19 6.03
N ASN C 86 -15.94 -8.35 5.01
CA ASN C 86 -16.89 -8.05 3.93
C ASN C 86 -17.32 -9.34 3.23
N ARG C 87 -16.35 -10.20 2.92
CA ARG C 87 -16.57 -11.47 2.24
C ARG C 87 -17.22 -12.53 3.14
N PHE C 88 -17.03 -12.48 4.46
CA PHE C 88 -17.49 -13.52 5.40
C PHE C 88 -18.57 -13.06 6.38
N HIS C 89 -18.22 -12.19 7.31
CA HIS C 89 -19.09 -11.81 8.42
C HIS C 89 -20.19 -10.84 7.99
N ASN C 90 -19.93 -10.05 6.97
CA ASN C 90 -20.92 -9.12 6.44
C ASN C 90 -22.01 -9.91 5.72
N ILE C 91 -21.66 -11.02 5.05
CA ILE C 91 -22.67 -11.85 4.41
C ILE C 91 -23.33 -12.76 5.47
N LYS C 92 -22.53 -13.38 6.34
CA LYS C 92 -23.00 -14.21 7.45
C LYS C 92 -22.60 -13.52 8.75
ZN ZN D . -0.27 11.15 -15.39
ZN ZN E . 11.37 -6.33 1.64
ZN ZN F . -13.41 -13.66 10.45
#